data_1Z1Z
# 
_entry.id   1Z1Z 
# 
_audit_conform.dict_name       mmcif_pdbx.dic 
_audit_conform.dict_version    5.392 
_audit_conform.dict_location   http://mmcif.pdb.org/dictionaries/ascii/mmcif_pdbx.dic 
# 
loop_
_database_2.database_id 
_database_2.database_code 
_database_2.pdbx_database_accession 
_database_2.pdbx_DOI 
PDB   1Z1Z         pdb_00001z1z 10.2210/pdb1z1z/pdb 
RCSB  RCSB032196   ?            ?                   
WWPDB D_1000032196 ?            ?                   
# 
loop_
_pdbx_audit_revision_history.ordinal 
_pdbx_audit_revision_history.data_content_type 
_pdbx_audit_revision_history.major_revision 
_pdbx_audit_revision_history.minor_revision 
_pdbx_audit_revision_history.revision_date 
1 'Structure model' 1 0 2006-04-18 
2 'Structure model' 1 1 2008-04-30 
3 'Structure model' 1 2 2011-07-13 
4 'Structure model' 1 3 2022-03-02 
5 'Structure model' 1 4 2024-05-22 
# 
_pdbx_audit_revision_details.ordinal             1 
_pdbx_audit_revision_details.revision_ordinal    1 
_pdbx_audit_revision_details.data_content_type   'Structure model' 
_pdbx_audit_revision_details.provider            repository 
_pdbx_audit_revision_details.type                'Initial release' 
_pdbx_audit_revision_details.description         ? 
_pdbx_audit_revision_details.details             ? 
# 
loop_
_pdbx_audit_revision_group.ordinal 
_pdbx_audit_revision_group.revision_ordinal 
_pdbx_audit_revision_group.data_content_type 
_pdbx_audit_revision_group.group 
1 2 'Structure model' 'Version format compliance' 
2 3 'Structure model' 'Version format compliance' 
3 4 'Structure model' 'Data collection'           
4 4 'Structure model' 'Database references'       
5 4 'Structure model' 'Derived calculations'      
6 5 'Structure model' 'Data collection'           
# 
loop_
_pdbx_audit_revision_category.ordinal 
_pdbx_audit_revision_category.revision_ordinal 
_pdbx_audit_revision_category.data_content_type 
_pdbx_audit_revision_category.category 
1 4 'Structure model' database_2            
2 4 'Structure model' pdbx_nmr_software     
3 4 'Structure model' pdbx_nmr_spectrometer 
4 4 'Structure model' pdbx_struct_assembly  
5 4 'Structure model' pdbx_struct_oper_list 
6 5 'Structure model' chem_comp_atom        
7 5 'Structure model' chem_comp_bond        
# 
loop_
_pdbx_audit_revision_item.ordinal 
_pdbx_audit_revision_item.revision_ordinal 
_pdbx_audit_revision_item.data_content_type 
_pdbx_audit_revision_item.item 
1 4 'Structure model' '_database_2.pdbx_DOI'                
2 4 'Structure model' '_database_2.pdbx_database_accession' 
3 4 'Structure model' '_pdbx_nmr_software.name'             
4 4 'Structure model' '_pdbx_nmr_spectrometer.model'        
# 
_pdbx_database_status.status_code                     REL 
_pdbx_database_status.entry_id                        1Z1Z 
_pdbx_database_status.recvd_initial_deposition_date   2005-03-07 
_pdbx_database_status.deposit_site                    RCSB 
_pdbx_database_status.process_site                    RCSB 
_pdbx_database_status.status_code_sf                  ? 
_pdbx_database_status.status_code_mr                  REL 
_pdbx_database_status.SG_entry                        N 
_pdbx_database_status.pdb_format_compatible           Y 
_pdbx_database_status.status_code_cs                  ? 
_pdbx_database_status.status_code_nmr_data            ? 
_pdbx_database_status.methods_development_category    ? 
# 
_pdbx_database_related.db_name        PDB 
_pdbx_database_related.db_id          1IN0 
_pdbx_database_related.details        'homologous tertiary structure' 
_pdbx_database_related.content_type   unspecified 
# 
loop_
_audit_author.name 
_audit_author.pdbx_ordinal 
'Edmonds, L.'     1 
'Maxwell, K.'     2 
'Davidson, A.'    3 
'Donaldson, L.W.' 4 
# 
loop_
_citation.id 
_citation.title 
_citation.journal_abbrev 
_citation.journal_volume 
_citation.page_first 
_citation.page_last 
_citation.year 
_citation.journal_id_ASTM 
_citation.country 
_citation.journal_id_ISSN 
_citation.journal_id_CSD 
_citation.book_publisher 
_citation.pdbx_database_id_PubMed 
_citation.pdbx_database_id_DOI 
primary 
;The NMR structure of the gpU tail-terminator protein from bacteriophage lambda: identification of sites contributing to Mg(II)-mediated oligomerization and biological function.
;
J.Mol.Biol.       365 175 186 2007 JMOBAK UK 0022-2836 0070 ? 17056065 10.1016/j.jmb.2006.09.068 
1       'NMR assignment of the gpu tail protein from lambda bacteriophage' 'To be Published' ?   ?   ?   ?    ?      ?  ?         
0353 ? ?        ?                         
# 
loop_
_citation_author.citation_id 
_citation_author.name 
_citation_author.ordinal 
_citation_author.identifier_ORCID 
primary 'Edmonds, L.'        1  ? 
primary 'Liu, A.'            2  ? 
primary 'Kwan, J.J.'         3  ? 
primary 'Avanessy, A.'       4  ? 
primary 'Caracoglia, M.'     5  ? 
primary 'Yang, I.'           6  ? 
primary 'Maxwell, K.L.'      7  ? 
primary 'Rubenstein, J.'     8  ? 
primary 'Davidson, A.R.'     9  ? 
primary 'Donaldson, L.W.'    10 ? 
1       'Edmonds, L.'        11 ? 
1       'Thirumoorthy, R.T.' 12 ? 
1       'Liu, A.'            13 ? 
1       'Davidson, A.'       14 ? 
1       'Donaldson, L.W.'    15 ? 
# 
_entity.id                         1 
_entity.type                       polymer 
_entity.src_method                 man 
_entity.pdbx_description           'Minor tail protein U' 
_entity.formula_weight             14659.124 
_entity.pdbx_number_of_molecules   1 
_entity.pdbx_ec                    ? 
_entity.pdbx_mutation              ? 
_entity.pdbx_fragment              ? 
_entity.details                    ? 
# 
_entity_poly.entity_id                      1 
_entity_poly.type                           'polypeptide(L)' 
_entity_poly.nstd_linkage                   no 
_entity_poly.nstd_monomer                   no 
_entity_poly.pdbx_seq_one_letter_code       
;MKHTELRAAVLDALEKHDTGATFFDGRPAVFDEADFPAVAVYLTGAEYTGEELDSDTWQAELHIEVFLPAQVPDSELDAW
MESRIYPVMSDIPALSDLITSMVASGYDYRRDDDAGLWSSADLTYVITYEM
;
_entity_poly.pdbx_seq_one_letter_code_can   
;MKHTELRAAVLDALEKHDTGATFFDGRPAVFDEADFPAVAVYLTGAEYTGEELDSDTWQAELHIEVFLPAQVPDSELDAW
MESRIYPVMSDIPALSDLITSMVASGYDYRRDDDAGLWSSADLTYVITYEM
;
_entity_poly.pdbx_strand_id                 A 
_entity_poly.pdbx_target_identifier         ? 
# 
loop_
_entity_poly_seq.entity_id 
_entity_poly_seq.num 
_entity_poly_seq.mon_id 
_entity_poly_seq.hetero 
1 1   MET n 
1 2   LYS n 
1 3   HIS n 
1 4   THR n 
1 5   GLU n 
1 6   LEU n 
1 7   ARG n 
1 8   ALA n 
1 9   ALA n 
1 10  VAL n 
1 11  LEU n 
1 12  ASP n 
1 13  ALA n 
1 14  LEU n 
1 15  GLU n 
1 16  LYS n 
1 17  HIS n 
1 18  ASP n 
1 19  THR n 
1 20  GLY n 
1 21  ALA n 
1 22  THR n 
1 23  PHE n 
1 24  PHE n 
1 25  ASP n 
1 26  GLY n 
1 27  ARG n 
1 28  PRO n 
1 29  ALA n 
1 30  VAL n 
1 31  PHE n 
1 32  ASP n 
1 33  GLU n 
1 34  ALA n 
1 35  ASP n 
1 36  PHE n 
1 37  PRO n 
1 38  ALA n 
1 39  VAL n 
1 40  ALA n 
1 41  VAL n 
1 42  TYR n 
1 43  LEU n 
1 44  THR n 
1 45  GLY n 
1 46  ALA n 
1 47  GLU n 
1 48  TYR n 
1 49  THR n 
1 50  GLY n 
1 51  GLU n 
1 52  GLU n 
1 53  LEU n 
1 54  ASP n 
1 55  SER n 
1 56  ASP n 
1 57  THR n 
1 58  TRP n 
1 59  GLN n 
1 60  ALA n 
1 61  GLU n 
1 62  LEU n 
1 63  HIS n 
1 64  ILE n 
1 65  GLU n 
1 66  VAL n 
1 67  PHE n 
1 68  LEU n 
1 69  PRO n 
1 70  ALA n 
1 71  GLN n 
1 72  VAL n 
1 73  PRO n 
1 74  ASP n 
1 75  SER n 
1 76  GLU n 
1 77  LEU n 
1 78  ASP n 
1 79  ALA n 
1 80  TRP n 
1 81  MET n 
1 82  GLU n 
1 83  SER n 
1 84  ARG n 
1 85  ILE n 
1 86  TYR n 
1 87  PRO n 
1 88  VAL n 
1 89  MET n 
1 90  SER n 
1 91  ASP n 
1 92  ILE n 
1 93  PRO n 
1 94  ALA n 
1 95  LEU n 
1 96  SER n 
1 97  ASP n 
1 98  LEU n 
1 99  ILE n 
1 100 THR n 
1 101 SER n 
1 102 MET n 
1 103 VAL n 
1 104 ALA n 
1 105 SER n 
1 106 GLY n 
1 107 TYR n 
1 108 ASP n 
1 109 TYR n 
1 110 ARG n 
1 111 ARG n 
1 112 ASP n 
1 113 ASP n 
1 114 ASP n 
1 115 ALA n 
1 116 GLY n 
1 117 LEU n 
1 118 TRP n 
1 119 SER n 
1 120 SER n 
1 121 ALA n 
1 122 ASP n 
1 123 LEU n 
1 124 THR n 
1 125 TYR n 
1 126 VAL n 
1 127 ILE n 
1 128 THR n 
1 129 TYR n 
1 130 GLU n 
1 131 MET n 
# 
_entity_src_gen.entity_id                          1 
_entity_src_gen.pdbx_src_id                        1 
_entity_src_gen.pdbx_alt_source_flag               sample 
_entity_src_gen.pdbx_seq_type                      ? 
_entity_src_gen.pdbx_beg_seq_num                   ? 
_entity_src_gen.pdbx_end_seq_num                   ? 
_entity_src_gen.gene_src_common_name               ? 
_entity_src_gen.gene_src_genus                     'Lambda-like viruses' 
_entity_src_gen.pdbx_gene_src_gene                 gpu 
_entity_src_gen.gene_src_species                   ? 
_entity_src_gen.gene_src_strain                    ? 
_entity_src_gen.gene_src_tissue                    ? 
_entity_src_gen.gene_src_tissue_fraction           ? 
_entity_src_gen.gene_src_details                   ? 
_entity_src_gen.pdbx_gene_src_fragment             ? 
_entity_src_gen.pdbx_gene_src_scientific_name      'Enterobacteria phage lambda' 
_entity_src_gen.pdbx_gene_src_ncbi_taxonomy_id     10710 
_entity_src_gen.pdbx_gene_src_variant              ? 
_entity_src_gen.pdbx_gene_src_cell_line            ? 
_entity_src_gen.pdbx_gene_src_atcc                 ? 
_entity_src_gen.pdbx_gene_src_organ                ? 
_entity_src_gen.pdbx_gene_src_organelle            ? 
_entity_src_gen.pdbx_gene_src_cell                 ? 
_entity_src_gen.pdbx_gene_src_cellular_location    ? 
_entity_src_gen.host_org_common_name               ? 
_entity_src_gen.pdbx_host_org_scientific_name      'Escherichia coli BL21(DE3)' 
_entity_src_gen.pdbx_host_org_ncbi_taxonomy_id     469008 
_entity_src_gen.host_org_genus                     Escherichia 
_entity_src_gen.pdbx_host_org_gene                 ? 
_entity_src_gen.pdbx_host_org_organ                ? 
_entity_src_gen.host_org_species                   'Escherichia coli' 
_entity_src_gen.pdbx_host_org_tissue               ? 
_entity_src_gen.pdbx_host_org_tissue_fraction      ? 
_entity_src_gen.pdbx_host_org_strain               'BL21(DE3)' 
_entity_src_gen.pdbx_host_org_variant              ? 
_entity_src_gen.pdbx_host_org_cell_line            ? 
_entity_src_gen.pdbx_host_org_atcc                 ? 
_entity_src_gen.pdbx_host_org_culture_collection   ? 
_entity_src_gen.pdbx_host_org_cell                 ? 
_entity_src_gen.pdbx_host_org_organelle            ? 
_entity_src_gen.pdbx_host_org_cellular_location    ? 
_entity_src_gen.pdbx_host_org_vector_type          plasmid 
_entity_src_gen.pdbx_host_org_vector               ? 
_entity_src_gen.host_org_details                   ? 
_entity_src_gen.expression_system_id               ? 
_entity_src_gen.plasmid_name                       pET15b 
_entity_src_gen.plasmid_details                    ? 
_entity_src_gen.pdbx_description                   
;The full gpu gene was inserted into the NdeI and BamHI sites of pET15b resulting in an amino terminally hexahistidine tagged fusion protein with an intervening thrombin protease cleavage site
;
# 
loop_
_chem_comp.id 
_chem_comp.type 
_chem_comp.mon_nstd_flag 
_chem_comp.name 
_chem_comp.pdbx_synonyms 
_chem_comp.formula 
_chem_comp.formula_weight 
ALA 'L-peptide linking' y ALANINE         ? 'C3 H7 N O2'     89.093  
ARG 'L-peptide linking' y ARGININE        ? 'C6 H15 N4 O2 1' 175.209 
ASP 'L-peptide linking' y 'ASPARTIC ACID' ? 'C4 H7 N O4'     133.103 
GLN 'L-peptide linking' y GLUTAMINE       ? 'C5 H10 N2 O3'   146.144 
GLU 'L-peptide linking' y 'GLUTAMIC ACID' ? 'C5 H9 N O4'     147.129 
GLY 'peptide linking'   y GLYCINE         ? 'C2 H5 N O2'     75.067  
HIS 'L-peptide linking' y HISTIDINE       ? 'C6 H10 N3 O2 1' 156.162 
ILE 'L-peptide linking' y ISOLEUCINE      ? 'C6 H13 N O2'    131.173 
LEU 'L-peptide linking' y LEUCINE         ? 'C6 H13 N O2'    131.173 
LYS 'L-peptide linking' y LYSINE          ? 'C6 H15 N2 O2 1' 147.195 
MET 'L-peptide linking' y METHIONINE      ? 'C5 H11 N O2 S'  149.211 
PHE 'L-peptide linking' y PHENYLALANINE   ? 'C9 H11 N O2'    165.189 
PRO 'L-peptide linking' y PROLINE         ? 'C5 H9 N O2'     115.130 
SER 'L-peptide linking' y SERINE          ? 'C3 H7 N O3'     105.093 
THR 'L-peptide linking' y THREONINE       ? 'C4 H9 N O3'     119.119 
TRP 'L-peptide linking' y TRYPTOPHAN      ? 'C11 H12 N2 O2'  204.225 
TYR 'L-peptide linking' y TYROSINE        ? 'C9 H11 N O3'    181.189 
VAL 'L-peptide linking' y VALINE          ? 'C5 H11 N O2'    117.146 
# 
loop_
_pdbx_poly_seq_scheme.asym_id 
_pdbx_poly_seq_scheme.entity_id 
_pdbx_poly_seq_scheme.seq_id 
_pdbx_poly_seq_scheme.mon_id 
_pdbx_poly_seq_scheme.ndb_seq_num 
_pdbx_poly_seq_scheme.pdb_seq_num 
_pdbx_poly_seq_scheme.auth_seq_num 
_pdbx_poly_seq_scheme.pdb_mon_id 
_pdbx_poly_seq_scheme.auth_mon_id 
_pdbx_poly_seq_scheme.pdb_strand_id 
_pdbx_poly_seq_scheme.pdb_ins_code 
_pdbx_poly_seq_scheme.hetero 
A 1 1   MET 1   1   ?   ?   ?   A . n 
A 1 2   LYS 2   2   2   LYS LYS A . n 
A 1 3   HIS 3   3   3   HIS HIS A . n 
A 1 4   THR 4   4   4   THR THR A . n 
A 1 5   GLU 5   5   5   GLU GLU A . n 
A 1 6   LEU 6   6   6   LEU LEU A . n 
A 1 7   ARG 7   7   7   ARG ARG A . n 
A 1 8   ALA 8   8   8   ALA ALA A . n 
A 1 9   ALA 9   9   9   ALA ALA A . n 
A 1 10  VAL 10  10  10  VAL VAL A . n 
A 1 11  LEU 11  11  11  LEU LEU A . n 
A 1 12  ASP 12  12  12  ASP ASP A . n 
A 1 13  ALA 13  13  13  ALA ALA A . n 
A 1 14  LEU 14  14  14  LEU LEU A . n 
A 1 15  GLU 15  15  15  GLU GLU A . n 
A 1 16  LYS 16  16  16  LYS LYS A . n 
A 1 17  HIS 17  17  17  HIS HIS A . n 
A 1 18  ASP 18  18  18  ASP ASP A . n 
A 1 19  THR 19  19  19  THR THR A . n 
A 1 20  GLY 20  20  20  GLY GLY A . n 
A 1 21  ALA 21  21  21  ALA ALA A . n 
A 1 22  THR 22  22  22  THR THR A . n 
A 1 23  PHE 23  23  23  PHE PHE A . n 
A 1 24  PHE 24  24  24  PHE PHE A . n 
A 1 25  ASP 25  25  25  ASP ASP A . n 
A 1 26  GLY 26  26  26  GLY GLY A . n 
A 1 27  ARG 27  27  27  ARG ARG A . n 
A 1 28  PRO 28  28  28  PRO PRO A . n 
A 1 29  ALA 29  29  29  ALA ALA A . n 
A 1 30  VAL 30  30  30  VAL VAL A . n 
A 1 31  PHE 31  31  31  PHE PHE A . n 
A 1 32  ASP 32  32  32  ASP ASP A . n 
A 1 33  GLU 33  33  33  GLU GLU A . n 
A 1 34  ALA 34  34  34  ALA ALA A . n 
A 1 35  ASP 35  35  35  ASP ASP A . n 
A 1 36  PHE 36  36  36  PHE PHE A . n 
A 1 37  PRO 37  37  37  PRO PRO A . n 
A 1 38  ALA 38  38  38  ALA ALA A . n 
A 1 39  VAL 39  39  39  VAL VAL A . n 
A 1 40  ALA 40  40  40  ALA ALA A . n 
A 1 41  VAL 41  41  41  VAL VAL A . n 
A 1 42  TYR 42  42  42  TYR TYR A . n 
A 1 43  LEU 43  43  43  LEU LEU A . n 
A 1 44  THR 44  44  44  THR THR A . n 
A 1 45  GLY 45  45  45  GLY GLY A . n 
A 1 46  ALA 46  46  46  ALA ALA A . n 
A 1 47  GLU 47  47  47  GLU GLU A . n 
A 1 48  TYR 48  48  48  TYR TYR A . n 
A 1 49  THR 49  49  49  THR THR A . n 
A 1 50  GLY 50  50  50  GLY GLY A . n 
A 1 51  GLU 51  51  51  GLU GLU A . n 
A 1 52  GLU 52  52  52  GLU GLU A . n 
A 1 53  LEU 53  53  53  LEU LEU A . n 
A 1 54  ASP 54  54  54  ASP ASP A . n 
A 1 55  SER 55  55  55  SER SER A . n 
A 1 56  ASP 56  56  56  ASP ASP A . n 
A 1 57  THR 57  57  57  THR THR A . n 
A 1 58  TRP 58  58  58  TRP TRP A . n 
A 1 59  GLN 59  59  59  GLN GLN A . n 
A 1 60  ALA 60  60  60  ALA ALA A . n 
A 1 61  GLU 61  61  61  GLU GLU A . n 
A 1 62  LEU 62  62  62  LEU LEU A . n 
A 1 63  HIS 63  63  63  HIS HIS A . n 
A 1 64  ILE 64  64  64  ILE ILE A . n 
A 1 65  GLU 65  65  65  GLU GLU A . n 
A 1 66  VAL 66  66  66  VAL VAL A . n 
A 1 67  PHE 67  67  67  PHE PHE A . n 
A 1 68  LEU 68  68  68  LEU LEU A . n 
A 1 69  PRO 69  69  69  PRO PRO A . n 
A 1 70  ALA 70  70  70  ALA ALA A . n 
A 1 71  GLN 71  71  71  GLN GLN A . n 
A 1 72  VAL 72  72  72  VAL VAL A . n 
A 1 73  PRO 73  73  73  PRO PRO A . n 
A 1 74  ASP 74  74  74  ASP ASP A . n 
A 1 75  SER 75  75  75  SER SER A . n 
A 1 76  GLU 76  76  76  GLU GLU A . n 
A 1 77  LEU 77  77  77  LEU LEU A . n 
A 1 78  ASP 78  78  78  ASP ASP A . n 
A 1 79  ALA 79  79  79  ALA ALA A . n 
A 1 80  TRP 80  80  80  TRP TRP A . n 
A 1 81  MET 81  81  81  MET MET A . n 
A 1 82  GLU 82  82  82  GLU GLU A . n 
A 1 83  SER 83  83  83  SER SER A . n 
A 1 84  ARG 84  84  84  ARG ARG A . n 
A 1 85  ILE 85  85  85  ILE ILE A . n 
A 1 86  TYR 86  86  86  TYR TYR A . n 
A 1 87  PRO 87  87  87  PRO PRO A . n 
A 1 88  VAL 88  88  88  VAL VAL A . n 
A 1 89  MET 89  89  89  MET MET A . n 
A 1 90  SER 90  90  90  SER SER A . n 
A 1 91  ASP 91  91  91  ASP ASP A . n 
A 1 92  ILE 92  92  92  ILE ILE A . n 
A 1 93  PRO 93  93  93  PRO PRO A . n 
A 1 94  ALA 94  94  94  ALA ALA A . n 
A 1 95  LEU 95  95  95  LEU LEU A . n 
A 1 96  SER 96  96  96  SER SER A . n 
A 1 97  ASP 97  97  97  ASP ASP A . n 
A 1 98  LEU 98  98  98  LEU LEU A . n 
A 1 99  ILE 99  99  99  ILE ILE A . n 
A 1 100 THR 100 100 100 THR THR A . n 
A 1 101 SER 101 101 101 SER SER A . n 
A 1 102 MET 102 102 102 MET MET A . n 
A 1 103 VAL 103 103 103 VAL VAL A . n 
A 1 104 ALA 104 104 104 ALA ALA A . n 
A 1 105 SER 105 105 105 SER SER A . n 
A 1 106 GLY 106 106 106 GLY GLY A . n 
A 1 107 TYR 107 107 107 TYR TYR A . n 
A 1 108 ASP 108 108 108 ASP ASP A . n 
A 1 109 TYR 109 109 109 TYR TYR A . n 
A 1 110 ARG 110 110 110 ARG ARG A . n 
A 1 111 ARG 111 111 111 ARG ARG A . n 
A 1 112 ASP 112 112 112 ASP ASP A . n 
A 1 113 ASP 113 113 113 ASP ASP A . n 
A 1 114 ASP 114 114 114 ASP ASP A . n 
A 1 115 ALA 115 115 115 ALA ALA A . n 
A 1 116 GLY 116 116 116 GLY GLY A . n 
A 1 117 LEU 117 117 117 LEU LEU A . n 
A 1 118 TRP 118 118 118 TRP TRP A . n 
A 1 119 SER 119 119 119 SER SER A . n 
A 1 120 SER 120 120 120 SER SER A . n 
A 1 121 ALA 121 121 121 ALA ALA A . n 
A 1 122 ASP 122 122 122 ASP ASP A . n 
A 1 123 LEU 123 123 123 LEU LEU A . n 
A 1 124 THR 124 124 124 THR THR A . n 
A 1 125 TYR 125 125 125 TYR TYR A . n 
A 1 126 VAL 126 126 126 VAL VAL A . n 
A 1 127 ILE 127 127 127 ILE ILE A . n 
A 1 128 THR 128 128 128 THR THR A . n 
A 1 129 TYR 129 129 129 TYR TYR A . n 
A 1 130 GLU 130 130 130 GLU GLU A . n 
A 1 131 MET 131 131 ?   ?   ?   A . n 
# 
_exptl.entry_id          1Z1Z 
_exptl.method            'SOLUTION NMR' 
_exptl.crystals_number   ? 
# 
_exptl_crystal.id                    1 
_exptl_crystal.density_meas          ? 
_exptl_crystal.density_percent_sol   ? 
_exptl_crystal.density_Matthews      ? 
_exptl_crystal.description           ? 
_exptl_crystal.F_000                 ? 
_exptl_crystal.preparation           ? 
# 
_diffrn.id                     1 
_diffrn.ambient_temp           ? 
_diffrn.ambient_temp_details   ? 
_diffrn.crystal_id             1 
# 
_diffrn_radiation.diffrn_id                        1 
_diffrn_radiation.wavelength_id                    1 
_diffrn_radiation.monochromator                    ? 
_diffrn_radiation.pdbx_monochromatic_or_laue_m_l   M 
_diffrn_radiation.pdbx_diffrn_protocol             'SINGLE WAVELENGTH' 
_diffrn_radiation.pdbx_scattering_type             ? 
# 
_diffrn_radiation_wavelength.id           1 
_diffrn_radiation_wavelength.wavelength   . 
_diffrn_radiation_wavelength.wt           1.0 
# 
_struct.entry_id                  1Z1Z 
_struct.title                     'NMR structure of the gpu tail protein from lambda bacteriophage' 
_struct.pdbx_model_details        ? 
_struct.pdbx_CASP_flag            ? 
_struct.pdbx_model_type_details   ? 
# 
_struct_keywords.entry_id        1Z1Z 
_struct_keywords.pdbx_keywords   'VIRAL PROTEIN' 
_struct_keywords.text            'mixed alpha-beta, tail protein, bacteriophage, VIRAL PROTEIN' 
# 
_struct_asym.id                            A 
_struct_asym.pdbx_blank_PDB_chainid_flag   N 
_struct_asym.pdbx_modified                 N 
_struct_asym.entity_id                     1 
_struct_asym.details                       ? 
# 
_struct_ref.id                         1 
_struct_ref.db_name                    UNP 
_struct_ref.db_code                    VMTU_LAMBD 
_struct_ref.pdbx_db_accession          P03732 
_struct_ref.entity_id                  1 
_struct_ref.pdbx_align_begin           1 
_struct_ref.pdbx_seq_one_letter_code   ? 
_struct_ref.pdbx_db_isoform            ? 
# 
_struct_ref_seq.align_id                      1 
_struct_ref_seq.ref_id                        1 
_struct_ref_seq.pdbx_PDB_id_code              1Z1Z 
_struct_ref_seq.pdbx_strand_id                A 
_struct_ref_seq.seq_align_beg                 1 
_struct_ref_seq.pdbx_seq_align_beg_ins_code   ? 
_struct_ref_seq.seq_align_end                 131 
_struct_ref_seq.pdbx_seq_align_end_ins_code   ? 
_struct_ref_seq.pdbx_db_accession             P03732 
_struct_ref_seq.db_align_beg                  1 
_struct_ref_seq.pdbx_db_align_beg_ins_code    ? 
_struct_ref_seq.db_align_end                  131 
_struct_ref_seq.pdbx_db_align_end_ins_code    ? 
_struct_ref_seq.pdbx_auth_seq_align_beg       1 
_struct_ref_seq.pdbx_auth_seq_align_end       131 
# 
_pdbx_struct_assembly.id                   1 
_pdbx_struct_assembly.details              author_defined_assembly 
_pdbx_struct_assembly.method_details       ? 
_pdbx_struct_assembly.oligomeric_details   monomeric 
_pdbx_struct_assembly.oligomeric_count     1 
# 
_pdbx_struct_assembly_gen.assembly_id       1 
_pdbx_struct_assembly_gen.oper_expression   1 
_pdbx_struct_assembly_gen.asym_id_list      A 
# 
_pdbx_struct_oper_list.id                   1 
_pdbx_struct_oper_list.type                 'identity operation' 
_pdbx_struct_oper_list.name                 1_555 
_pdbx_struct_oper_list.symmetry_operation   x,y,z 
_pdbx_struct_oper_list.matrix[1][1]         1.0000000000 
_pdbx_struct_oper_list.matrix[1][2]         0.0000000000 
_pdbx_struct_oper_list.matrix[1][3]         0.0000000000 
_pdbx_struct_oper_list.vector[1]            0.0000000000 
_pdbx_struct_oper_list.matrix[2][1]         0.0000000000 
_pdbx_struct_oper_list.matrix[2][2]         1.0000000000 
_pdbx_struct_oper_list.matrix[2][3]         0.0000000000 
_pdbx_struct_oper_list.vector[2]            0.0000000000 
_pdbx_struct_oper_list.matrix[3][1]         0.0000000000 
_pdbx_struct_oper_list.matrix[3][2]         0.0000000000 
_pdbx_struct_oper_list.matrix[3][3]         1.0000000000 
_pdbx_struct_oper_list.vector[3]            0.0000000000 
# 
_struct_biol.id        1 
_struct_biol.details   ? 
# 
loop_
_struct_conf.conf_type_id 
_struct_conf.id 
_struct_conf.pdbx_PDB_helix_id 
_struct_conf.beg_label_comp_id 
_struct_conf.beg_label_asym_id 
_struct_conf.beg_label_seq_id 
_struct_conf.pdbx_beg_PDB_ins_code 
_struct_conf.end_label_comp_id 
_struct_conf.end_label_asym_id 
_struct_conf.end_label_seq_id 
_struct_conf.pdbx_end_PDB_ins_code 
_struct_conf.beg_auth_comp_id 
_struct_conf.beg_auth_asym_id 
_struct_conf.beg_auth_seq_id 
_struct_conf.end_auth_comp_id 
_struct_conf.end_auth_asym_id 
_struct_conf.end_auth_seq_id 
_struct_conf.pdbx_PDB_helix_class 
_struct_conf.details 
_struct_conf.pdbx_PDB_helix_length 
HELX_P HELX_P1 1 THR A 4  ? ASP A 18 ? THR A 4  ASP A 18 1 ? 15 
HELX_P HELX_P2 2 ASP A 32 ? PHE A 36 ? ASP A 32 PHE A 36 5 ? 5  
HELX_P HELX_P3 3 PRO A 73 ? ILE A 92 ? PRO A 73 ILE A 92 1 ? 20 
HELX_P HELX_P4 4 ILE A 92 ? ILE A 99 ? ILE A 92 ILE A 99 1 ? 8  
# 
_struct_conf_type.id          HELX_P 
_struct_conf_type.criteria    ? 
_struct_conf_type.reference   ? 
# 
_struct_sheet.id               A 
_struct_sheet.type             ? 
_struct_sheet.number_strands   5 
_struct_sheet.details          ? 
# 
loop_
_struct_sheet_order.sheet_id 
_struct_sheet_order.range_id_1 
_struct_sheet_order.range_id_2 
_struct_sheet_order.offset 
_struct_sheet_order.sense 
A 1 2 ? parallel      
A 2 3 ? anti-parallel 
A 3 4 ? anti-parallel 
A 4 5 ? anti-parallel 
# 
loop_
_struct_sheet_range.sheet_id 
_struct_sheet_range.id 
_struct_sheet_range.beg_label_comp_id 
_struct_sheet_range.beg_label_asym_id 
_struct_sheet_range.beg_label_seq_id 
_struct_sheet_range.pdbx_beg_PDB_ins_code 
_struct_sheet_range.end_label_comp_id 
_struct_sheet_range.end_label_asym_id 
_struct_sheet_range.end_label_seq_id 
_struct_sheet_range.pdbx_end_PDB_ins_code 
_struct_sheet_range.beg_auth_comp_id 
_struct_sheet_range.beg_auth_asym_id 
_struct_sheet_range.beg_auth_seq_id 
_struct_sheet_range.end_auth_comp_id 
_struct_sheet_range.end_auth_asym_id 
_struct_sheet_range.end_auth_seq_id 
A 1 PHE A 23  ? PHE A 24  ? PHE A 23  PHE A 24  
A 2 ALA A 38  ? LEU A 43  ? ALA A 38  LEU A 43  
A 3 GLU A 61  ? LEU A 68  ? GLU A 61  LEU A 68  
A 4 SER A 119 ? VAL A 126 ? SER A 119 VAL A 126 
A 5 TYR A 107 ? ARG A 110 ? TYR A 107 ARG A 110 
# 
loop_
_pdbx_struct_sheet_hbond.sheet_id 
_pdbx_struct_sheet_hbond.range_id_1 
_pdbx_struct_sheet_hbond.range_id_2 
_pdbx_struct_sheet_hbond.range_1_label_atom_id 
_pdbx_struct_sheet_hbond.range_1_label_comp_id 
_pdbx_struct_sheet_hbond.range_1_label_asym_id 
_pdbx_struct_sheet_hbond.range_1_label_seq_id 
_pdbx_struct_sheet_hbond.range_1_PDB_ins_code 
_pdbx_struct_sheet_hbond.range_1_auth_atom_id 
_pdbx_struct_sheet_hbond.range_1_auth_comp_id 
_pdbx_struct_sheet_hbond.range_1_auth_asym_id 
_pdbx_struct_sheet_hbond.range_1_auth_seq_id 
_pdbx_struct_sheet_hbond.range_2_label_atom_id 
_pdbx_struct_sheet_hbond.range_2_label_comp_id 
_pdbx_struct_sheet_hbond.range_2_label_asym_id 
_pdbx_struct_sheet_hbond.range_2_label_seq_id 
_pdbx_struct_sheet_hbond.range_2_PDB_ins_code 
_pdbx_struct_sheet_hbond.range_2_auth_atom_id 
_pdbx_struct_sheet_hbond.range_2_auth_comp_id 
_pdbx_struct_sheet_hbond.range_2_auth_asym_id 
_pdbx_struct_sheet_hbond.range_2_auth_seq_id 
A 1 2 N PHE A 24  ? N PHE A 24  O VAL A 41  ? O VAL A 41  
A 2 3 N ALA A 38  ? N ALA A 38  O PHE A 67  ? O PHE A 67  
A 3 4 N LEU A 68  ? N LEU A 68  O SER A 119 ? O SER A 119 
A 4 5 O ASP A 122 ? O ASP A 122 N ASP A 108 ? N ASP A 108 
# 
loop_
_pdbx_validate_torsion.id 
_pdbx_validate_torsion.PDB_model_num 
_pdbx_validate_torsion.auth_comp_id 
_pdbx_validate_torsion.auth_asym_id 
_pdbx_validate_torsion.auth_seq_id 
_pdbx_validate_torsion.PDB_ins_code 
_pdbx_validate_torsion.label_alt_id 
_pdbx_validate_torsion.phi 
_pdbx_validate_torsion.psi 
1 1 ALA A 29  ? ? -94.94  38.07   
2 1 VAL A 30  ? ? -106.56 -169.02 
3 1 GLU A 51  ? ? 48.83   97.51   
4 1 ASP A 112 ? ? -145.58 18.65   
5 1 ASP A 114 ? ? -97.23  -74.00  
# 
_pdbx_nmr_ensemble.entry_id                             1Z1Z 
_pdbx_nmr_ensemble.conformers_calculated_total_number   ? 
_pdbx_nmr_ensemble.conformers_submitted_total_number    1 
_pdbx_nmr_ensemble.conformer_selection_criteria         ? 
# 
_pdbx_nmr_representative.entry_id             1Z1Z 
_pdbx_nmr_representative.conformer_id         1 
_pdbx_nmr_representative.selection_criteria   'lowest energy' 
# 
_pdbx_nmr_sample_details.solution_id      1 
_pdbx_nmr_sample_details.contents         
'0.9 mM gpU, U-15N,13C, 10 mM Tris-d11, pH 7.8, 50 mM potassium chloride, 0.02% sodium azide, 10% D2O, 90% H2O' 
_pdbx_nmr_sample_details.solvent_system   '10% D2O, 90% H2O' 
# 
_pdbx_nmr_exptl_sample_conditions.conditions_id       1 
_pdbx_nmr_exptl_sample_conditions.temperature         293 
_pdbx_nmr_exptl_sample_conditions.pressure            1 
_pdbx_nmr_exptl_sample_conditions.pH                  7.8 
_pdbx_nmr_exptl_sample_conditions.ionic_strength      '50 mM KCl' 
_pdbx_nmr_exptl_sample_conditions.pressure_units      atm 
_pdbx_nmr_exptl_sample_conditions.temperature_units   K 
# 
loop_
_pdbx_nmr_exptl.experiment_id 
_pdbx_nmr_exptl.conditions_id 
_pdbx_nmr_exptl.type 
_pdbx_nmr_exptl.solution_id 
1 1 3D_13C-separated_NOESY          1 
2 1 3D_15N-separated_NOESY          1 
3 1 3D_13C-separated-aromatic_NOESY 1 
4 1 2D-IPAP-15N_HSQC                1 
# 
_pdbx_nmr_details.entry_id   1Z1Z 
_pdbx_nmr_details.text       'This structure was determined using standard 3D heteronuclear techniques' 
# 
_pdbx_nmr_refine.entry_id           1Z1Z 
_pdbx_nmr_refine.method             'simulated annealing' 
_pdbx_nmr_refine.details            
;1180 NOE distance restraints (876 intramolecular, 505 short-range, 128 medium range, 371 long-range), 42 pairs of hydrogen bond distance restraints, 106 pairs of phi/psi dihedral angle restraints and 41 amide residual dipolar coupling restraints were incorporated into the structure calculation. NOE calibration was performed with CANDID module of CYANA. Initially, 200 structures were calcuated with XPLOR-NIH. From this ensemble, 50 low-energy structure were refined in water using the XPLOR-NIH protocol by C. Spronk. The top 20 structures by energy had a backbone RMSD of 0.96 +/- 0.16 A on the secondary structure elements. In addition to residues 1-3 and 128-131 at the termini, a large loop spanning residues 45-60 is disordered.
;
_pdbx_nmr_refine.software_ordinal   1 
# 
loop_
_pdbx_nmr_software.classification 
_pdbx_nmr_software.name 
_pdbx_nmr_software.version 
_pdbx_nmr_software.authors 
_pdbx_nmr_software.ordinal 
processing           NMRPipe   .     Delaglio 1 
'data analysis'      NMRView   5.2   Johnson  2 
'structure solution' CYANA     2.1.3 Guntert  3 
refinement           XPLOR-NIH 2.9.9 ?        4 
# 
loop_
_pdbx_unobs_or_zero_occ_residues.id 
_pdbx_unobs_or_zero_occ_residues.PDB_model_num 
_pdbx_unobs_or_zero_occ_residues.polymer_flag 
_pdbx_unobs_or_zero_occ_residues.occupancy_flag 
_pdbx_unobs_or_zero_occ_residues.auth_asym_id 
_pdbx_unobs_or_zero_occ_residues.auth_comp_id 
_pdbx_unobs_or_zero_occ_residues.auth_seq_id 
_pdbx_unobs_or_zero_occ_residues.PDB_ins_code 
_pdbx_unobs_or_zero_occ_residues.label_asym_id 
_pdbx_unobs_or_zero_occ_residues.label_comp_id 
_pdbx_unobs_or_zero_occ_residues.label_seq_id 
1 1 Y 1 A MET 1   ? A MET 1   
2 1 Y 1 A MET 131 ? A MET 131 
# 
loop_
_chem_comp_atom.comp_id 
_chem_comp_atom.atom_id 
_chem_comp_atom.type_symbol 
_chem_comp_atom.pdbx_aromatic_flag 
_chem_comp_atom.pdbx_stereo_config 
_chem_comp_atom.pdbx_ordinal 
ALA N    N N N 1   
ALA CA   C N S 2   
ALA C    C N N 3   
ALA O    O N N 4   
ALA CB   C N N 5   
ALA OXT  O N N 6   
ALA H    H N N 7   
ALA H2   H N N 8   
ALA HA   H N N 9   
ALA HB1  H N N 10  
ALA HB2  H N N 11  
ALA HB3  H N N 12  
ALA HXT  H N N 13  
ARG N    N N N 14  
ARG CA   C N S 15  
ARG C    C N N 16  
ARG O    O N N 17  
ARG CB   C N N 18  
ARG CG   C N N 19  
ARG CD   C N N 20  
ARG NE   N N N 21  
ARG CZ   C N N 22  
ARG NH1  N N N 23  
ARG NH2  N N N 24  
ARG OXT  O N N 25  
ARG H    H N N 26  
ARG H2   H N N 27  
ARG HA   H N N 28  
ARG HB2  H N N 29  
ARG HB3  H N N 30  
ARG HG2  H N N 31  
ARG HG3  H N N 32  
ARG HD2  H N N 33  
ARG HD3  H N N 34  
ARG HE   H N N 35  
ARG HH11 H N N 36  
ARG HH12 H N N 37  
ARG HH21 H N N 38  
ARG HH22 H N N 39  
ARG HXT  H N N 40  
ASP N    N N N 41  
ASP CA   C N S 42  
ASP C    C N N 43  
ASP O    O N N 44  
ASP CB   C N N 45  
ASP CG   C N N 46  
ASP OD1  O N N 47  
ASP OD2  O N N 48  
ASP OXT  O N N 49  
ASP H    H N N 50  
ASP H2   H N N 51  
ASP HA   H N N 52  
ASP HB2  H N N 53  
ASP HB3  H N N 54  
ASP HD2  H N N 55  
ASP HXT  H N N 56  
GLN N    N N N 57  
GLN CA   C N S 58  
GLN C    C N N 59  
GLN O    O N N 60  
GLN CB   C N N 61  
GLN CG   C N N 62  
GLN CD   C N N 63  
GLN OE1  O N N 64  
GLN NE2  N N N 65  
GLN OXT  O N N 66  
GLN H    H N N 67  
GLN H2   H N N 68  
GLN HA   H N N 69  
GLN HB2  H N N 70  
GLN HB3  H N N 71  
GLN HG2  H N N 72  
GLN HG3  H N N 73  
GLN HE21 H N N 74  
GLN HE22 H N N 75  
GLN HXT  H N N 76  
GLU N    N N N 77  
GLU CA   C N S 78  
GLU C    C N N 79  
GLU O    O N N 80  
GLU CB   C N N 81  
GLU CG   C N N 82  
GLU CD   C N N 83  
GLU OE1  O N N 84  
GLU OE2  O N N 85  
GLU OXT  O N N 86  
GLU H    H N N 87  
GLU H2   H N N 88  
GLU HA   H N N 89  
GLU HB2  H N N 90  
GLU HB3  H N N 91  
GLU HG2  H N N 92  
GLU HG3  H N N 93  
GLU HE2  H N N 94  
GLU HXT  H N N 95  
GLY N    N N N 96  
GLY CA   C N N 97  
GLY C    C N N 98  
GLY O    O N N 99  
GLY OXT  O N N 100 
GLY H    H N N 101 
GLY H2   H N N 102 
GLY HA2  H N N 103 
GLY HA3  H N N 104 
GLY HXT  H N N 105 
HIS N    N N N 106 
HIS CA   C N S 107 
HIS C    C N N 108 
HIS O    O N N 109 
HIS CB   C N N 110 
HIS CG   C Y N 111 
HIS ND1  N Y N 112 
HIS CD2  C Y N 113 
HIS CE1  C Y N 114 
HIS NE2  N Y N 115 
HIS OXT  O N N 116 
HIS H    H N N 117 
HIS H2   H N N 118 
HIS HA   H N N 119 
HIS HB2  H N N 120 
HIS HB3  H N N 121 
HIS HD1  H N N 122 
HIS HD2  H N N 123 
HIS HE1  H N N 124 
HIS HE2  H N N 125 
HIS HXT  H N N 126 
ILE N    N N N 127 
ILE CA   C N S 128 
ILE C    C N N 129 
ILE O    O N N 130 
ILE CB   C N S 131 
ILE CG1  C N N 132 
ILE CG2  C N N 133 
ILE CD1  C N N 134 
ILE OXT  O N N 135 
ILE H    H N N 136 
ILE H2   H N N 137 
ILE HA   H N N 138 
ILE HB   H N N 139 
ILE HG12 H N N 140 
ILE HG13 H N N 141 
ILE HG21 H N N 142 
ILE HG22 H N N 143 
ILE HG23 H N N 144 
ILE HD11 H N N 145 
ILE HD12 H N N 146 
ILE HD13 H N N 147 
ILE HXT  H N N 148 
LEU N    N N N 149 
LEU CA   C N S 150 
LEU C    C N N 151 
LEU O    O N N 152 
LEU CB   C N N 153 
LEU CG   C N N 154 
LEU CD1  C N N 155 
LEU CD2  C N N 156 
LEU OXT  O N N 157 
LEU H    H N N 158 
LEU H2   H N N 159 
LEU HA   H N N 160 
LEU HB2  H N N 161 
LEU HB3  H N N 162 
LEU HG   H N N 163 
LEU HD11 H N N 164 
LEU HD12 H N N 165 
LEU HD13 H N N 166 
LEU HD21 H N N 167 
LEU HD22 H N N 168 
LEU HD23 H N N 169 
LEU HXT  H N N 170 
LYS N    N N N 171 
LYS CA   C N S 172 
LYS C    C N N 173 
LYS O    O N N 174 
LYS CB   C N N 175 
LYS CG   C N N 176 
LYS CD   C N N 177 
LYS CE   C N N 178 
LYS NZ   N N N 179 
LYS OXT  O N N 180 
LYS H    H N N 181 
LYS H2   H N N 182 
LYS HA   H N N 183 
LYS HB2  H N N 184 
LYS HB3  H N N 185 
LYS HG2  H N N 186 
LYS HG3  H N N 187 
LYS HD2  H N N 188 
LYS HD3  H N N 189 
LYS HE2  H N N 190 
LYS HE3  H N N 191 
LYS HZ1  H N N 192 
LYS HZ2  H N N 193 
LYS HZ3  H N N 194 
LYS HXT  H N N 195 
MET N    N N N 196 
MET CA   C N S 197 
MET C    C N N 198 
MET O    O N N 199 
MET CB   C N N 200 
MET CG   C N N 201 
MET SD   S N N 202 
MET CE   C N N 203 
MET OXT  O N N 204 
MET H    H N N 205 
MET H2   H N N 206 
MET HA   H N N 207 
MET HB2  H N N 208 
MET HB3  H N N 209 
MET HG2  H N N 210 
MET HG3  H N N 211 
MET HE1  H N N 212 
MET HE2  H N N 213 
MET HE3  H N N 214 
MET HXT  H N N 215 
PHE N    N N N 216 
PHE CA   C N S 217 
PHE C    C N N 218 
PHE O    O N N 219 
PHE CB   C N N 220 
PHE CG   C Y N 221 
PHE CD1  C Y N 222 
PHE CD2  C Y N 223 
PHE CE1  C Y N 224 
PHE CE2  C Y N 225 
PHE CZ   C Y N 226 
PHE OXT  O N N 227 
PHE H    H N N 228 
PHE H2   H N N 229 
PHE HA   H N N 230 
PHE HB2  H N N 231 
PHE HB3  H N N 232 
PHE HD1  H N N 233 
PHE HD2  H N N 234 
PHE HE1  H N N 235 
PHE HE2  H N N 236 
PHE HZ   H N N 237 
PHE HXT  H N N 238 
PRO N    N N N 239 
PRO CA   C N S 240 
PRO C    C N N 241 
PRO O    O N N 242 
PRO CB   C N N 243 
PRO CG   C N N 244 
PRO CD   C N N 245 
PRO OXT  O N N 246 
PRO H    H N N 247 
PRO HA   H N N 248 
PRO HB2  H N N 249 
PRO HB3  H N N 250 
PRO HG2  H N N 251 
PRO HG3  H N N 252 
PRO HD2  H N N 253 
PRO HD3  H N N 254 
PRO HXT  H N N 255 
SER N    N N N 256 
SER CA   C N S 257 
SER C    C N N 258 
SER O    O N N 259 
SER CB   C N N 260 
SER OG   O N N 261 
SER OXT  O N N 262 
SER H    H N N 263 
SER H2   H N N 264 
SER HA   H N N 265 
SER HB2  H N N 266 
SER HB3  H N N 267 
SER HG   H N N 268 
SER HXT  H N N 269 
THR N    N N N 270 
THR CA   C N S 271 
THR C    C N N 272 
THR O    O N N 273 
THR CB   C N R 274 
THR OG1  O N N 275 
THR CG2  C N N 276 
THR OXT  O N N 277 
THR H    H N N 278 
THR H2   H N N 279 
THR HA   H N N 280 
THR HB   H N N 281 
THR HG1  H N N 282 
THR HG21 H N N 283 
THR HG22 H N N 284 
THR HG23 H N N 285 
THR HXT  H N N 286 
TRP N    N N N 287 
TRP CA   C N S 288 
TRP C    C N N 289 
TRP O    O N N 290 
TRP CB   C N N 291 
TRP CG   C Y N 292 
TRP CD1  C Y N 293 
TRP CD2  C Y N 294 
TRP NE1  N Y N 295 
TRP CE2  C Y N 296 
TRP CE3  C Y N 297 
TRP CZ2  C Y N 298 
TRP CZ3  C Y N 299 
TRP CH2  C Y N 300 
TRP OXT  O N N 301 
TRP H    H N N 302 
TRP H2   H N N 303 
TRP HA   H N N 304 
TRP HB2  H N N 305 
TRP HB3  H N N 306 
TRP HD1  H N N 307 
TRP HE1  H N N 308 
TRP HE3  H N N 309 
TRP HZ2  H N N 310 
TRP HZ3  H N N 311 
TRP HH2  H N N 312 
TRP HXT  H N N 313 
TYR N    N N N 314 
TYR CA   C N S 315 
TYR C    C N N 316 
TYR O    O N N 317 
TYR CB   C N N 318 
TYR CG   C Y N 319 
TYR CD1  C Y N 320 
TYR CD2  C Y N 321 
TYR CE1  C Y N 322 
TYR CE2  C Y N 323 
TYR CZ   C Y N 324 
TYR OH   O N N 325 
TYR OXT  O N N 326 
TYR H    H N N 327 
TYR H2   H N N 328 
TYR HA   H N N 329 
TYR HB2  H N N 330 
TYR HB3  H N N 331 
TYR HD1  H N N 332 
TYR HD2  H N N 333 
TYR HE1  H N N 334 
TYR HE2  H N N 335 
TYR HH   H N N 336 
TYR HXT  H N N 337 
VAL N    N N N 338 
VAL CA   C N S 339 
VAL C    C N N 340 
VAL O    O N N 341 
VAL CB   C N N 342 
VAL CG1  C N N 343 
VAL CG2  C N N 344 
VAL OXT  O N N 345 
VAL H    H N N 346 
VAL H2   H N N 347 
VAL HA   H N N 348 
VAL HB   H N N 349 
VAL HG11 H N N 350 
VAL HG12 H N N 351 
VAL HG13 H N N 352 
VAL HG21 H N N 353 
VAL HG22 H N N 354 
VAL HG23 H N N 355 
VAL HXT  H N N 356 
# 
loop_
_chem_comp_bond.comp_id 
_chem_comp_bond.atom_id_1 
_chem_comp_bond.atom_id_2 
_chem_comp_bond.value_order 
_chem_comp_bond.pdbx_aromatic_flag 
_chem_comp_bond.pdbx_stereo_config 
_chem_comp_bond.pdbx_ordinal 
ALA N   CA   sing N N 1   
ALA N   H    sing N N 2   
ALA N   H2   sing N N 3   
ALA CA  C    sing N N 4   
ALA CA  CB   sing N N 5   
ALA CA  HA   sing N N 6   
ALA C   O    doub N N 7   
ALA C   OXT  sing N N 8   
ALA CB  HB1  sing N N 9   
ALA CB  HB2  sing N N 10  
ALA CB  HB3  sing N N 11  
ALA OXT HXT  sing N N 12  
ARG N   CA   sing N N 13  
ARG N   H    sing N N 14  
ARG N   H2   sing N N 15  
ARG CA  C    sing N N 16  
ARG CA  CB   sing N N 17  
ARG CA  HA   sing N N 18  
ARG C   O    doub N N 19  
ARG C   OXT  sing N N 20  
ARG CB  CG   sing N N 21  
ARG CB  HB2  sing N N 22  
ARG CB  HB3  sing N N 23  
ARG CG  CD   sing N N 24  
ARG CG  HG2  sing N N 25  
ARG CG  HG3  sing N N 26  
ARG CD  NE   sing N N 27  
ARG CD  HD2  sing N N 28  
ARG CD  HD3  sing N N 29  
ARG NE  CZ   sing N N 30  
ARG NE  HE   sing N N 31  
ARG CZ  NH1  sing N N 32  
ARG CZ  NH2  doub N N 33  
ARG NH1 HH11 sing N N 34  
ARG NH1 HH12 sing N N 35  
ARG NH2 HH21 sing N N 36  
ARG NH2 HH22 sing N N 37  
ARG OXT HXT  sing N N 38  
ASP N   CA   sing N N 39  
ASP N   H    sing N N 40  
ASP N   H2   sing N N 41  
ASP CA  C    sing N N 42  
ASP CA  CB   sing N N 43  
ASP CA  HA   sing N N 44  
ASP C   O    doub N N 45  
ASP C   OXT  sing N N 46  
ASP CB  CG   sing N N 47  
ASP CB  HB2  sing N N 48  
ASP CB  HB3  sing N N 49  
ASP CG  OD1  doub N N 50  
ASP CG  OD2  sing N N 51  
ASP OD2 HD2  sing N N 52  
ASP OXT HXT  sing N N 53  
GLN N   CA   sing N N 54  
GLN N   H    sing N N 55  
GLN N   H2   sing N N 56  
GLN CA  C    sing N N 57  
GLN CA  CB   sing N N 58  
GLN CA  HA   sing N N 59  
GLN C   O    doub N N 60  
GLN C   OXT  sing N N 61  
GLN CB  CG   sing N N 62  
GLN CB  HB2  sing N N 63  
GLN CB  HB3  sing N N 64  
GLN CG  CD   sing N N 65  
GLN CG  HG2  sing N N 66  
GLN CG  HG3  sing N N 67  
GLN CD  OE1  doub N N 68  
GLN CD  NE2  sing N N 69  
GLN NE2 HE21 sing N N 70  
GLN NE2 HE22 sing N N 71  
GLN OXT HXT  sing N N 72  
GLU N   CA   sing N N 73  
GLU N   H    sing N N 74  
GLU N   H2   sing N N 75  
GLU CA  C    sing N N 76  
GLU CA  CB   sing N N 77  
GLU CA  HA   sing N N 78  
GLU C   O    doub N N 79  
GLU C   OXT  sing N N 80  
GLU CB  CG   sing N N 81  
GLU CB  HB2  sing N N 82  
GLU CB  HB3  sing N N 83  
GLU CG  CD   sing N N 84  
GLU CG  HG2  sing N N 85  
GLU CG  HG3  sing N N 86  
GLU CD  OE1  doub N N 87  
GLU CD  OE2  sing N N 88  
GLU OE2 HE2  sing N N 89  
GLU OXT HXT  sing N N 90  
GLY N   CA   sing N N 91  
GLY N   H    sing N N 92  
GLY N   H2   sing N N 93  
GLY CA  C    sing N N 94  
GLY CA  HA2  sing N N 95  
GLY CA  HA3  sing N N 96  
GLY C   O    doub N N 97  
GLY C   OXT  sing N N 98  
GLY OXT HXT  sing N N 99  
HIS N   CA   sing N N 100 
HIS N   H    sing N N 101 
HIS N   H2   sing N N 102 
HIS CA  C    sing N N 103 
HIS CA  CB   sing N N 104 
HIS CA  HA   sing N N 105 
HIS C   O    doub N N 106 
HIS C   OXT  sing N N 107 
HIS CB  CG   sing N N 108 
HIS CB  HB2  sing N N 109 
HIS CB  HB3  sing N N 110 
HIS CG  ND1  sing Y N 111 
HIS CG  CD2  doub Y N 112 
HIS ND1 CE1  doub Y N 113 
HIS ND1 HD1  sing N N 114 
HIS CD2 NE2  sing Y N 115 
HIS CD2 HD2  sing N N 116 
HIS CE1 NE2  sing Y N 117 
HIS CE1 HE1  sing N N 118 
HIS NE2 HE2  sing N N 119 
HIS OXT HXT  sing N N 120 
ILE N   CA   sing N N 121 
ILE N   H    sing N N 122 
ILE N   H2   sing N N 123 
ILE CA  C    sing N N 124 
ILE CA  CB   sing N N 125 
ILE CA  HA   sing N N 126 
ILE C   O    doub N N 127 
ILE C   OXT  sing N N 128 
ILE CB  CG1  sing N N 129 
ILE CB  CG2  sing N N 130 
ILE CB  HB   sing N N 131 
ILE CG1 CD1  sing N N 132 
ILE CG1 HG12 sing N N 133 
ILE CG1 HG13 sing N N 134 
ILE CG2 HG21 sing N N 135 
ILE CG2 HG22 sing N N 136 
ILE CG2 HG23 sing N N 137 
ILE CD1 HD11 sing N N 138 
ILE CD1 HD12 sing N N 139 
ILE CD1 HD13 sing N N 140 
ILE OXT HXT  sing N N 141 
LEU N   CA   sing N N 142 
LEU N   H    sing N N 143 
LEU N   H2   sing N N 144 
LEU CA  C    sing N N 145 
LEU CA  CB   sing N N 146 
LEU CA  HA   sing N N 147 
LEU C   O    doub N N 148 
LEU C   OXT  sing N N 149 
LEU CB  CG   sing N N 150 
LEU CB  HB2  sing N N 151 
LEU CB  HB3  sing N N 152 
LEU CG  CD1  sing N N 153 
LEU CG  CD2  sing N N 154 
LEU CG  HG   sing N N 155 
LEU CD1 HD11 sing N N 156 
LEU CD1 HD12 sing N N 157 
LEU CD1 HD13 sing N N 158 
LEU CD2 HD21 sing N N 159 
LEU CD2 HD22 sing N N 160 
LEU CD2 HD23 sing N N 161 
LEU OXT HXT  sing N N 162 
LYS N   CA   sing N N 163 
LYS N   H    sing N N 164 
LYS N   H2   sing N N 165 
LYS CA  C    sing N N 166 
LYS CA  CB   sing N N 167 
LYS CA  HA   sing N N 168 
LYS C   O    doub N N 169 
LYS C   OXT  sing N N 170 
LYS CB  CG   sing N N 171 
LYS CB  HB2  sing N N 172 
LYS CB  HB3  sing N N 173 
LYS CG  CD   sing N N 174 
LYS CG  HG2  sing N N 175 
LYS CG  HG3  sing N N 176 
LYS CD  CE   sing N N 177 
LYS CD  HD2  sing N N 178 
LYS CD  HD3  sing N N 179 
LYS CE  NZ   sing N N 180 
LYS CE  HE2  sing N N 181 
LYS CE  HE3  sing N N 182 
LYS NZ  HZ1  sing N N 183 
LYS NZ  HZ2  sing N N 184 
LYS NZ  HZ3  sing N N 185 
LYS OXT HXT  sing N N 186 
MET N   CA   sing N N 187 
MET N   H    sing N N 188 
MET N   H2   sing N N 189 
MET CA  C    sing N N 190 
MET CA  CB   sing N N 191 
MET CA  HA   sing N N 192 
MET C   O    doub N N 193 
MET C   OXT  sing N N 194 
MET CB  CG   sing N N 195 
MET CB  HB2  sing N N 196 
MET CB  HB3  sing N N 197 
MET CG  SD   sing N N 198 
MET CG  HG2  sing N N 199 
MET CG  HG3  sing N N 200 
MET SD  CE   sing N N 201 
MET CE  HE1  sing N N 202 
MET CE  HE2  sing N N 203 
MET CE  HE3  sing N N 204 
MET OXT HXT  sing N N 205 
PHE N   CA   sing N N 206 
PHE N   H    sing N N 207 
PHE N   H2   sing N N 208 
PHE CA  C    sing N N 209 
PHE CA  CB   sing N N 210 
PHE CA  HA   sing N N 211 
PHE C   O    doub N N 212 
PHE C   OXT  sing N N 213 
PHE CB  CG   sing N N 214 
PHE CB  HB2  sing N N 215 
PHE CB  HB3  sing N N 216 
PHE CG  CD1  doub Y N 217 
PHE CG  CD2  sing Y N 218 
PHE CD1 CE1  sing Y N 219 
PHE CD1 HD1  sing N N 220 
PHE CD2 CE2  doub Y N 221 
PHE CD2 HD2  sing N N 222 
PHE CE1 CZ   doub Y N 223 
PHE CE1 HE1  sing N N 224 
PHE CE2 CZ   sing Y N 225 
PHE CE2 HE2  sing N N 226 
PHE CZ  HZ   sing N N 227 
PHE OXT HXT  sing N N 228 
PRO N   CA   sing N N 229 
PRO N   CD   sing N N 230 
PRO N   H    sing N N 231 
PRO CA  C    sing N N 232 
PRO CA  CB   sing N N 233 
PRO CA  HA   sing N N 234 
PRO C   O    doub N N 235 
PRO C   OXT  sing N N 236 
PRO CB  CG   sing N N 237 
PRO CB  HB2  sing N N 238 
PRO CB  HB3  sing N N 239 
PRO CG  CD   sing N N 240 
PRO CG  HG2  sing N N 241 
PRO CG  HG3  sing N N 242 
PRO CD  HD2  sing N N 243 
PRO CD  HD3  sing N N 244 
PRO OXT HXT  sing N N 245 
SER N   CA   sing N N 246 
SER N   H    sing N N 247 
SER N   H2   sing N N 248 
SER CA  C    sing N N 249 
SER CA  CB   sing N N 250 
SER CA  HA   sing N N 251 
SER C   O    doub N N 252 
SER C   OXT  sing N N 253 
SER CB  OG   sing N N 254 
SER CB  HB2  sing N N 255 
SER CB  HB3  sing N N 256 
SER OG  HG   sing N N 257 
SER OXT HXT  sing N N 258 
THR N   CA   sing N N 259 
THR N   H    sing N N 260 
THR N   H2   sing N N 261 
THR CA  C    sing N N 262 
THR CA  CB   sing N N 263 
THR CA  HA   sing N N 264 
THR C   O    doub N N 265 
THR C   OXT  sing N N 266 
THR CB  OG1  sing N N 267 
THR CB  CG2  sing N N 268 
THR CB  HB   sing N N 269 
THR OG1 HG1  sing N N 270 
THR CG2 HG21 sing N N 271 
THR CG2 HG22 sing N N 272 
THR CG2 HG23 sing N N 273 
THR OXT HXT  sing N N 274 
TRP N   CA   sing N N 275 
TRP N   H    sing N N 276 
TRP N   H2   sing N N 277 
TRP CA  C    sing N N 278 
TRP CA  CB   sing N N 279 
TRP CA  HA   sing N N 280 
TRP C   O    doub N N 281 
TRP C   OXT  sing N N 282 
TRP CB  CG   sing N N 283 
TRP CB  HB2  sing N N 284 
TRP CB  HB3  sing N N 285 
TRP CG  CD1  doub Y N 286 
TRP CG  CD2  sing Y N 287 
TRP CD1 NE1  sing Y N 288 
TRP CD1 HD1  sing N N 289 
TRP CD2 CE2  doub Y N 290 
TRP CD2 CE3  sing Y N 291 
TRP NE1 CE2  sing Y N 292 
TRP NE1 HE1  sing N N 293 
TRP CE2 CZ2  sing Y N 294 
TRP CE3 CZ3  doub Y N 295 
TRP CE3 HE3  sing N N 296 
TRP CZ2 CH2  doub Y N 297 
TRP CZ2 HZ2  sing N N 298 
TRP CZ3 CH2  sing Y N 299 
TRP CZ3 HZ3  sing N N 300 
TRP CH2 HH2  sing N N 301 
TRP OXT HXT  sing N N 302 
TYR N   CA   sing N N 303 
TYR N   H    sing N N 304 
TYR N   H2   sing N N 305 
TYR CA  C    sing N N 306 
TYR CA  CB   sing N N 307 
TYR CA  HA   sing N N 308 
TYR C   O    doub N N 309 
TYR C   OXT  sing N N 310 
TYR CB  CG   sing N N 311 
TYR CB  HB2  sing N N 312 
TYR CB  HB3  sing N N 313 
TYR CG  CD1  doub Y N 314 
TYR CG  CD2  sing Y N 315 
TYR CD1 CE1  sing Y N 316 
TYR CD1 HD1  sing N N 317 
TYR CD2 CE2  doub Y N 318 
TYR CD2 HD2  sing N N 319 
TYR CE1 CZ   doub Y N 320 
TYR CE1 HE1  sing N N 321 
TYR CE2 CZ   sing Y N 322 
TYR CE2 HE2  sing N N 323 
TYR CZ  OH   sing N N 324 
TYR OH  HH   sing N N 325 
TYR OXT HXT  sing N N 326 
VAL N   CA   sing N N 327 
VAL N   H    sing N N 328 
VAL N   H2   sing N N 329 
VAL CA  C    sing N N 330 
VAL CA  CB   sing N N 331 
VAL CA  HA   sing N N 332 
VAL C   O    doub N N 333 
VAL C   OXT  sing N N 334 
VAL CB  CG1  sing N N 335 
VAL CB  CG2  sing N N 336 
VAL CB  HB   sing N N 337 
VAL CG1 HG11 sing N N 338 
VAL CG1 HG12 sing N N 339 
VAL CG1 HG13 sing N N 340 
VAL CG2 HG21 sing N N 341 
VAL CG2 HG22 sing N N 342 
VAL CG2 HG23 sing N N 343 
VAL OXT HXT  sing N N 344 
# 
loop_
_pdbx_nmr_spectrometer.spectrometer_id 
_pdbx_nmr_spectrometer.model 
_pdbx_nmr_spectrometer.manufacturer 
_pdbx_nmr_spectrometer.field_strength 
_pdbx_nmr_spectrometer.type 
1 AVANCE Bruker 600 ? 
2 INOVA  Varian 800 ? 
# 
_atom_sites.entry_id                    1Z1Z 
_atom_sites.fract_transf_matrix[1][1]   1.000000 
_atom_sites.fract_transf_matrix[1][2]   0.000000 
_atom_sites.fract_transf_matrix[1][3]   0.000000 
_atom_sites.fract_transf_matrix[2][1]   0.000000 
_atom_sites.fract_transf_matrix[2][2]   1.000000 
_atom_sites.fract_transf_matrix[2][3]   0.000000 
_atom_sites.fract_transf_matrix[3][1]   0.000000 
_atom_sites.fract_transf_matrix[3][2]   0.000000 
_atom_sites.fract_transf_matrix[3][3]   1.000000 
_atom_sites.fract_transf_vector[1]      0.00000 
_atom_sites.fract_transf_vector[2]      0.00000 
_atom_sites.fract_transf_vector[3]      0.00000 
# 
loop_
_atom_type.symbol 
C 
H 
N 
O 
S 
# 
loop_
_atom_site.group_PDB 
_atom_site.id 
_atom_site.type_symbol 
_atom_site.label_atom_id 
_atom_site.label_alt_id 
_atom_site.label_comp_id 
_atom_site.label_asym_id 
_atom_site.label_entity_id 
_atom_site.label_seq_id 
_atom_site.pdbx_PDB_ins_code 
_atom_site.Cartn_x 
_atom_site.Cartn_y 
_atom_site.Cartn_z 
_atom_site.occupancy 
_atom_site.B_iso_or_equiv 
_atom_site.pdbx_formal_charge 
_atom_site.auth_seq_id 
_atom_site.auth_comp_id 
_atom_site.auth_asym_id 
_atom_site.auth_atom_id 
_atom_site.pdbx_PDB_model_num 
ATOM 1    N N    . LYS A 1 2   ? -18.037 -8.280  1.654   1.00 0.00 ? 2   LYS A N    1 
ATOM 2    C CA   . LYS A 1 2   ? -16.882 -7.378  1.620   1.00 0.00 ? 2   LYS A CA   1 
ATOM 3    C C    . LYS A 1 2   ? -15.851 -7.958  0.685   1.00 0.00 ? 2   LYS A C    1 
ATOM 4    O O    . LYS A 1 2   ? -15.875 -9.150  0.400   1.00 0.00 ? 2   LYS A O    1 
ATOM 5    C CB   . LYS A 1 2   ? -16.192 -7.290  3.000   1.00 0.00 ? 2   LYS A CB   1 
ATOM 6    C CG   . LYS A 1 2   ? -16.996 -6.731  4.163   1.00 0.00 ? 2   LYS A CG   1 
ATOM 7    C CD   . LYS A 1 2   ? -16.104 -6.670  5.407   1.00 0.00 ? 2   LYS A CD   1 
ATOM 8    C CE   . LYS A 1 2   ? -16.845 -6.217  6.658   1.00 0.00 ? 2   LYS A CE   1 
ATOM 9    N NZ   . LYS A 1 2   ? -17.323 -4.827  6.578   1.00 0.00 ? 2   LYS A NZ   1 
ATOM 10   H HA   . LYS A 1 2   ? -17.180 -6.392  1.299   1.00 0.00 ? 2   LYS A HA   1 
ATOM 11   H HB2  . LYS A 1 2   ? -15.882 -8.285  3.281   1.00 0.00 ? 2   LYS A HB2  1 
ATOM 12   H HB3  . LYS A 1 2   ? -15.302 -6.687  2.884   1.00 0.00 ? 2   LYS A HB3  1 
ATOM 13   H HG2  . LYS A 1 2   ? -17.347 -5.739  3.917   1.00 0.00 ? 2   LYS A HG2  1 
ATOM 14   H HG3  . LYS A 1 2   ? -17.834 -7.382  4.364   1.00 0.00 ? 2   LYS A HG3  1 
ATOM 15   H HD2  . LYS A 1 2   ? -15.698 -7.654  5.590   1.00 0.00 ? 2   LYS A HD2  1 
ATOM 16   H HD3  . LYS A 1 2   ? -15.292 -5.986  5.211   1.00 0.00 ? 2   LYS A HD3  1 
ATOM 17   H HE2  . LYS A 1 2   ? -17.700 -6.860  6.792   1.00 0.00 ? 2   LYS A HE2  1 
ATOM 18   H HE3  . LYS A 1 2   ? -16.186 -6.319  7.508   1.00 0.00 ? 2   LYS A HE3  1 
ATOM 19   H HZ1  . LYS A 1 2   ? -17.802 -4.573  7.466   1.00 0.00 ? 2   LYS A HZ1  1 
ATOM 20   H HZ2  . LYS A 1 2   ? -18.022 -4.703  5.820   1.00 0.00 ? 2   LYS A HZ2  1 
ATOM 21   H HZ3  . LYS A 1 2   ? -16.547 -4.148  6.438   1.00 0.00 ? 2   LYS A HZ3  1 
ATOM 22   N N    . HIS A 1 3   ? -14.946 -7.129  0.210   1.00 0.00 ? 3   HIS A N    1 
ATOM 23   C CA   . HIS A 1 3   ? -13.783 -7.617  -0.512  1.00 0.00 ? 3   HIS A CA   1 
ATOM 24   C C    . HIS A 1 3   ? -12.723 -7.819  0.528   1.00 0.00 ? 3   HIS A C    1 
ATOM 25   O O    . HIS A 1 3   ? -11.861 -6.979  0.707   1.00 0.00 ? 3   HIS A O    1 
ATOM 26   C CB   . HIS A 1 3   ? -13.263 -6.609  -1.562  1.00 0.00 ? 3   HIS A CB   1 
ATOM 27   C CG   . HIS A 1 3   ? -14.177 -6.312  -2.702  1.00 0.00 ? 3   HIS A CG   1 
ATOM 28   N ND1  . HIS A 1 3   ? -15.076 -5.275  -2.687  1.00 0.00 ? 3   HIS A ND1  1 
ATOM 29   C CD2  . HIS A 1 3   ? -14.288 -6.881  -3.924  1.00 0.00 ? 3   HIS A CD2  1 
ATOM 30   C CE1  . HIS A 1 3   ? -15.693 -5.211  -3.834  1.00 0.00 ? 3   HIS A CE1  1 
ATOM 31   N NE2  . HIS A 1 3   ? -15.240 -6.170  -4.610  1.00 0.00 ? 3   HIS A NE2  1 
ATOM 32   H H    . HIS A 1 3   ? -15.045 -6.162  0.356   1.00 0.00 ? 3   HIS A H    1 
ATOM 33   H HA   . HIS A 1 3   ? -14.013 -8.566  -0.969  1.00 0.00 ? 3   HIS A HA   1 
ATOM 34   H HB2  . HIS A 1 3   ? -13.066 -5.670  -1.067  1.00 0.00 ? 3   HIS A HB2  1 
ATOM 35   H HB3  . HIS A 1 3   ? -12.332 -6.979  -1.966  1.00 0.00 ? 3   HIS A HB3  1 
ATOM 36   H HD1  . HIS A 1 3   ? -15.240 -4.663  -1.935  1.00 0.00 ? 3   HIS A HD1  1 
ATOM 37   H HD2  . HIS A 1 3   ? -13.733 -7.733  -4.291  1.00 0.00 ? 3   HIS A HD2  1 
ATOM 38   H HE1  . HIS A 1 3   ? -16.451 -4.491  -4.102  1.00 0.00 ? 3   HIS A HE1  1 
ATOM 39   H HE2  . HIS A 1 3   ? -15.366 -6.166  -5.588  1.00 0.00 ? 3   HIS A HE2  1 
ATOM 40   N N    . THR A 1 4   ? -12.822 -8.874  1.278   1.00 0.00 ? 4   THR A N    1 
ATOM 41   C CA   . THR A 1 4   ? -11.938 -9.035  2.392   1.00 0.00 ? 4   THR A CA   1 
ATOM 42   C C    . THR A 1 4   ? -10.882 -10.086 2.092   1.00 0.00 ? 4   THR A C    1 
ATOM 43   O O    . THR A 1 4   ? -9.909  -10.256 2.842   1.00 0.00 ? 4   THR A O    1 
ATOM 44   C CB   . THR A 1 4   ? -12.719 -9.330  3.714   1.00 0.00 ? 4   THR A CB   1 
ATOM 45   O OG1  . THR A 1 4   ? -11.855 -9.206  4.848   1.00 0.00 ? 4   THR A OG1  1 
ATOM 46   C CG2  . THR A 1 4   ? -13.347 -10.717 3.699   1.00 0.00 ? 4   THR A CG2  1 
ATOM 47   H H    . THR A 1 4   ? -13.475 -9.582  1.052   1.00 0.00 ? 4   THR A H    1 
ATOM 48   H HA   . THR A 1 4   ? -11.418 -8.094  2.507   1.00 0.00 ? 4   THR A HA   1 
ATOM 49   H HB   . THR A 1 4   ? -13.502 -8.590  3.806   1.00 0.00 ? 4   THR A HB   1 
ATOM 50   H HG1  . THR A 1 4   ? -12.157 -9.783  5.559   1.00 0.00 ? 4   THR A HG1  1 
ATOM 51   H HG21 . THR A 1 4   ? -13.857 -10.890 4.635   1.00 0.00 ? 4   THR A HG21 1 
ATOM 52   H HG22 . THR A 1 4   ? -12.575 -11.460 3.564   1.00 0.00 ? 4   THR A HG22 1 
ATOM 53   H HG23 . THR A 1 4   ? -14.053 -10.780 2.885   1.00 0.00 ? 4   THR A HG23 1 
ATOM 54   N N    . GLU A 1 5   ? -11.062 -10.762 0.978   1.00 0.00 ? 5   GLU A N    1 
ATOM 55   C CA   . GLU A 1 5   ? -10.131 -11.767 0.514   1.00 0.00 ? 5   GLU A CA   1 
ATOM 56   C C    . GLU A 1 5   ? -8.804  -11.080 0.239   1.00 0.00 ? 5   GLU A C    1 
ATOM 57   O O    . GLU A 1 5   ? -7.733  -11.598 0.558   1.00 0.00 ? 5   GLU A O    1 
ATOM 58   C CB   . GLU A 1 5   ? -10.632 -12.417 -0.792  1.00 0.00 ? 5   GLU A CB   1 
ATOM 59   C CG   . GLU A 1 5   ? -12.056 -12.978 -0.740  1.00 0.00 ? 5   GLU A CG   1 
ATOM 60   C CD   . GLU A 1 5   ? -13.107 -11.887 -0.890  1.00 0.00 ? 5   GLU A CD   1 
ATOM 61   O OE1  . GLU A 1 5   ? -13.431 -11.522 -2.036  1.00 0.00 ? 5   GLU A OE1  1 
ATOM 62   O OE2  . GLU A 1 5   ? -13.574 -11.329 0.130   1.00 0.00 ? 5   GLU A OE2  1 
ATOM 63   H H    . GLU A 1 5   ? -11.893 -10.619 0.470   1.00 0.00 ? 5   GLU A H    1 
ATOM 64   H HA   . GLU A 1 5   ? -10.012 -12.522 1.277   1.00 0.00 ? 5   GLU A HA   1 
ATOM 65   H HB2  . GLU A 1 5   ? -10.585 -11.684 -1.583  1.00 0.00 ? 5   GLU A HB2  1 
ATOM 66   H HB3  . GLU A 1 5   ? -9.961  -13.226 -1.042  1.00 0.00 ? 5   GLU A HB3  1 
ATOM 67   H HG2  . GLU A 1 5   ? -12.183 -13.693 -1.539  1.00 0.00 ? 5   GLU A HG2  1 
ATOM 68   H HG3  . GLU A 1 5   ? -12.198 -13.468 0.210   1.00 0.00 ? 5   GLU A HG3  1 
ATOM 69   N N    . LEU A 1 6   ? -8.895  -9.861  -0.312  1.00 0.00 ? 6   LEU A N    1 
ATOM 70   C CA   . LEU A 1 6   ? -7.717  -9.070  -0.575  1.00 0.00 ? 6   LEU A CA   1 
ATOM 71   C C    . LEU A 1 6   ? -7.004  -8.672  0.682   1.00 0.00 ? 6   LEU A C    1 
ATOM 72   O O    . LEU A 1 6   ? -5.778  -8.689  0.733   1.00 0.00 ? 6   LEU A O    1 
ATOM 73   C CB   . LEU A 1 6   ? -7.976  -7.854  -1.500  1.00 0.00 ? 6   LEU A CB   1 
ATOM 74   C CG   . LEU A 1 6   ? -9.163  -6.896  -1.205  1.00 0.00 ? 6   LEU A CG   1 
ATOM 75   C CD1  . LEU A 1 6   ? -8.902  -5.978  -0.013  1.00 0.00 ? 6   LEU A CD1  1 
ATOM 76   C CD2  . LEU A 1 6   ? -9.499  -6.077  -2.443  1.00 0.00 ? 6   LEU A CD2  1 
ATOM 77   H H    . LEU A 1 6   ? -9.783  -9.521  -0.554  1.00 0.00 ? 6   LEU A H    1 
ATOM 78   H HA   . LEU A 1 6   ? -7.039  -9.735  -1.087  1.00 0.00 ? 6   LEU A HA   1 
ATOM 79   H HB2  . LEU A 1 6   ? -7.078  -7.267  -1.355  1.00 0.00 ? 6   LEU A HB2  1 
ATOM 80   H HB3  . LEU A 1 6   ? -8.020  -8.188  -2.527  1.00 0.00 ? 6   LEU A HB3  1 
ATOM 81   H HG   . LEU A 1 6   ? -10.030 -7.492  -0.962  1.00 0.00 ? 6   LEU A HG   1 
ATOM 82   H HD11 . LEU A 1 6   ? -8.825  -6.575  0.884   1.00 0.00 ? 6   LEU A HD11 1 
ATOM 83   H HD12 . LEU A 1 6   ? -9.701  -5.259  0.093   1.00 0.00 ? 6   LEU A HD12 1 
ATOM 84   H HD13 . LEU A 1 6   ? -7.970  -5.455  -0.159  1.00 0.00 ? 6   LEU A HD13 1 
ATOM 85   H HD21 . LEU A 1 6   ? -10.322 -5.414  -2.223  1.00 0.00 ? 6   LEU A HD21 1 
ATOM 86   H HD22 . LEU A 1 6   ? -9.777  -6.739  -3.249  1.00 0.00 ? 6   LEU A HD22 1 
ATOM 87   H HD23 . LEU A 1 6   ? -8.636  -5.496  -2.735  1.00 0.00 ? 6   LEU A HD23 1 
ATOM 88   N N    . ARG A 1 7   ? -7.785  -8.363  1.704   1.00 0.00 ? 7   ARG A N    1 
ATOM 89   C CA   . ARG A 1 7   ? -7.272  -7.918  2.979   1.00 0.00 ? 7   ARG A CA   1 
ATOM 90   C C    . ARG A 1 7   ? -6.398  -9.001  3.573   1.00 0.00 ? 7   ARG A C    1 
ATOM 91   O O    . ARG A 1 7   ? -5.313  -8.737  4.070   1.00 0.00 ? 7   ARG A O    1 
ATOM 92   C CB   . ARG A 1 7   ? -8.439  -7.617  3.927   1.00 0.00 ? 7   ARG A CB   1 
ATOM 93   C CG   . ARG A 1 7   ? -8.036  -6.979  5.244   1.00 0.00 ? 7   ARG A CG   1 
ATOM 94   C CD   . ARG A 1 7   ? -9.226  -6.848  6.186   1.00 0.00 ? 7   ARG A CD   1 
ATOM 95   N NE   . ARG A 1 7   ? -10.355 -6.110  5.589   1.00 0.00 ? 7   ARG A NE   1 
ATOM 96   C CZ   . ARG A 1 7   ? -10.813 -4.924  6.020   1.00 0.00 ? 7   ARG A CZ   1 
ATOM 97   N NH1  . ARG A 1 7   ? -10.110 -4.209  6.861   1.00 0.00 ? 7   ARG A NH1  1 
ATOM 98   N NH2  . ARG A 1 7   ? -11.944 -4.428  5.534   1.00 0.00 ? 7   ARG A NH2  1 
ATOM 99   H H    . ARG A 1 7   ? -8.753  -8.458  1.589   1.00 0.00 ? 7   ARG A H    1 
ATOM 100  H HA   . ARG A 1 7   ? -6.695  -7.018  2.832   1.00 0.00 ? 7   ARG A HA   1 
ATOM 101  H HB2  . ARG A 1 7   ? -9.127  -6.951  3.429   1.00 0.00 ? 7   ARG A HB2  1 
ATOM 102  H HB3  . ARG A 1 7   ? -8.951  -8.543  4.143   1.00 0.00 ? 7   ARG A HB3  1 
ATOM 103  H HG2  . ARG A 1 7   ? -7.282  -7.592  5.714   1.00 0.00 ? 7   ARG A HG2  1 
ATOM 104  H HG3  . ARG A 1 7   ? -7.630  -5.997  5.049   1.00 0.00 ? 7   ARG A HG3  1 
ATOM 105  H HD2  . ARG A 1 7   ? -9.565  -7.838  6.454   1.00 0.00 ? 7   ARG A HD2  1 
ATOM 106  H HD3  . ARG A 1 7   ? -8.904  -6.330  7.078   1.00 0.00 ? 7   ARG A HD3  1 
ATOM 107  H HE   . ARG A 1 7   ? -10.820 -6.587  4.866   1.00 0.00 ? 7   ARG A HE   1 
ATOM 108  H HH11 . ARG A 1 7   ? -9.209  -4.476  7.233   1.00 0.00 ? 7   ARG A HH11 1 
ATOM 109  H HH12 . ARG A 1 7   ? -10.390 -3.306  7.190   1.00 0.00 ? 7   ARG A HH12 1 
ATOM 110  H HH21 . ARG A 1 7   ? -12.461 -4.929  4.835   1.00 0.00 ? 7   ARG A HH21 1 
ATOM 111  H HH22 . ARG A 1 7   ? -12.325 -3.553  5.840   1.00 0.00 ? 7   ARG A HH22 1 
ATOM 112  N N    . ALA A 1 8   ? -6.861  -10.232 3.445   1.00 0.00 ? 8   ALA A N    1 
ATOM 113  C CA   . ALA A 1 8   ? -6.162  -11.370 3.978   1.00 0.00 ? 8   ALA A CA   1 
ATOM 114  C C    . ALA A 1 8   ? -4.828  -11.574 3.296   1.00 0.00 ? 8   ALA A C    1 
ATOM 115  O O    . ALA A 1 8   ? -3.811  -11.809 3.965   1.00 0.00 ? 8   ALA A O    1 
ATOM 116  C CB   . ALA A 1 8   ? -7.006  -12.610 3.838   1.00 0.00 ? 8   ALA A CB   1 
ATOM 117  H H    . ALA A 1 8   ? -7.715  -10.370 2.980   1.00 0.00 ? 8   ALA A H    1 
ATOM 118  H HA   . ALA A 1 8   ? -5.996  -11.198 5.030   1.00 0.00 ? 8   ALA A HA   1 
ATOM 119  H HB1  . ALA A 1 8   ? -6.500  -13.450 4.290   1.00 0.00 ? 8   ALA A HB1  1 
ATOM 120  H HB2  . ALA A 1 8   ? -7.177  -12.809 2.790   1.00 0.00 ? 8   ALA A HB2  1 
ATOM 121  H HB3  . ALA A 1 8   ? -7.950  -12.445 4.334   1.00 0.00 ? 8   ALA A HB3  1 
ATOM 122  N N    . ALA A 1 9   ? -4.829  -11.452 1.980   1.00 0.00 ? 9   ALA A N    1 
ATOM 123  C CA   . ALA A 1 9   ? -3.632  -11.663 1.188   1.00 0.00 ? 9   ALA A CA   1 
ATOM 124  C C    . ALA A 1 9   ? -2.585  -10.605 1.474   1.00 0.00 ? 9   ALA A C    1 
ATOM 125  O O    . ALA A 1 9   ? -1.423  -10.920 1.791   1.00 0.00 ? 9   ALA A O    1 
ATOM 126  C CB   . ALA A 1 9   ? -3.984  -11.662 -0.289  1.00 0.00 ? 9   ALA A CB   1 
ATOM 127  H H    . ALA A 1 9   ? -5.670  -11.224 1.528   1.00 0.00 ? 9   ALA A H    1 
ATOM 128  H HA   . ALA A 1 9   ? -3.228  -12.633 1.434   1.00 0.00 ? 9   ALA A HA   1 
ATOM 129  H HB1  . ALA A 1 9   ? -4.363  -10.686 -0.562  1.00 0.00 ? 9   ALA A HB1  1 
ATOM 130  H HB2  . ALA A 1 9   ? -4.737  -12.408 -0.489  1.00 0.00 ? 9   ALA A HB2  1 
ATOM 131  H HB3  . ALA A 1 9   ? -3.099  -11.869 -0.871  1.00 0.00 ? 9   ALA A HB3  1 
ATOM 132  N N    . VAL A 1 10  ? -3.001  -9.353  1.408   1.00 0.00 ? 10  VAL A N    1 
ATOM 133  C CA   . VAL A 1 10  ? -2.090  -8.264  1.636   1.00 0.00 ? 10  VAL A CA   1 
ATOM 134  C C    . VAL A 1 10  ? -1.573  -8.235  3.081   1.00 0.00 ? 10  VAL A C    1 
ATOM 135  O O    . VAL A 1 10  ? -0.396  -7.974  3.311   1.00 0.00 ? 10  VAL A O    1 
ATOM 136  C CB   . VAL A 1 10  ? -2.648  -6.877  1.160   1.00 0.00 ? 10  VAL A CB   1 
ATOM 137  C CG1  . VAL A 1 10  ? -3.939  -6.495  1.872   1.00 0.00 ? 10  VAL A CG1  1 
ATOM 138  C CG2  . VAL A 1 10  ? -1.590  -5.779  1.297   1.00 0.00 ? 10  VAL A CG2  1 
ATOM 139  H H    . VAL A 1 10  ? -3.943  -9.162  1.199   1.00 0.00 ? 10  VAL A H    1 
ATOM 140  H HA   . VAL A 1 10  ? -1.228  -8.503  1.028   1.00 0.00 ? 10  VAL A HA   1 
ATOM 141  H HB   . VAL A 1 10  ? -2.890  -6.971  0.108   1.00 0.00 ? 10  VAL A HB   1 
ATOM 142  H HG11 . VAL A 1 10  ? -4.753  -7.085  1.466   1.00 0.00 ? 10  VAL A HG11 1 
ATOM 143  H HG12 . VAL A 1 10  ? -4.146  -5.447  1.718   1.00 0.00 ? 10  VAL A HG12 1 
ATOM 144  H HG13 . VAL A 1 10  ? -3.845  -6.697  2.928   1.00 0.00 ? 10  VAL A HG13 1 
ATOM 145  H HG21 . VAL A 1 10  ? -1.284  -5.703  2.330   1.00 0.00 ? 10  VAL A HG21 1 
ATOM 146  H HG22 . VAL A 1 10  ? -1.996  -4.834  0.969   1.00 0.00 ? 10  VAL A HG22 1 
ATOM 147  H HG23 . VAL A 1 10  ? -0.736  -6.027  0.686   1.00 0.00 ? 10  VAL A HG23 1 
ATOM 148  N N    . LEU A 1 11  ? -2.442  -8.546  4.045   1.00 0.00 ? 11  LEU A N    1 
ATOM 149  C CA   . LEU A 1 11  ? -2.038  -8.584  5.448   1.00 0.00 ? 11  LEU A CA   1 
ATOM 150  C C    . LEU A 1 11  ? -0.997  -9.671  5.696   1.00 0.00 ? 11  LEU A C    1 
ATOM 151  O O    . LEU A 1 11  ? -0.049  -9.470  6.451   1.00 0.00 ? 11  LEU A O    1 
ATOM 152  C CB   . LEU A 1 11  ? -3.243  -8.798  6.374   1.00 0.00 ? 11  LEU A CB   1 
ATOM 153  C CG   . LEU A 1 11  ? -2.950  -8.771  7.879   1.00 0.00 ? 11  LEU A CG   1 
ATOM 154  C CD1  . LEU A 1 11  ? -2.514  -7.384  8.322   1.00 0.00 ? 11  LEU A CD1  1 
ATOM 155  C CD2  . LEU A 1 11  ? -4.161  -9.224  8.669   1.00 0.00 ? 11  LEU A CD2  1 
ATOM 156  H H    . LEU A 1 11  ? -3.378  -8.740  3.816   1.00 0.00 ? 11  LEU A H    1 
ATOM 157  H HA   . LEU A 1 11  ? -1.594  -7.627  5.675   1.00 0.00 ? 11  LEU A HA   1 
ATOM 158  H HB2  . LEU A 1 11  ? -3.973  -8.031  6.157   1.00 0.00 ? 11  LEU A HB2  1 
ATOM 159  H HB3  . LEU A 1 11  ? -3.680  -9.757  6.134   1.00 0.00 ? 11  LEU A HB3  1 
ATOM 160  H HG   . LEU A 1 11  ? -2.136  -9.450  8.086   1.00 0.00 ? 11  LEU A HG   1 
ATOM 161  H HD11 . LEU A 1 11  ? -1.624  -7.097  7.783   1.00 0.00 ? 11  LEU A HD11 1 
ATOM 162  H HD12 . LEU A 1 11  ? -2.305  -7.393  9.382   1.00 0.00 ? 11  LEU A HD12 1 
ATOM 163  H HD13 . LEU A 1 11  ? -3.303  -6.676  8.117   1.00 0.00 ? 11  LEU A HD13 1 
ATOM 164  H HD21 . LEU A 1 11  ? -3.936  -9.191  9.724   1.00 0.00 ? 11  LEU A HD21 1 
ATOM 165  H HD22 . LEU A 1 11  ? -4.417  -10.235 8.390   1.00 0.00 ? 11  LEU A HD22 1 
ATOM 166  H HD23 . LEU A 1 11  ? -4.989  -8.566  8.456   1.00 0.00 ? 11  LEU A HD23 1 
ATOM 167  N N    . ASP A 1 12  ? -1.179  -10.814 5.047   1.00 0.00 ? 12  ASP A N    1 
ATOM 168  C CA   . ASP A 1 12  ? -0.251  -11.938 5.185   1.00 0.00 ? 12  ASP A CA   1 
ATOM 169  C C    . ASP A 1 12  ? 1.127   -11.551 4.678   1.00 0.00 ? 12  ASP A C    1 
ATOM 170  O O    . ASP A 1 12  ? 2.149   -11.766 5.355   1.00 0.00 ? 12  ASP A O    1 
ATOM 171  C CB   . ASP A 1 12  ? -0.782  -13.151 4.410   1.00 0.00 ? 12  ASP A CB   1 
ATOM 172  C CG   . ASP A 1 12  ? 0.082   -14.386 4.550   1.00 0.00 ? 12  ASP A CG   1 
ATOM 173  O OD1  . ASP A 1 12  ? -0.050  -15.108 5.562   1.00 0.00 ? 12  ASP A OD1  1 
ATOM 174  O OD2  . ASP A 1 12  ? 0.863   -14.688 3.631   1.00 0.00 ? 12  ASP A OD2  1 
ATOM 175  H H    . ASP A 1 12  ? -1.951  -10.907 4.449   1.00 0.00 ? 12  ASP A H    1 
ATOM 176  H HA   . ASP A 1 12  ? -0.183  -12.194 6.232   1.00 0.00 ? 12  ASP A HA   1 
ATOM 177  H HB2  . ASP A 1 12  ? -1.771  -13.393 4.769   1.00 0.00 ? 12  ASP A HB2  1 
ATOM 178  H HB3  . ASP A 1 12  ? -0.845  -12.894 3.363   1.00 0.00 ? 12  ASP A HB3  1 
ATOM 179  N N    . ALA A 1 13  ? 1.144   -10.906 3.521   1.00 0.00 ? 13  ALA A N    1 
ATOM 180  C CA   . ALA A 1 13  ? 2.379   -10.437 2.917   1.00 0.00 ? 13  ALA A CA   1 
ATOM 181  C C    . ALA A 1 13  ? 3.031   -9.355  3.784   1.00 0.00 ? 13  ALA A C    1 
ATOM 182  O O    . ALA A 1 13  ? 4.258   -9.327  3.970   1.00 0.00 ? 13  ALA A O    1 
ATOM 183  C CB   . ALA A 1 13  ? 2.099   -9.916  1.531   1.00 0.00 ? 13  ALA A CB   1 
ATOM 184  H H    . ALA A 1 13  ? 0.295   -10.761 3.048   1.00 0.00 ? 13  ALA A H    1 
ATOM 185  H HA   . ALA A 1 13  ? 3.054   -11.278 2.843   1.00 0.00 ? 13  ALA A HA   1 
ATOM 186  H HB1  . ALA A 1 13  ? 1.654   -10.699 0.934   1.00 0.00 ? 13  ALA A HB1  1 
ATOM 187  H HB2  . ALA A 1 13  ? 3.020   -9.591  1.070   1.00 0.00 ? 13  ALA A HB2  1 
ATOM 188  H HB3  . ALA A 1 13  ? 1.413   -9.083  1.591   1.00 0.00 ? 13  ALA A HB3  1 
ATOM 189  N N    . LEU A 1 14  ? 2.193   -8.486  4.322   1.00 0.00 ? 14  LEU A N    1 
ATOM 190  C CA   . LEU A 1 14  ? 2.589   -7.422  5.241   1.00 0.00 ? 14  LEU A CA   1 
ATOM 191  C C    . LEU A 1 14  ? 3.286   -7.995  6.465   1.00 0.00 ? 14  LEU A C    1 
ATOM 192  O O    . LEU A 1 14  ? 4.354   -7.514  6.883   1.00 0.00 ? 14  LEU A O    1 
ATOM 193  C CB   . LEU A 1 14  ? 1.293   -6.638  5.631   1.00 0.00 ? 14  LEU A CB   1 
ATOM 194  C CG   . LEU A 1 14  ? 1.354   -5.539  6.710   1.00 0.00 ? 14  LEU A CG   1 
ATOM 195  C CD1  . LEU A 1 14  ? 0.171   -4.598  6.554   1.00 0.00 ? 14  LEU A CD1  1 
ATOM 196  C CD2  . LEU A 1 14  ? 1.275   -6.159  8.107   1.00 0.00 ? 14  LEU A CD2  1 
ATOM 197  H H    . LEU A 1 14  ? 1.243   -8.559  4.075   1.00 0.00 ? 14  LEU A H    1 
ATOM 198  H HA   . LEU A 1 14  ? 3.253   -6.745  4.727   1.00 0.00 ? 14  LEU A HA   1 
ATOM 199  H HB2  . LEU A 1 14  ? 0.910   -6.177  4.732   1.00 0.00 ? 14  LEU A HB2  1 
ATOM 200  H HB3  . LEU A 1 14  ? 0.569   -7.375  5.947   1.00 0.00 ? 14  LEU A HB3  1 
ATOM 201  H HG   . LEU A 1 14  ? 2.275   -4.980  6.634   1.00 0.00 ? 14  LEU A HG   1 
ATOM 202  H HD11 . LEU A 1 14  ? 0.205   -4.122  5.585   1.00 0.00 ? 14  LEU A HD11 1 
ATOM 203  H HD12 . LEU A 1 14  ? 0.218   -3.845  7.328   1.00 0.00 ? 14  LEU A HD12 1 
ATOM 204  H HD13 . LEU A 1 14  ? -0.749  -5.154  6.653   1.00 0.00 ? 14  LEU A HD13 1 
ATOM 205  H HD21 . LEU A 1 14  ? 0.352   -6.708  8.214   1.00 0.00 ? 14  LEU A HD21 1 
ATOM 206  H HD22 . LEU A 1 14  ? 1.316   -5.375  8.849   1.00 0.00 ? 14  LEU A HD22 1 
ATOM 207  H HD23 . LEU A 1 14  ? 2.112   -6.826  8.250   1.00 0.00 ? 14  LEU A HD23 1 
ATOM 208  N N    . GLU A 1 15  ? 2.696   -9.038  7.001   1.00 0.00 ? 15  GLU A N    1 
ATOM 209  C CA   . GLU A 1 15  ? 3.174   -9.691  8.193   1.00 0.00 ? 15  GLU A CA   1 
ATOM 210  C C    . GLU A 1 15  ? 4.562   -10.278 7.947   1.00 0.00 ? 15  GLU A C    1 
ATOM 211  O O    . GLU A 1 15  ? 5.476   -10.149 8.763   1.00 0.00 ? 15  GLU A O    1 
ATOM 212  C CB   . GLU A 1 15  ? 2.183   -10.813 8.547   1.00 0.00 ? 15  GLU A CB   1 
ATOM 213  C CG   . GLU A 1 15  ? 2.421   -11.469 9.882   1.00 0.00 ? 15  GLU A CG   1 
ATOM 214  C CD   . GLU A 1 15  ? 2.204   -10.502 11.004  1.00 0.00 ? 15  GLU A CD   1 
ATOM 215  O OE1  . GLU A 1 15  ? 1.040   -10.201 11.329  1.00 0.00 ? 15  GLU A OE1  1 
ATOM 216  O OE2  . GLU A 1 15  ? 3.183   -10.013 11.565  1.00 0.00 ? 15  GLU A OE2  1 
ATOM 217  H H    . GLU A 1 15  ? 1.869   -9.371  6.583   1.00 0.00 ? 15  GLU A H    1 
ATOM 218  H HA   . GLU A 1 15  ? 3.200   -8.984  9.007   1.00 0.00 ? 15  GLU A HA   1 
ATOM 219  H HB2  . GLU A 1 15  ? 1.185   -10.402 8.553   1.00 0.00 ? 15  GLU A HB2  1 
ATOM 220  H HB3  . GLU A 1 15  ? 2.239   -11.570 7.779   1.00 0.00 ? 15  GLU A HB3  1 
ATOM 221  H HG2  . GLU A 1 15  ? 1.735   -12.296 9.997   1.00 0.00 ? 15  GLU A HG2  1 
ATOM 222  H HG3  . GLU A 1 15  ? 3.438   -11.827 9.923   1.00 0.00 ? 15  GLU A HG3  1 
ATOM 223  N N    . LYS A 1 16  ? 4.704   -10.895 6.809   1.00 0.00 ? 16  LYS A N    1 
ATOM 224  C CA   . LYS A 1 16  ? 5.933   -11.545 6.425   1.00 0.00 ? 16  LYS A CA   1 
ATOM 225  C C    . LYS A 1 16  ? 7.059   -10.588 5.999   1.00 0.00 ? 16  LYS A C    1 
ATOM 226  O O    . LYS A 1 16  ? 8.206   -10.746 6.417   1.00 0.00 ? 16  LYS A O    1 
ATOM 227  C CB   . LYS A 1 16  ? 5.627   -12.536 5.329   1.00 0.00 ? 16  LYS A CB   1 
ATOM 228  C CG   . LYS A 1 16  ? 4.725   -13.661 5.789   1.00 0.00 ? 16  LYS A CG   1 
ATOM 229  C CD   . LYS A 1 16  ? 4.374   -14.586 4.657   1.00 0.00 ? 16  LYS A CD   1 
ATOM 230  C CE   . LYS A 1 16  ? 3.457   -15.686 5.133   1.00 0.00 ? 16  LYS A CE   1 
ATOM 231  N NZ   . LYS A 1 16  ? 2.831   -16.406 4.017   1.00 0.00 ? 16  LYS A NZ   1 
ATOM 232  H H    . LYS A 1 16  ? 3.932   -10.922 6.199   1.00 0.00 ? 16  LYS A H    1 
ATOM 233  H HA   . LYS A 1 16  ? 6.277   -12.112 7.278   1.00 0.00 ? 16  LYS A HA   1 
ATOM 234  H HB2  . LYS A 1 16  ? 5.146   -12.018 4.512   1.00 0.00 ? 16  LYS A HB2  1 
ATOM 235  H HB3  . LYS A 1 16  ? 6.555   -12.963 4.983   1.00 0.00 ? 16  LYS A HB3  1 
ATOM 236  H HG2  . LYS A 1 16  ? 5.231   -14.226 6.558   1.00 0.00 ? 16  LYS A HG2  1 
ATOM 237  H HG3  . LYS A 1 16  ? 3.818   -13.235 6.193   1.00 0.00 ? 16  LYS A HG3  1 
ATOM 238  H HD2  . LYS A 1 16  ? 3.881   -14.025 3.877   1.00 0.00 ? 16  LYS A HD2  1 
ATOM 239  H HD3  . LYS A 1 16  ? 5.282   -15.025 4.273   1.00 0.00 ? 16  LYS A HD3  1 
ATOM 240  H HE2  . LYS A 1 16  ? 4.025   -16.386 5.725   1.00 0.00 ? 16  LYS A HE2  1 
ATOM 241  H HE3  . LYS A 1 16  ? 2.685   -15.246 5.746   1.00 0.00 ? 16  LYS A HE3  1 
ATOM 242  H HZ1  . LYS A 1 16  ? 3.515   -16.698 3.290   1.00 0.00 ? 16  LYS A HZ1  1 
ATOM 243  H HZ2  . LYS A 1 16  ? 2.115   -15.769 3.596   1.00 0.00 ? 16  LYS A HZ2  1 
ATOM 244  H HZ3  . LYS A 1 16  ? 2.329   -17.241 4.378   1.00 0.00 ? 16  LYS A HZ3  1 
ATOM 245  N N    . HIS A 1 17  ? 6.749   -9.615  5.176   1.00 0.00 ? 17  HIS A N    1 
ATOM 246  C CA   . HIS A 1 17  ? 7.801   -8.781  4.596   1.00 0.00 ? 17  HIS A CA   1 
ATOM 247  C C    . HIS A 1 17  ? 7.986   -7.354  5.093   1.00 0.00 ? 17  HIS A C    1 
ATOM 248  O O    . HIS A 1 17  ? 9.002   -6.758  4.775   1.00 0.00 ? 17  HIS A O    1 
ATOM 249  C CB   . HIS A 1 17  ? 7.837   -8.851  3.072   1.00 0.00 ? 17  HIS A CB   1 
ATOM 250  C CG   . HIS A 1 17  ? 8.637   -9.994  2.531   1.00 0.00 ? 17  HIS A CG   1 
ATOM 251  N ND1  . HIS A 1 17  ? 8.102   -11.176 2.076   1.00 0.00 ? 17  HIS A ND1  1 
ATOM 252  C CD2  . HIS A 1 17  ? 9.969   -10.099 2.338   1.00 0.00 ? 17  HIS A CD2  1 
ATOM 253  C CE1  . HIS A 1 17  ? 9.070   -11.944 1.623   1.00 0.00 ? 17  HIS A CE1  1 
ATOM 254  N NE2  . HIS A 1 17  ? 10.209  -11.315 1.773   1.00 0.00 ? 17  HIS A NE2  1 
ATOM 255  H H    . HIS A 1 17  ? 5.806   -9.460  4.934   1.00 0.00 ? 17  HIS A H    1 
ATOM 256  H HA   . HIS A 1 17  ? 8.701   -9.284  4.917   1.00 0.00 ? 17  HIS A HA   1 
ATOM 257  H HB2  . HIS A 1 17  ? 6.825   -8.965  2.712   1.00 0.00 ? 17  HIS A HB2  1 
ATOM 258  H HB3  . HIS A 1 17  ? 8.250   -7.932  2.684   1.00 0.00 ? 17  HIS A HB3  1 
ATOM 259  H HD1  . HIS A 1 17  ? 7.155   -11.474 2.091   1.00 0.00 ? 17  HIS A HD1  1 
ATOM 260  H HD2  . HIS A 1 17  ? 10.709  -9.350  2.582   1.00 0.00 ? 17  HIS A HD2  1 
ATOM 261  H HE1  . HIS A 1 17  ? 8.948   -12.928 1.195   1.00 0.00 ? 17  HIS A HE1  1 
ATOM 262  H HE2  . HIS A 1 17  ? 11.062  -11.789 1.898   1.00 0.00 ? 17  HIS A HE2  1 
ATOM 263  N N    . ASP A 1 18  ? 7.070   -6.780  5.824   1.00 0.00 ? 18  ASP A N    1 
ATOM 264  C CA   . ASP A 1 18  ? 7.318   -5.386  6.242   1.00 0.00 ? 18  ASP A CA   1 
ATOM 265  C C    . ASP A 1 18  ? 8.156   -5.275  7.509   1.00 0.00 ? 18  ASP A C    1 
ATOM 266  O O    . ASP A 1 18  ? 8.215   -6.214  8.329   1.00 0.00 ? 18  ASP A O    1 
ATOM 267  C CB   . ASP A 1 18  ? 6.056   -4.482  6.319   1.00 0.00 ? 18  ASP A CB   1 
ATOM 268  C CG   . ASP A 1 18  ? 6.435   -3.026  6.705   1.00 0.00 ? 18  ASP A CG   1 
ATOM 269  O OD1  . ASP A 1 18  ? 7.072   -2.340  5.894   1.00 0.00 ? 18  ASP A OD1  1 
ATOM 270  O OD2  . ASP A 1 18  ? 6.267   -2.648  7.900   1.00 0.00 ? 18  ASP A OD2  1 
ATOM 271  H H    . ASP A 1 18  ? 6.250   -7.244  6.098   1.00 0.00 ? 18  ASP A H    1 
ATOM 272  H HA   . ASP A 1 18  ? 7.956   -4.997  5.460   1.00 0.00 ? 18  ASP A HA   1 
ATOM 273  H HB2  . ASP A 1 18  ? 5.562   -4.473  5.359   1.00 0.00 ? 18  ASP A HB2  1 
ATOM 274  H HB3  . ASP A 1 18  ? 5.384   -4.872  7.070   1.00 0.00 ? 18  ASP A HB3  1 
ATOM 275  N N    . THR A 1 19  ? 8.788   -4.117  7.625   1.00 0.00 ? 19  THR A N    1 
ATOM 276  C CA   . THR A 1 19  ? 9.587   -3.625  8.711   1.00 0.00 ? 19  THR A CA   1 
ATOM 277  C C    . THR A 1 19  ? 8.876   -3.904  10.044  1.00 0.00 ? 19  THR A C    1 
ATOM 278  O O    . THR A 1 19  ? 9.506   -4.311  11.022  1.00 0.00 ? 19  THR A O    1 
ATOM 279  C CB   . THR A 1 19  ? 9.605   -2.098  8.532   1.00 0.00 ? 19  THR A CB   1 
ATOM 280  O OG1  . THR A 1 19  ? 9.785   -1.799  7.148   1.00 0.00 ? 19  THR A OG1  1 
ATOM 281  C CG2  . THR A 1 19  ? 10.717  -1.446  9.328   1.00 0.00 ? 19  THR A CG2  1 
ATOM 282  H H    . THR A 1 19  ? 8.700   -3.484  6.878   1.00 0.00 ? 19  THR A H    1 
ATOM 283  H HA   . THR A 1 19  ? 10.603  -3.981  8.678   1.00 0.00 ? 19  THR A HA   1 
ATOM 284  H HB   . THR A 1 19  ? 8.652   -1.704  8.856   1.00 0.00 ? 19  THR A HB   1 
ATOM 285  H HG1  . THR A 1 19  ? 8.905   -1.658  6.761   1.00 0.00 ? 19  THR A HG1  1 
ATOM 286  H HG21 . THR A 1 19  ? 10.583  -1.659  10.379  1.00 0.00 ? 19  THR A HG21 1 
ATOM 287  H HG22 . THR A 1 19  ? 10.661  -0.381  9.158   1.00 0.00 ? 19  THR A HG22 1 
ATOM 288  H HG23 . THR A 1 19  ? 11.671  -1.820  8.988   1.00 0.00 ? 19  THR A HG23 1 
ATOM 289  N N    . GLY A 1 20  ? 7.567   -3.693  10.066  1.00 0.00 ? 20  GLY A N    1 
ATOM 290  C CA   . GLY A 1 20  ? 6.794   -3.985  11.239  1.00 0.00 ? 20  GLY A CA   1 
ATOM 291  C C    . GLY A 1 20  ? 6.805   -2.877  12.244  1.00 0.00 ? 20  GLY A C    1 
ATOM 292  O O    . GLY A 1 20  ? 6.691   -3.127  13.442  1.00 0.00 ? 20  GLY A O    1 
ATOM 293  H H    . GLY A 1 20  ? 7.118   -3.340  9.255   1.00 0.00 ? 20  GLY A H    1 
ATOM 294  H HA2  . GLY A 1 20  ? 5.771   -4.164  10.948  1.00 0.00 ? 20  GLY A HA2  1 
ATOM 295  H HA3  . GLY A 1 20  ? 7.188   -4.878  11.701  1.00 0.00 ? 20  GLY A HA3  1 
ATOM 296  N N    . ALA A 1 21  ? 6.939   -1.647  11.785  1.00 0.00 ? 21  ALA A N    1 
ATOM 297  C CA   . ALA A 1 21  ? 6.998   -0.532  12.718  1.00 0.00 ? 21  ALA A CA   1 
ATOM 298  C C    . ALA A 1 21  ? 5.595   -0.152  13.230  1.00 0.00 ? 21  ALA A C    1 
ATOM 299  O O    . ALA A 1 21  ? 5.310   -0.246  14.424  1.00 0.00 ? 21  ALA A O    1 
ATOM 300  C CB   . ALA A 1 21  ? 7.672   0.662   12.050  1.00 0.00 ? 21  ALA A CB   1 
ATOM 301  H H    . ALA A 1 21  ? 6.995   -1.512  10.816  1.00 0.00 ? 21  ALA A H    1 
ATOM 302  H HA   . ALA A 1 21  ? 7.603   -0.837  13.558  1.00 0.00 ? 21  ALA A HA   1 
ATOM 303  H HB1  . ALA A 1 21  ? 7.065   1.000   11.223  1.00 0.00 ? 21  ALA A HB1  1 
ATOM 304  H HB2  . ALA A 1 21  ? 8.644   0.368   11.684  1.00 0.00 ? 21  ALA A HB2  1 
ATOM 305  H HB3  . ALA A 1 21  ? 7.786   1.463   12.765  1.00 0.00 ? 21  ALA A HB3  1 
ATOM 306  N N    . THR A 1 22  ? 4.728   0.267   12.335  1.00 0.00 ? 22  THR A N    1 
ATOM 307  C CA   . THR A 1 22  ? 3.343   0.579   12.659  1.00 0.00 ? 22  THR A CA   1 
ATOM 308  C C    . THR A 1 22  ? 2.502   0.342   11.411  1.00 0.00 ? 22  THR A C    1 
ATOM 309  O O    . THR A 1 22  ? 2.879   0.818   10.339  1.00 0.00 ? 22  THR A O    1 
ATOM 310  C CB   . THR A 1 22  ? 3.199   2.051   13.139  1.00 0.00 ? 22  THR A CB   1 
ATOM 311  O OG1  . THR A 1 22  ? 4.069   2.264   14.260  1.00 0.00 ? 22  THR A OG1  1 
ATOM 312  C CG2  . THR A 1 22  ? 1.770   2.361   13.565  1.00 0.00 ? 22  THR A CG2  1 
ATOM 313  H H    . THR A 1 22  ? 4.990   0.371   11.396  1.00 0.00 ? 22  THR A H    1 
ATOM 314  H HA   . THR A 1 22  ? 3.019   -0.094  13.438  1.00 0.00 ? 22  THR A HA   1 
ATOM 315  H HB   . THR A 1 22  ? 3.487   2.711   12.333  1.00 0.00 ? 22  THR A HB   1 
ATOM 316  H HG1  . THR A 1 22  ? 4.434   1.396   14.487  1.00 0.00 ? 22  THR A HG1  1 
ATOM 317  H HG21 . THR A 1 22  ? 1.101   2.195   12.733  1.00 0.00 ? 22  THR A HG21 1 
ATOM 318  H HG22 . THR A 1 22  ? 1.703   3.391   13.882  1.00 0.00 ? 22  THR A HG22 1 
ATOM 319  H HG23 . THR A 1 22  ? 1.495   1.714   14.385  1.00 0.00 ? 22  THR A HG23 1 
ATOM 320  N N    . PHE A 1 23  ? 1.412   -0.381  11.528  1.00 0.00 ? 23  PHE A N    1 
ATOM 321  C CA   . PHE A 1 23  ? 0.572   -0.662  10.383  1.00 0.00 ? 23  PHE A CA   1 
ATOM 322  C C    . PHE A 1 23  ? -0.793  -0.100  10.547  1.00 0.00 ? 23  PHE A C    1 
ATOM 323  O O    . PHE A 1 23  ? -1.344  -0.100  11.649  1.00 0.00 ? 23  PHE A O    1 
ATOM 324  C CB   . PHE A 1 23  ? 0.413   -2.147  10.175  1.00 0.00 ? 23  PHE A CB   1 
ATOM 325  C CG   . PHE A 1 23  ? 1.669   -2.854  9.922   1.00 0.00 ? 23  PHE A CG   1 
ATOM 326  C CD1  . PHE A 1 23  ? 2.258   -2.775  8.695   1.00 0.00 ? 23  PHE A CD1  1 
ATOM 327  C CD2  . PHE A 1 23  ? 2.266   -3.602  10.913  1.00 0.00 ? 23  PHE A CD2  1 
ATOM 328  C CE1  . PHE A 1 23  ? 3.418   -3.430  8.442   1.00 0.00 ? 23  PHE A CE1  1 
ATOM 329  C CE2  . PHE A 1 23  ? 3.430   -4.266  10.669  1.00 0.00 ? 23  PHE A CE2  1 
ATOM 330  C CZ   . PHE A 1 23  ? 4.010   -4.182  9.425   1.00 0.00 ? 23  PHE A CZ   1 
ATOM 331  H H    . PHE A 1 23  ? 1.157   -0.735  12.406  1.00 0.00 ? 23  PHE A H    1 
ATOM 332  H HA   . PHE A 1 23  ? 1.037   -0.252  9.499   1.00 0.00 ? 23  PHE A HA   1 
ATOM 333  H HB2  . PHE A 1 23  ? -0.037  -2.576  11.056  1.00 0.00 ? 23  PHE A HB2  1 
ATOM 334  H HB3  . PHE A 1 23  ? -0.243  -2.312  9.332   1.00 0.00 ? 23  PHE A HB3  1 
ATOM 335  H HD1  . PHE A 1 23  ? 1.791   -2.184  7.921   1.00 0.00 ? 23  PHE A HD1  1 
ATOM 336  H HD2  . PHE A 1 23  ? 1.803   -3.668  11.886  1.00 0.00 ? 23  PHE A HD2  1 
ATOM 337  H HE1  . PHE A 1 23  ? 3.864   -3.358  7.460   1.00 0.00 ? 23  PHE A HE1  1 
ATOM 338  H HE2  . PHE A 1 23  ? 3.890   -4.849  11.452  1.00 0.00 ? 23  PHE A HE2  1 
ATOM 339  H HZ   . PHE A 1 23  ? 4.932   -4.702  9.213   1.00 0.00 ? 23  PHE A HZ   1 
ATOM 340  N N    . PHE A 1 24  ? -1.340  0.388   9.477   1.00 0.00 ? 24  PHE A N    1 
ATOM 341  C CA   . PHE A 1 24  ? -2.717  0.768   9.459   1.00 0.00 ? 24  PHE A CA   1 
ATOM 342  C C    . PHE A 1 24  ? -3.480  -0.021  8.397   1.00 0.00 ? 24  PHE A C    1 
ATOM 343  O O    . PHE A 1 24  ? -3.006  -0.177  7.243   1.00 0.00 ? 24  PHE A O    1 
ATOM 344  C CB   . PHE A 1 24  ? -2.909  2.275   9.282   1.00 0.00 ? 24  PHE A CB   1 
ATOM 345  C CG   . PHE A 1 24  ? -2.354  3.106   10.406  1.00 0.00 ? 24  PHE A CG   1 
ATOM 346  C CD1  . PHE A 1 24  ? -3.054  3.236   11.595  1.00 0.00 ? 24  PHE A CD1  1 
ATOM 347  C CD2  . PHE A 1 24  ? -1.135  3.753   10.279  1.00 0.00 ? 24  PHE A CD2  1 
ATOM 348  C CE1  . PHE A 1 24  ? -2.552  3.994   12.634  1.00 0.00 ? 24  PHE A CE1  1 
ATOM 349  C CE2  . PHE A 1 24  ? -0.630  4.514   11.315  1.00 0.00 ? 24  PHE A CE2  1 
ATOM 350  C CZ   . PHE A 1 24  ? -1.339  4.635   12.493  1.00 0.00 ? 24  PHE A CZ   1 
ATOM 351  H H    . PHE A 1 24  ? -0.785  0.502   8.673   1.00 0.00 ? 24  PHE A H    1 
ATOM 352  H HA   . PHE A 1 24  ? -3.117  0.478   10.419  1.00 0.00 ? 24  PHE A HA   1 
ATOM 353  H HB2  . PHE A 1 24  ? -2.425  2.585   8.369   1.00 0.00 ? 24  PHE A HB2  1 
ATOM 354  H HB3  . PHE A 1 24  ? -3.966  2.484   9.203   1.00 0.00 ? 24  PHE A HB3  1 
ATOM 355  H HD1  . PHE A 1 24  ? -4.005  2.735   11.706  1.00 0.00 ? 24  PHE A HD1  1 
ATOM 356  H HD2  . PHE A 1 24  ? -0.579  3.662   9.358   1.00 0.00 ? 24  PHE A HD2  1 
ATOM 357  H HE1  . PHE A 1 24  ? -3.110  4.086   13.554  1.00 0.00 ? 24  PHE A HE1  1 
ATOM 358  H HE2  . PHE A 1 24  ? 0.321   5.014   11.203  1.00 0.00 ? 24  PHE A HE2  1 
ATOM 359  H HZ   . PHE A 1 24  ? -0.944  5.229   13.305  1.00 0.00 ? 24  PHE A HZ   1 
ATOM 360  N N    . ASP A 1 25  ? -4.630  -0.536  8.814   1.00 0.00 ? 25  ASP A N    1 
ATOM 361  C CA   . ASP A 1 25  ? -5.589  -1.282  7.966   1.00 0.00 ? 25  ASP A CA   1 
ATOM 362  C C    . ASP A 1 25  ? -6.096  -0.410  6.824   1.00 0.00 ? 25  ASP A C    1 
ATOM 363  O O    . ASP A 1 25  ? -6.399  -0.879  5.732   1.00 0.00 ? 25  ASP A O    1 
ATOM 364  C CB   . ASP A 1 25  ? -6.749  -1.742  8.848   1.00 0.00 ? 25  ASP A CB   1 
ATOM 365  C CG   . ASP A 1 25  ? -7.844  -2.460  8.116   1.00 0.00 ? 25  ASP A CG   1 
ATOM 366  O OD1  . ASP A 1 25  ? -7.681  -3.658  7.794   1.00 0.00 ? 25  ASP A OD1  1 
ATOM 367  O OD2  . ASP A 1 25  ? -8.943  -1.851  7.914   1.00 0.00 ? 25  ASP A OD2  1 
ATOM 368  H H    . ASP A 1 25  ? -4.860  -0.422  9.763   1.00 0.00 ? 25  ASP A H    1 
ATOM 369  H HA   . ASP A 1 25  ? -5.089  -2.149  7.562   1.00 0.00 ? 25  ASP A HA   1 
ATOM 370  H HB2  . ASP A 1 25  ? -6.359  -2.419  9.593   1.00 0.00 ? 25  ASP A HB2  1 
ATOM 371  H HB3  . ASP A 1 25  ? -7.168  -0.885  9.349   1.00 0.00 ? 25  ASP A HB3  1 
ATOM 372  N N    . GLY A 1 26  ? -6.223  0.839   7.130   1.00 0.00 ? 26  GLY A N    1 
ATOM 373  C CA   . GLY A 1 26  ? -6.570  1.848   6.189   1.00 0.00 ? 26  GLY A CA   1 
ATOM 374  C C    . GLY A 1 26  ? -5.994  3.112   6.720   1.00 0.00 ? 26  GLY A C    1 
ATOM 375  O O    . GLY A 1 26  ? -5.627  3.133   7.906   1.00 0.00 ? 26  GLY A O    1 
ATOM 376  H H    . GLY A 1 26  ? -6.051  1.120   8.053   1.00 0.00 ? 26  GLY A H    1 
ATOM 377  H HA2  . GLY A 1 26  ? -6.148  1.612   5.223   1.00 0.00 ? 26  GLY A HA2  1 
ATOM 378  H HA3  . GLY A 1 26  ? -7.643  1.951   6.121   1.00 0.00 ? 26  GLY A HA3  1 
ATOM 379  N N    . ARG A 1 27  ? -5.919  4.154   5.937   1.00 0.00 ? 27  ARG A N    1 
ATOM 380  C CA   . ARG A 1 27  ? -5.348  5.389   6.430   1.00 0.00 ? 27  ARG A CA   1 
ATOM 381  C C    . ARG A 1 27  ? -6.278  5.998   7.498   1.00 0.00 ? 27  ARG A C    1 
ATOM 382  O O    . ARG A 1 27  ? -7.462  6.211   7.248   1.00 0.00 ? 27  ARG A O    1 
ATOM 383  C CB   . ARG A 1 27  ? -5.027  6.367   5.285   1.00 0.00 ? 27  ARG A CB   1 
ATOM 384  C CG   . ARG A 1 27  ? -4.455  7.689   5.766   1.00 0.00 ? 27  ARG A CG   1 
ATOM 385  C CD   . ARG A 1 27  ? -3.902  8.548   4.636   1.00 0.00 ? 27  ARG A CD   1 
ATOM 386  N NE   . ARG A 1 27  ? -4.874  8.792   3.571   1.00 0.00 ? 27  ARG A NE   1 
ATOM 387  C CZ   . ARG A 1 27  ? -5.805  9.755   3.574   1.00 0.00 ? 27  ARG A CZ   1 
ATOM 388  N NH1  . ARG A 1 27  ? -5.948  10.550  4.635   1.00 0.00 ? 27  ARG A NH1  1 
ATOM 389  N NH2  . ARG A 1 27  ? -6.585  9.922   2.509   1.00 0.00 ? 27  ARG A NH2  1 
ATOM 390  H H    . ARG A 1 27  ? -6.282  4.113   5.027   1.00 0.00 ? 27  ARG A H    1 
ATOM 391  H HA   . ARG A 1 27  ? -4.432  5.103   6.927   1.00 0.00 ? 27  ARG A HA   1 
ATOM 392  H HB2  . ARG A 1 27  ? -4.306  5.908   4.624   1.00 0.00 ? 27  ARG A HB2  1 
ATOM 393  H HB3  . ARG A 1 27  ? -5.937  6.571   4.737   1.00 0.00 ? 27  ARG A HB3  1 
ATOM 394  H HG2  . ARG A 1 27  ? -5.241  8.239   6.261   1.00 0.00 ? 27  ARG A HG2  1 
ATOM 395  H HG3  . ARG A 1 27  ? -3.664  7.487   6.473   1.00 0.00 ? 27  ARG A HG3  1 
ATOM 396  H HD2  . ARG A 1 27  ? -3.589  9.498   5.041   1.00 0.00 ? 27  ARG A HD2  1 
ATOM 397  H HD3  . ARG A 1 27  ? -3.043  8.047   4.214   1.00 0.00 ? 27  ARG A HD3  1 
ATOM 398  H HE   . ARG A 1 27  ? -4.756  8.190   2.800   1.00 0.00 ? 27  ARG A HE   1 
ATOM 399  H HH11 . ARG A 1 27  ? -5.376  10.461  5.457   1.00 0.00 ? 27  ARG A HH11 1 
ATOM 400  H HH12 . ARG A 1 27  ? -6.646  11.268  4.682   1.00 0.00 ? 27  ARG A HH12 1 
ATOM 401  H HH21 . ARG A 1 27  ? -6.475  9.339   1.699   1.00 0.00 ? 27  ARG A HH21 1 
ATOM 402  H HH22 . ARG A 1 27  ? -7.312  10.613  2.478   1.00 0.00 ? 27  ARG A HH22 1 
ATOM 403  N N    . PRO A 1 28  ? -5.750  6.216   8.714   1.00 0.00 ? 28  PRO A N    1 
ATOM 404  C CA   . PRO A 1 28  ? -6.528  6.686   9.866   1.00 0.00 ? 28  PRO A CA   1 
ATOM 405  C C    . PRO A 1 28  ? -7.072  8.110   9.742   1.00 0.00 ? 28  PRO A C    1 
ATOM 406  O O    . PRO A 1 28  ? -6.559  8.934   8.984   1.00 0.00 ? 28  PRO A O    1 
ATOM 407  C CB   . PRO A 1 28  ? -5.549  6.581   11.032  1.00 0.00 ? 28  PRO A CB   1 
ATOM 408  C CG   . PRO A 1 28  ? -4.210  6.691   10.406  1.00 0.00 ? 28  PRO A CG   1 
ATOM 409  C CD   . PRO A 1 28  ? -4.325  6.032   9.067   1.00 0.00 ? 28  PRO A CD   1 
ATOM 410  H HA   . PRO A 1 28  ? -7.359  6.023   10.051  1.00 0.00 ? 28  PRO A HA   1 
ATOM 411  H HB2  . PRO A 1 28  ? -5.739  7.380   11.732  1.00 0.00 ? 28  PRO A HB2  1 
ATOM 412  H HB3  . PRO A 1 28  ? -5.676  5.631   11.530  1.00 0.00 ? 28  PRO A HB3  1 
ATOM 413  H HG2  . PRO A 1 28  ? -3.944  7.732   10.287  1.00 0.00 ? 28  PRO A HG2  1 
ATOM 414  H HG3  . PRO A 1 28  ? -3.475  6.181   11.013  1.00 0.00 ? 28  PRO A HG3  1 
ATOM 415  H HD2  . PRO A 1 28  ? -3.679  6.522   8.355   1.00 0.00 ? 28  PRO A HD2  1 
ATOM 416  H HD3  . PRO A 1 28  ? -4.081  4.982   9.144   1.00 0.00 ? 28  PRO A HD3  1 
ATOM 417  N N    . ALA A 1 29  ? -8.103  8.385   10.515  1.00 0.00 ? 29  ALA A N    1 
ATOM 418  C CA   . ALA A 1 29  ? -8.770  9.683   10.564  1.00 0.00 ? 29  ALA A CA   1 
ATOM 419  C C    . ALA A 1 29  ? -8.191  10.523  11.712  1.00 0.00 ? 29  ALA A C    1 
ATOM 420  O O    . ALA A 1 29  ? -8.885  11.304  12.360  1.00 0.00 ? 29  ALA A O    1 
ATOM 421  C CB   . ALA A 1 29  ? -10.266 9.474   10.742  1.00 0.00 ? 29  ALA A CB   1 
ATOM 422  H H    . ALA A 1 29  ? -8.445  7.672   11.098  1.00 0.00 ? 29  ALA A H    1 
ATOM 423  H HA   . ALA A 1 29  ? -8.592  10.190  9.627   1.00 0.00 ? 29  ALA A HA   1 
ATOM 424  H HB1  . ALA A 1 29  ? -10.649 8.885   9.923   1.00 0.00 ? 29  ALA A HB1  1 
ATOM 425  H HB2  . ALA A 1 29  ? -10.764 10.432  10.761  1.00 0.00 ? 29  ALA A HB2  1 
ATOM 426  H HB3  . ALA A 1 29  ? -10.446 8.958   11.672  1.00 0.00 ? 29  ALA A HB3  1 
ATOM 427  N N    . VAL A 1 30  ? -6.909  10.405  11.888  1.00 0.00 ? 30  VAL A N    1 
ATOM 428  C CA   . VAL A 1 30  ? -6.183  11.108  12.939  1.00 0.00 ? 30  VAL A CA   1 
ATOM 429  C C    . VAL A 1 30  ? -5.378  12.227  12.297  1.00 0.00 ? 30  VAL A C    1 
ATOM 430  O O    . VAL A 1 30  ? -5.582  12.508  11.129  1.00 0.00 ? 30  VAL A O    1 
ATOM 431  C CB   . VAL A 1 30  ? -5.224  10.142  13.715  1.00 0.00 ? 30  VAL A CB   1 
ATOM 432  C CG1  . VAL A 1 30  ? -6.003  9.026   14.389  1.00 0.00 ? 30  VAL A CG1  1 
ATOM 433  C CG2  . VAL A 1 30  ? -4.148  9.556   12.800  1.00 0.00 ? 30  VAL A CG2  1 
ATOM 434  H H    . VAL A 1 30  ? -6.522  9.760   11.260  1.00 0.00 ? 30  VAL A H    1 
ATOM 435  H HA   . VAL A 1 30  ? -6.902  11.532  13.626  1.00 0.00 ? 30  VAL A HA   1 
ATOM 436  H HB   . VAL A 1 30  ? -4.739  10.717  14.488  1.00 0.00 ? 30  VAL A HB   1 
ATOM 437  H HG11 . VAL A 1 30  ? -6.691  9.448   15.107  1.00 0.00 ? 30  VAL A HG11 1 
ATOM 438  H HG12 . VAL A 1 30  ? -5.318  8.359   14.890  1.00 0.00 ? 30  VAL A HG12 1 
ATOM 439  H HG13 . VAL A 1 30  ? -6.558  8.478   13.643  1.00 0.00 ? 30  VAL A HG13 1 
ATOM 440  H HG21 . VAL A 1 30  ? -3.536  8.860   13.354  1.00 0.00 ? 30  VAL A HG21 1 
ATOM 441  H HG22 . VAL A 1 30  ? -3.527  10.359  12.430  1.00 0.00 ? 30  VAL A HG22 1 
ATOM 442  H HG23 . VAL A 1 30  ? -4.612  9.053   11.966  1.00 0.00 ? 30  VAL A HG23 1 
ATOM 443  N N    . PHE A 1 31  ? -4.481  12.849  13.030  1.00 0.00 ? 31  PHE A N    1 
ATOM 444  C CA   . PHE A 1 31  ? -3.705  13.951  12.482  1.00 0.00 ? 31  PHE A CA   1 
ATOM 445  C C    . PHE A 1 31  ? -2.556  13.322  11.738  1.00 0.00 ? 31  PHE A C    1 
ATOM 446  O O    . PHE A 1 31  ? -2.344  12.117  11.916  1.00 0.00 ? 31  PHE A O    1 
ATOM 447  C CB   . PHE A 1 31  ? -3.200  14.915  13.587  1.00 0.00 ? 31  PHE A CB   1 
ATOM 448  C CG   . PHE A 1 31  ? -2.129  14.357  14.496  1.00 0.00 ? 31  PHE A CG   1 
ATOM 449  C CD1  . PHE A 1 31  ? -2.454  13.567  15.585  1.00 0.00 ? 31  PHE A CD1  1 
ATOM 450  C CD2  . PHE A 1 31  ? -0.788  14.631  14.249  1.00 0.00 ? 31  PHE A CD2  1 
ATOM 451  C CE1  . PHE A 1 31  ? -1.467  13.063  16.407  1.00 0.00 ? 31  PHE A CE1  1 
ATOM 452  C CE2  . PHE A 1 31  ? 0.199   14.131  15.065  1.00 0.00 ? 31  PHE A CE2  1 
ATOM 453  C CZ   . PHE A 1 31  ? -0.139  13.346  16.147  1.00 0.00 ? 31  PHE A CZ   1 
ATOM 454  H H    . PHE A 1 31  ? -4.308  12.553  13.945  1.00 0.00 ? 31  PHE A H    1 
ATOM 455  H HA   . PHE A 1 31  ? -4.331  14.475  11.774  1.00 0.00 ? 31  PHE A HA   1 
ATOM 456  H HB2  . PHE A 1 31  ? -2.793  15.799  13.118  1.00 0.00 ? 31  PHE A HB2  1 
ATOM 457  H HB3  . PHE A 1 31  ? -4.040  15.207  14.199  1.00 0.00 ? 31  PHE A HB3  1 
ATOM 458  H HD1  . PHE A 1 31  ? -3.491  13.347  15.789  1.00 0.00 ? 31  PHE A HD1  1 
ATOM 459  H HD2  . PHE A 1 31  ? -0.522  15.247  13.403  1.00 0.00 ? 31  PHE A HD2  1 
ATOM 460  H HE1  . PHE A 1 31  ? -1.732  12.449  17.255  1.00 0.00 ? 31  PHE A HE1  1 
ATOM 461  H HE2  . PHE A 1 31  ? 1.234   14.359  14.853  1.00 0.00 ? 31  PHE A HE2  1 
ATOM 462  H HZ   . PHE A 1 31  ? 0.633   12.950  16.789  1.00 0.00 ? 31  PHE A HZ   1 
ATOM 463  N N    . ASP A 1 32  ? -1.805  14.119  10.943  1.00 0.00 ? 32  ASP A N    1 
ATOM 464  C CA   . ASP A 1 32  ? -0.882  13.563  9.979   1.00 0.00 ? 32  ASP A CA   1 
ATOM 465  C C    . ASP A 1 32  ? -0.002  12.503  10.595  1.00 0.00 ? 32  ASP A C    1 
ATOM 466  O O    . ASP A 1 32  ? 0.780   12.754  11.525  1.00 0.00 ? 32  ASP A O    1 
ATOM 467  C CB   . ASP A 1 32  ? -0.002  14.651  9.368   1.00 0.00 ? 32  ASP A CB   1 
ATOM 468  C CG   . ASP A 1 32  ? -0.723  15.649  8.484   1.00 0.00 ? 32  ASP A CG   1 
ATOM 469  O OD1  . ASP A 1 32  ? -1.392  15.228  7.507   1.00 0.00 ? 32  ASP A OD1  1 
ATOM 470  O OD2  . ASP A 1 32  ? -0.579  16.874  8.716   1.00 0.00 ? 32  ASP A OD2  1 
ATOM 471  H H    . ASP A 1 32  ? -1.854  15.075  11.125  1.00 0.00 ? 32  ASP A H    1 
ATOM 472  H HA   . ASP A 1 32  ? -1.462  13.117  9.185   1.00 0.00 ? 32  ASP A HA   1 
ATOM 473  H HB2  . ASP A 1 32  ? 0.469   15.200  10.170  1.00 0.00 ? 32  ASP A HB2  1 
ATOM 474  H HB3  . ASP A 1 32  ? 0.761   14.158  8.796   1.00 0.00 ? 32  ASP A HB3  1 
ATOM 475  N N    . GLU A 1 33  ? -0.100  11.340  9.995   1.00 0.00 ? 33  GLU A N    1 
ATOM 476  C CA   . GLU A 1 33  ? 0.540   10.125  10.448  1.00 0.00 ? 33  GLU A CA   1 
ATOM 477  C C    . GLU A 1 33  ? 2.029   10.259  10.360  1.00 0.00 ? 33  GLU A C    1 
ATOM 478  O O    . GLU A 1 33  ? 2.757   9.720   11.157  1.00 0.00 ? 33  GLU A O    1 
ATOM 479  C CB   . GLU A 1 33  ? 0.096   8.932   9.591   1.00 0.00 ? 33  GLU A CB   1 
ATOM 480  C CG   . GLU A 1 33  ? -1.418  8.750   9.450   1.00 0.00 ? 33  GLU A CG   1 
ATOM 481  C CD   . GLU A 1 33  ? -2.001  9.608   8.333   1.00 0.00 ? 33  GLU A CD   1 
ATOM 482  O OE1  . GLU A 1 33  ? -2.329  10.787  8.548   1.00 0.00 ? 33  GLU A OE1  1 
ATOM 483  O OE2  . GLU A 1 33  ? -2.099  9.133   7.215   1.00 0.00 ? 33  GLU A OE2  1 
ATOM 484  H H    . GLU A 1 33  ? -0.731  11.272  9.240   1.00 0.00 ? 33  GLU A H    1 
ATOM 485  H HA   . GLU A 1 33  ? 0.250   9.938   11.471  1.00 0.00 ? 33  GLU A HA   1 
ATOM 486  H HB2  . GLU A 1 33  ? 0.505   9.052   8.599   1.00 0.00 ? 33  GLU A HB2  1 
ATOM 487  H HB3  . GLU A 1 33  ? 0.505   8.030   10.024  1.00 0.00 ? 33  GLU A HB3  1 
ATOM 488  H HG2  . GLU A 1 33  ? -1.628  7.714   9.235   1.00 0.00 ? 33  GLU A HG2  1 
ATOM 489  H HG3  . GLU A 1 33  ? -1.889  9.028   10.381  1.00 0.00 ? 33  GLU A HG3  1 
ATOM 490  N N    . ALA A 1 34  ? 2.444   11.053  9.405   1.00 0.00 ? 34  ALA A N    1 
ATOM 491  C CA   . ALA A 1 34  ? 3.830   11.254  9.052   1.00 0.00 ? 34  ALA A CA   1 
ATOM 492  C C    . ALA A 1 34  ? 4.659   11.951  10.139  1.00 0.00 ? 34  ALA A C    1 
ATOM 493  O O    . ALA A 1 34  ? 5.852   12.159  9.965   1.00 0.00 ? 34  ALA A O    1 
ATOM 494  C CB   . ALA A 1 34  ? 3.906   11.977  7.743   1.00 0.00 ? 34  ALA A CB   1 
ATOM 495  H H    . ALA A 1 34  ? 1.741   11.533  8.923   1.00 0.00 ? 34  ALA A H    1 
ATOM 496  H HA   . ALA A 1 34  ? 4.263   10.277  8.903   1.00 0.00 ? 34  ALA A HA   1 
ATOM 497  H HB1  . ALA A 1 34  ? 3.344   11.435  6.997   1.00 0.00 ? 34  ALA A HB1  1 
ATOM 498  H HB2  . ALA A 1 34  ? 4.937   12.067  7.433   1.00 0.00 ? 34  ALA A HB2  1 
ATOM 499  H HB3  . ALA A 1 34  ? 3.473   12.958  7.866   1.00 0.00 ? 34  ALA A HB3  1 
ATOM 500  N N    . ASP A 1 35  ? 4.018   12.382  11.222  1.00 0.00 ? 35  ASP A N    1 
ATOM 501  C CA   . ASP A 1 35  ? 4.757   12.881  12.389  1.00 0.00 ? 35  ASP A CA   1 
ATOM 502  C C    . ASP A 1 35  ? 5.647   11.749  12.917  1.00 0.00 ? 35  ASP A C    1 
ATOM 503  O O    . ASP A 1 35  ? 6.782   11.968  13.370  1.00 0.00 ? 35  ASP A O    1 
ATOM 504  C CB   . ASP A 1 35  ? 3.797   13.346  13.500  1.00 0.00 ? 35  ASP A CB   1 
ATOM 505  C CG   . ASP A 1 35  ? 4.522   13.933  14.709  1.00 0.00 ? 35  ASP A CG   1 
ATOM 506  O OD1  . ASP A 1 35  ? 4.831   15.144  14.710  1.00 0.00 ? 35  ASP A OD1  1 
ATOM 507  O OD2  . ASP A 1 35  ? 4.793   13.197  15.690  1.00 0.00 ? 35  ASP A OD2  1 
ATOM 508  H H    . ASP A 1 35  ? 3.037   12.346  11.246  1.00 0.00 ? 35  ASP A H    1 
ATOM 509  H HA   . ASP A 1 35  ? 5.382   13.703  12.069  1.00 0.00 ? 35  ASP A HA   1 
ATOM 510  H HB2  . ASP A 1 35  ? 3.141   14.107  13.103  1.00 0.00 ? 35  ASP A HB2  1 
ATOM 511  H HB3  . ASP A 1 35  ? 3.209   12.500  13.830  1.00 0.00 ? 35  ASP A HB3  1 
ATOM 512  N N    . PHE A 1 36  ? 5.128   10.538  12.796  1.00 0.00 ? 36  PHE A N    1 
ATOM 513  C CA   . PHE A 1 36  ? 5.794   9.338   13.220  1.00 0.00 ? 36  PHE A CA   1 
ATOM 514  C C    . PHE A 1 36  ? 5.944   8.384   12.015  1.00 0.00 ? 36  PHE A C    1 
ATOM 515  O O    . PHE A 1 36  ? 5.208   8.501   11.045  1.00 0.00 ? 36  PHE A O    1 
ATOM 516  C CB   . PHE A 1 36  ? 5.020   8.671   14.392  1.00 0.00 ? 36  PHE A CB   1 
ATOM 517  C CG   . PHE A 1 36  ? 3.561   8.373   14.114  1.00 0.00 ? 36  PHE A CG   1 
ATOM 518  C CD1  . PHE A 1 36  ? 2.583   9.327   14.365  1.00 0.00 ? 36  PHE A CD1  1 
ATOM 519  C CD2  . PHE A 1 36  ? 3.170   7.143   13.607  1.00 0.00 ? 36  PHE A CD2  1 
ATOM 520  C CE1  . PHE A 1 36  ? 1.252   9.063   14.112  1.00 0.00 ? 36  PHE A CE1  1 
ATOM 521  C CE2  . PHE A 1 36  ? 1.838   6.875   13.354  1.00 0.00 ? 36  PHE A CE2  1 
ATOM 522  C CZ   . PHE A 1 36  ? 0.880   7.838   13.605  1.00 0.00 ? 36  PHE A CZ   1 
ATOM 523  H H    . PHE A 1 36  ? 4.261   10.431  12.346  1.00 0.00 ? 36  PHE A H    1 
ATOM 524  H HA   . PHE A 1 36  ? 6.775   9.632   13.563  1.00 0.00 ? 36  PHE A HA   1 
ATOM 525  H HB2  . PHE A 1 36  ? 5.499   7.737   14.643  1.00 0.00 ? 36  PHE A HB2  1 
ATOM 526  H HB3  . PHE A 1 36  ? 5.069   9.325   15.251  1.00 0.00 ? 36  PHE A HB3  1 
ATOM 527  H HD1  . PHE A 1 36  ? 2.875   10.289  14.760  1.00 0.00 ? 36  PHE A HD1  1 
ATOM 528  H HD2  . PHE A 1 36  ? 3.918   6.390   13.408  1.00 0.00 ? 36  PHE A HD2  1 
ATOM 529  H HE1  . PHE A 1 36  ? 0.505   9.818   14.309  1.00 0.00 ? 36  PHE A HE1  1 
ATOM 530  H HE2  . PHE A 1 36  ? 1.545   5.914   12.960  1.00 0.00 ? 36  PHE A HE2  1 
ATOM 531  H HZ   . PHE A 1 36  ? -0.161  7.628   13.407  1.00 0.00 ? 36  PHE A HZ   1 
ATOM 532  N N    . PRO A 1 37  ? 6.930   7.477   12.022  1.00 0.00 ? 37  PRO A N    1 
ATOM 533  C CA   . PRO A 1 37  ? 7.103   6.508   10.934  1.00 0.00 ? 37  PRO A CA   1 
ATOM 534  C C    . PRO A 1 37  ? 6.047   5.397   10.993  1.00 0.00 ? 37  PRO A C    1 
ATOM 535  O O    . PRO A 1 37  ? 5.969   4.643   11.987  1.00 0.00 ? 37  PRO A O    1 
ATOM 536  C CB   . PRO A 1 37  ? 8.500   5.920   11.193  1.00 0.00 ? 37  PRO A CB   1 
ATOM 537  C CG   . PRO A 1 37  ? 9.105   6.794   12.243  1.00 0.00 ? 37  PRO A CG   1 
ATOM 538  C CD   . PRO A 1 37  ? 7.960   7.318   13.044  1.00 0.00 ? 37  PRO A CD   1 
ATOM 539  H HA   . PRO A 1 37  ? 7.074   6.988   9.967   1.00 0.00 ? 37  PRO A HA   1 
ATOM 540  H HB2  . PRO A 1 37  ? 8.402   4.901   11.537  1.00 0.00 ? 37  PRO A HB2  1 
ATOM 541  H HB3  . PRO A 1 37  ? 9.080   5.940   10.282  1.00 0.00 ? 37  PRO A HB3  1 
ATOM 542  H HG2  . PRO A 1 37  ? 9.773   6.220   12.868  1.00 0.00 ? 37  PRO A HG2  1 
ATOM 543  H HG3  . PRO A 1 37  ? 9.639   7.609   11.777  1.00 0.00 ? 37  PRO A HG3  1 
ATOM 544  H HD2  . PRO A 1 37  ? 7.661   6.599   13.792  1.00 0.00 ? 37  PRO A HD2  1 
ATOM 545  H HD3  . PRO A 1 37  ? 8.217   8.265   13.494  1.00 0.00 ? 37  PRO A HD3  1 
ATOM 546  N N    . ALA A 1 38  ? 5.251   5.281   9.950   1.00 0.00 ? 38  ALA A N    1 
ATOM 547  C CA   . ALA A 1 38  ? 4.199   4.284   9.889   1.00 0.00 ? 38  ALA A CA   1 
ATOM 548  C C    . ALA A 1 38  ? 3.909   3.914   8.450   1.00 0.00 ? 38  ALA A C    1 
ATOM 549  O O    . ALA A 1 38  ? 4.261   4.651   7.543   1.00 0.00 ? 38  ALA A O    1 
ATOM 550  C CB   . ALA A 1 38  ? 2.938   4.806   10.558  1.00 0.00 ? 38  ALA A CB   1 
ATOM 551  H H    . ALA A 1 38  ? 5.360   5.882   9.175   1.00 0.00 ? 38  ALA A H    1 
ATOM 552  H HA   . ALA A 1 38  ? 4.534   3.406   10.422  1.00 0.00 ? 38  ALA A HA   1 
ATOM 553  H HB1  . ALA A 1 38  ? 2.165   4.055   10.500  1.00 0.00 ? 38  ALA A HB1  1 
ATOM 554  H HB2  . ALA A 1 38  ? 2.611   5.710   10.066  1.00 0.00 ? 38  ALA A HB2  1 
ATOM 555  H HB3  . ALA A 1 38  ? 3.151   5.022   11.594  1.00 0.00 ? 38  ALA A HB3  1 
ATOM 556  N N    . VAL A 1 39  ? 3.300   2.778   8.246   1.00 0.00 ? 39  VAL A N    1 
ATOM 557  C CA   . VAL A 1 39  ? 2.910   2.335   6.929   1.00 0.00 ? 39  VAL A CA   1 
ATOM 558  C C    . VAL A 1 39  ? 1.456   1.849   6.961   1.00 0.00 ? 39  VAL A C    1 
ATOM 559  O O    . VAL A 1 39  ? 1.006   1.272   7.953   1.00 0.00 ? 39  VAL A O    1 
ATOM 560  C CB   . VAL A 1 39  ? 3.896   1.236   6.371   1.00 0.00 ? 39  VAL A CB   1 
ATOM 561  C CG1  . VAL A 1 39  ? 4.001   0.048   7.311   1.00 0.00 ? 39  VAL A CG1  1 
ATOM 562  C CG2  . VAL A 1 39  ? 3.474   0.759   4.981   1.00 0.00 ? 39  VAL A CG2  1 
ATOM 563  H H    . VAL A 1 39  ? 3.072   2.182   8.995   1.00 0.00 ? 39  VAL A H    1 
ATOM 564  H HA   . VAL A 1 39  ? 2.950   3.202   6.286   1.00 0.00 ? 39  VAL A HA   1 
ATOM 565  H HB   . VAL A 1 39  ? 4.876   1.683   6.293   1.00 0.00 ? 39  VAL A HB   1 
ATOM 566  H HG11 . VAL A 1 39  ? 4.368   0.380   8.271   1.00 0.00 ? 39  VAL A HG11 1 
ATOM 567  H HG12 . VAL A 1 39  ? 4.688   -0.679  6.901   1.00 0.00 ? 39  VAL A HG12 1 
ATOM 568  H HG13 . VAL A 1 39  ? 3.027   -0.403  7.434   1.00 0.00 ? 39  VAL A HG13 1 
ATOM 569  H HG21 . VAL A 1 39  ? 3.402   1.601   4.309   1.00 0.00 ? 39  VAL A HG21 1 
ATOM 570  H HG22 . VAL A 1 39  ? 2.511   0.274   5.048   1.00 0.00 ? 39  VAL A HG22 1 
ATOM 571  H HG23 . VAL A 1 39  ? 4.204   0.057   4.605   1.00 0.00 ? 39  VAL A HG23 1 
ATOM 572  N N    . ALA A 1 40  ? 0.714   2.127   5.922   1.00 0.00 ? 40  ALA A N    1 
ATOM 573  C CA   . ALA A 1 40  ? -0.655  1.701   5.826   1.00 0.00 ? 40  ALA A CA   1 
ATOM 574  C C    . ALA A 1 40  ? -0.850  1.056   4.488   1.00 0.00 ? 40  ALA A C    1 
ATOM 575  O O    . ALA A 1 40  ? -0.232  1.483   3.494   1.00 0.00 ? 40  ALA A O    1 
ATOM 576  C CB   . ALA A 1 40  ? -1.593  2.891   5.956   1.00 0.00 ? 40  ALA A CB   1 
ATOM 577  H H    . ALA A 1 40  ? 1.032   2.609   5.123   1.00 0.00 ? 40  ALA A H    1 
ATOM 578  H HA   . ALA A 1 40  ? -0.868  0.995   6.616   1.00 0.00 ? 40  ALA A HA   1 
ATOM 579  H HB1  . ALA A 1 40  ? -2.618  2.554   5.906   1.00 0.00 ? 40  ALA A HB1  1 
ATOM 580  H HB2  . ALA A 1 40  ? -1.404  3.578   5.144   1.00 0.00 ? 40  ALA A HB2  1 
ATOM 581  H HB3  . ALA A 1 40  ? -1.418  3.394   6.894   1.00 0.00 ? 40  ALA A HB3  1 
ATOM 582  N N    . VAL A 1 41  ? -1.680  0.057   4.426   1.00 0.00 ? 41  VAL A N    1 
ATOM 583  C CA   . VAL A 1 41  ? -1.926  -0.594  3.161   1.00 0.00 ? 41  VAL A CA   1 
ATOM 584  C C    . VAL A 1 41  ? -3.404  -0.532  2.858   1.00 0.00 ? 41  VAL A C    1 
ATOM 585  O O    . VAL A 1 41  ? -4.224  -0.773  3.732   1.00 0.00 ? 41  VAL A O    1 
ATOM 586  C CB   . VAL A 1 41  ? -1.409  -2.083  3.129   1.00 0.00 ? 41  VAL A CB   1 
ATOM 587  C CG1  . VAL A 1 41  ? 0.102   -2.147  3.343   1.00 0.00 ? 41  VAL A CG1  1 
ATOM 588  C CG2  . VAL A 1 41  ? -2.120  -2.956  4.165   1.00 0.00 ? 41  VAL A CG2  1 
ATOM 589  H H    . VAL A 1 41  ? -2.176  -0.238  5.224   1.00 0.00 ? 41  VAL A H    1 
ATOM 590  H HA   . VAL A 1 41  ? -1.404  -0.024  2.404   1.00 0.00 ? 41  VAL A HA   1 
ATOM 591  H HB   . VAL A 1 41  ? -1.615  -2.479  2.145   1.00 0.00 ? 41  VAL A HB   1 
ATOM 592  H HG11 . VAL A 1 41  ? 0.606   -1.574  2.580   1.00 0.00 ? 41  VAL A HG11 1 
ATOM 593  H HG12 . VAL A 1 41  ? 0.430   -3.175  3.294   1.00 0.00 ? 41  VAL A HG12 1 
ATOM 594  H HG13 . VAL A 1 41  ? 0.346   -1.744  4.316   1.00 0.00 ? 41  VAL A HG13 1 
ATOM 595  H HG21 . VAL A 1 41  ? -1.739  -3.966  4.110   1.00 0.00 ? 41  VAL A HG21 1 
ATOM 596  H HG22 . VAL A 1 41  ? -3.181  -2.959  3.967   1.00 0.00 ? 41  VAL A HG22 1 
ATOM 597  H HG23 . VAL A 1 41  ? -1.942  -2.557  5.153   1.00 0.00 ? 41  VAL A HG23 1 
ATOM 598  N N    . TYR A 1 42  ? -3.752  -0.148  1.661   1.00 0.00 ? 42  TYR A N    1 
ATOM 599  C CA   . TYR A 1 42  ? -5.134  -0.084  1.307   1.00 0.00 ? 42  TYR A CA   1 
ATOM 600  C C    . TYR A 1 42  ? -5.352  -0.573  -0.113  1.00 0.00 ? 42  TYR A C    1 
ATOM 601  O O    . TYR A 1 42  ? -4.632  -0.197  -1.025  1.00 0.00 ? 42  TYR A O    1 
ATOM 602  C CB   . TYR A 1 42  ? -5.669  1.334   1.510   1.00 0.00 ? 42  TYR A CB   1 
ATOM 603  C CG   . TYR A 1 42  ? -7.140  1.452   1.262   1.00 0.00 ? 42  TYR A CG   1 
ATOM 604  C CD1  . TYR A 1 42  ? -8.047  0.987   2.200   1.00 0.00 ? 42  TYR A CD1  1 
ATOM 605  C CD2  . TYR A 1 42  ? -7.626  2.032   0.104   1.00 0.00 ? 42  TYR A CD2  1 
ATOM 606  C CE1  . TYR A 1 42  ? -9.395  1.090   1.990   1.00 0.00 ? 42  TYR A CE1  1 
ATOM 607  C CE2  . TYR A 1 42  ? -8.974  2.137   -0.111  1.00 0.00 ? 42  TYR A CE2  1 
ATOM 608  C CZ   . TYR A 1 42  ? -9.853  1.665   0.835   1.00 0.00 ? 42  TYR A CZ   1 
ATOM 609  O OH   . TYR A 1 42  ? -11.197 1.779   0.624   1.00 0.00 ? 42  TYR A OH   1 
ATOM 610  H H    . TYR A 1 42  ? -3.090  0.122   0.986   1.00 0.00 ? 42  TYR A H    1 
ATOM 611  H HA   . TYR A 1 42  ? -5.664  -0.747  1.973   1.00 0.00 ? 42  TYR A HA   1 
ATOM 612  H HB2  . TYR A 1 42  ? -5.477  1.644   2.526   1.00 0.00 ? 42  TYR A HB2  1 
ATOM 613  H HB3  . TYR A 1 42  ? -5.159  2.005   0.834   1.00 0.00 ? 42  TYR A HB3  1 
ATOM 614  H HD1  . TYR A 1 42  ? -7.680  0.530   3.106   1.00 0.00 ? 42  TYR A HD1  1 
ATOM 615  H HD2  . TYR A 1 42  ? -6.931  2.399   -0.636  1.00 0.00 ? 42  TYR A HD2  1 
ATOM 616  H HE1  . TYR A 1 42  ? -10.089 0.721   2.730   1.00 0.00 ? 42  TYR A HE1  1 
ATOM 617  H HE2  . TYR A 1 42  ? -9.343  2.589   -1.021  1.00 0.00 ? 42  TYR A HE2  1 
ATOM 618  H HH   . TYR A 1 42  ? -11.334 1.525   -0.305  1.00 0.00 ? 42  TYR A HH   1 
ATOM 619  N N    . LEU A 1 43  ? -6.308  -1.438  -0.286  1.00 0.00 ? 43  LEU A N    1 
ATOM 620  C CA   . LEU A 1 43  ? -6.644  -1.951  -1.593  1.00 0.00 ? 43  LEU A CA   1 
ATOM 621  C C    . LEU A 1 43  ? -8.043  -1.509  -1.940  1.00 0.00 ? 43  LEU A C    1 
ATOM 622  O O    . LEU A 1 43  ? -8.895  -1.392  -1.050  1.00 0.00 ? 43  LEU A O    1 
ATOM 623  C CB   . LEU A 1 43  ? -6.478  -3.491  -1.712  1.00 0.00 ? 43  LEU A CB   1 
ATOM 624  C CG   . LEU A 1 43  ? -5.047  -4.087  -1.605  1.00 0.00 ? 43  LEU A CG   1 
ATOM 625  C CD1  . LEU A 1 43  ? -4.370  -3.763  -0.297  1.00 0.00 ? 43  LEU A CD1  1 
ATOM 626  C CD2  . LEU A 1 43  ? -5.097  -5.589  -1.781  1.00 0.00 ? 43  LEU A CD2  1 
ATOM 627  H H    . LEU A 1 43  ? -6.845  -1.731  0.479   1.00 0.00 ? 43  LEU A H    1 
ATOM 628  H HA   . LEU A 1 43  ? -5.976  -1.464  -2.289  1.00 0.00 ? 43  LEU A HA   1 
ATOM 629  H HB2  . LEU A 1 43  ? -7.095  -3.966  -0.967  1.00 0.00 ? 43  LEU A HB2  1 
ATOM 630  H HB3  . LEU A 1 43  ? -6.839  -3.772  -2.694  1.00 0.00 ? 43  LEU A HB3  1 
ATOM 631  H HG   . LEU A 1 43  ? -4.441  -3.690  -2.404  1.00 0.00 ? 43  LEU A HG   1 
ATOM 632  H HD11 . LEU A 1 43  ? -4.249  -2.693  -0.212  1.00 0.00 ? 43  LEU A HD11 1 
ATOM 633  H HD12 . LEU A 1 43  ? -3.405  -4.244  -0.267  1.00 0.00 ? 43  LEU A HD12 1 
ATOM 634  H HD13 . LEU A 1 43  ? -4.990  -4.115  0.514   1.00 0.00 ? 43  LEU A HD13 1 
ATOM 635  H HD21 . LEU A 1 43  ? -4.089  -5.981  -1.783  1.00 0.00 ? 43  LEU A HD21 1 
ATOM 636  H HD22 . LEU A 1 43  ? -5.593  -5.842  -2.707  1.00 0.00 ? 43  LEU A HD22 1 
ATOM 637  H HD23 . LEU A 1 43  ? -5.633  -6.012  -0.946  1.00 0.00 ? 43  LEU A HD23 1 
ATOM 638  N N    . THR A 1 44  ? -8.270  -1.245  -3.190  1.00 0.00 ? 44  THR A N    1 
ATOM 639  C CA   . THR A 1 44  ? -9.527  -0.710  -3.646  1.00 0.00 ? 44  THR A CA   1 
ATOM 640  C C    . THR A 1 44  ? -10.674 -1.705  -3.585  1.00 0.00 ? 44  THR A C    1 
ATOM 641  O O    . THR A 1 44  ? -10.497 -2.920  -3.806  1.00 0.00 ? 44  THR A O    1 
ATOM 642  C CB   . THR A 1 44  ? -9.378  -0.183  -5.067  1.00 0.00 ? 44  THR A CB   1 
ATOM 643  O OG1  . THR A 1 44  ? -8.764  -1.207  -5.907  1.00 0.00 ? 44  THR A OG1  1 
ATOM 644  C CG2  . THR A 1 44  ? -8.546  1.080   -5.068  1.00 0.00 ? 44  THR A CG2  1 
ATOM 645  H H    . THR A 1 44  ? -7.569  -1.409  -3.857  1.00 0.00 ? 44  THR A H    1 
ATOM 646  H HA   . THR A 1 44  ? -9.771  0.133   -3.018  1.00 0.00 ? 44  THR A HA   1 
ATOM 647  H HB   . THR A 1 44  ? -10.363 0.035   -5.451  1.00 0.00 ? 44  THR A HB   1 
ATOM 648  H HG1  . THR A 1 44  ? -9.384  -1.951  -5.922  1.00 0.00 ? 44  THR A HG1  1 
ATOM 649  H HG21 . THR A 1 44  ? -7.583  0.881   -4.623  1.00 0.00 ? 44  THR A HG21 1 
ATOM 650  H HG22 . THR A 1 44  ? -9.053  1.833   -4.484  1.00 0.00 ? 44  THR A HG22 1 
ATOM 651  H HG23 . THR A 1 44  ? -8.413  1.432   -6.080  1.00 0.00 ? 44  THR A HG23 1 
ATOM 652  N N    . GLY A 1 45  ? -11.843 -1.185  -3.304  1.00 0.00 ? 45  GLY A N    1 
ATOM 653  C CA   . GLY A 1 45  ? -13.029 -1.987  -3.262  1.00 0.00 ? 45  GLY A CA   1 
ATOM 654  C C    . GLY A 1 45  ? -13.853 -1.719  -2.037  1.00 0.00 ? 45  GLY A C    1 
ATOM 655  O O    . GLY A 1 45  ? -14.930 -2.297  -1.871  1.00 0.00 ? 45  GLY A O    1 
ATOM 656  H H    . GLY A 1 45  ? -11.873 -0.221  -3.095  1.00 0.00 ? 45  GLY A H    1 
ATOM 657  H HA2  . GLY A 1 45  ? -13.624 -1.786  -4.140  1.00 0.00 ? 45  GLY A HA2  1 
ATOM 658  H HA3  . GLY A 1 45  ? -12.739 -3.026  -3.260  1.00 0.00 ? 45  GLY A HA3  1 
ATOM 659  N N    . ALA A 1 46  ? -13.353 -0.878  -1.164  1.00 0.00 ? 46  ALA A N    1 
ATOM 660  C CA   . ALA A 1 46  ? -14.067 -0.546  0.050   1.00 0.00 ? 46  ALA A CA   1 
ATOM 661  C C    . ALA A 1 46  ? -14.644 0.870   -0.015  1.00 0.00 ? 46  ALA A C    1 
ATOM 662  O O    . ALA A 1 46  ? -15.624 1.183   0.660   1.00 0.00 ? 46  ALA A O    1 
ATOM 663  C CB   . ALA A 1 46  ? -13.165 -0.714  1.265   1.00 0.00 ? 46  ALA A CB   1 
ATOM 664  H H    . ALA A 1 46  ? -12.481 -0.455  -1.339  1.00 0.00 ? 46  ALA A H    1 
ATOM 665  H HA   . ALA A 1 46  ? -14.881 -1.250  0.132   1.00 0.00 ? 46  ALA A HA   1 
ATOM 666  H HB1  . ALA A 1 46  ? -12.347 -0.012  1.204   1.00 0.00 ? 46  ALA A HB1  1 
ATOM 667  H HB2  . ALA A 1 46  ? -12.773 -1.720  1.286   1.00 0.00 ? 46  ALA A HB2  1 
ATOM 668  H HB3  . ALA A 1 46  ? -13.731 -0.528  2.166   1.00 0.00 ? 46  ALA A HB3  1 
ATOM 669  N N    . GLU A 1 47  ? -14.029 1.711   -0.845  1.00 0.00 ? 47  GLU A N    1 
ATOM 670  C CA   . GLU A 1 47  ? -14.406 3.128   -1.000  1.00 0.00 ? 47  GLU A CA   1 
ATOM 671  C C    . GLU A 1 47  ? -15.813 3.209   -1.561  1.00 0.00 ? 47  GLU A C    1 
ATOM 672  O O    . GLU A 1 47  ? -16.624 4.050   -1.180  1.00 0.00 ? 47  GLU A O    1 
ATOM 673  C CB   . GLU A 1 47  ? -13.498 3.832   -2.039  1.00 0.00 ? 47  GLU A CB   1 
ATOM 674  C CG   . GLU A 1 47  ? -12.002 3.601   -1.908  1.00 0.00 ? 47  GLU A CG   1 
ATOM 675  C CD   . GLU A 1 47  ? -11.589 2.302   -2.574  1.00 0.00 ? 47  GLU A CD   1 
ATOM 676  O OE1  . GLU A 1 47  ? -11.670 1.223   -1.931  1.00 0.00 ? 47  GLU A OE1  1 
ATOM 677  O OE2  . GLU A 1 47  ? -11.234 2.332   -3.746  1.00 0.00 ? 47  GLU A OE2  1 
ATOM 678  H H    . GLU A 1 47  ? -13.260 1.371   -1.358  1.00 0.00 ? 47  GLU A H    1 
ATOM 679  H HA   . GLU A 1 47  ? -14.330 3.641   -0.053  1.00 0.00 ? 47  GLU A HA   1 
ATOM 680  H HB2  . GLU A 1 47  ? -13.789 3.491   -3.021  1.00 0.00 ? 47  GLU A HB2  1 
ATOM 681  H HB3  . GLU A 1 47  ? -13.683 4.895   -1.986  1.00 0.00 ? 47  GLU A HB3  1 
ATOM 682  H HG2  . GLU A 1 47  ? -11.472 4.419   -2.373  1.00 0.00 ? 47  GLU A HG2  1 
ATOM 683  H HG3  . GLU A 1 47  ? -11.746 3.549   -0.859  1.00 0.00 ? 47  GLU A HG3  1 
ATOM 684  N N    . TYR A 1 48  ? -16.072 2.297   -2.449  1.00 0.00 ? 48  TYR A N    1 
ATOM 685  C CA   . TYR A 1 48  ? -17.294 2.208   -3.190  1.00 0.00 ? 48  TYR A CA   1 
ATOM 686  C C    . TYR A 1 48  ? -17.776 0.805   -3.012  1.00 0.00 ? 48  TYR A C    1 
ATOM 687  O O    . TYR A 1 48  ? -17.172 0.054   -2.231  1.00 0.00 ? 48  TYR A O    1 
ATOM 688  C CB   . TYR A 1 48  ? -17.029 2.457   -4.687  1.00 0.00 ? 48  TYR A CB   1 
ATOM 689  C CG   . TYR A 1 48  ? -16.314 3.752   -4.992  1.00 0.00 ? 48  TYR A CG   1 
ATOM 690  C CD1  . TYR A 1 48  ? -16.972 4.971   -4.933  1.00 0.00 ? 48  TYR A CD1  1 
ATOM 691  C CD2  . TYR A 1 48  ? -14.968 3.748   -5.321  1.00 0.00 ? 48  TYR A CD2  1 
ATOM 692  C CE1  . TYR A 1 48  ? -16.304 6.147   -5.201  1.00 0.00 ? 48  TYR A CE1  1 
ATOM 693  C CE2  . TYR A 1 48  ? -14.293 4.916   -5.585  1.00 0.00 ? 48  TYR A CE2  1 
ATOM 694  C CZ   . TYR A 1 48  ? -14.964 6.112   -5.525  1.00 0.00 ? 48  TYR A CZ   1 
ATOM 695  O OH   . TYR A 1 48  ? -14.287 7.286   -5.784  1.00 0.00 ? 48  TYR A OH   1 
ATOM 696  H H    . TYR A 1 48  ? -15.406 1.592   -2.582  1.00 0.00 ? 48  TYR A H    1 
ATOM 697  H HA   . TYR A 1 48  ? -18.007 2.924   -2.813  1.00 0.00 ? 48  TYR A HA   1 
ATOM 698  H HB2  . TYR A 1 48  ? -16.417 1.654   -5.069  1.00 0.00 ? 48  TYR A HB2  1 
ATOM 699  H HB3  . TYR A 1 48  ? -17.967 2.458   -5.219  1.00 0.00 ? 48  TYR A HB3  1 
ATOM 700  H HD1  . TYR A 1 48  ? -18.021 4.992   -4.678  1.00 0.00 ? 48  TYR A HD1  1 
ATOM 701  H HD2  . TYR A 1 48  ? -14.447 2.803   -5.369  1.00 0.00 ? 48  TYR A HD2  1 
ATOM 702  H HE1  . TYR A 1 48  ? -16.828 7.090   -5.154  1.00 0.00 ? 48  TYR A HE1  1 
ATOM 703  H HE2  . TYR A 1 48  ? -13.244 4.890   -5.840  1.00 0.00 ? 48  TYR A HE2  1 
ATOM 704  H HH   . TYR A 1 48  ? -13.745 7.134   -6.571  1.00 0.00 ? 48  TYR A HH   1 
ATOM 705  N N    . THR A 1 49  ? -18.845 0.431   -3.695  1.00 0.00 ? 49  THR A N    1 
ATOM 706  C CA   . THR A 1 49  ? -19.283 -0.946  -3.669  1.00 0.00 ? 49  THR A CA   1 
ATOM 707  C C    . THR A 1 49  ? -18.138 -1.831  -4.177  1.00 0.00 ? 49  THR A C    1 
ATOM 708  O O    . THR A 1 49  ? -17.835 -2.884  -3.606  1.00 0.00 ? 49  THR A O    1 
ATOM 709  C CB   . THR A 1 49  ? -20.547 -1.138  -4.540  1.00 0.00 ? 49  THR A CB   1 
ATOM 710  O OG1  . THR A 1 49  ? -20.316 -0.593  -5.858  1.00 0.00 ? 49  THR A OG1  1 
ATOM 711  C CG2  . THR A 1 49  ? -21.747 -0.454  -3.907  1.00 0.00 ? 49  THR A CG2  1 
ATOM 712  H H    . THR A 1 49  ? -19.351 1.083   -4.228  1.00 0.00 ? 49  THR A H    1 
ATOM 713  H HA   . THR A 1 49  ? -19.504 -1.207  -2.645  1.00 0.00 ? 49  THR A HA   1 
ATOM 714  H HB   . THR A 1 49  ? -20.744 -2.197  -4.629  1.00 0.00 ? 49  THR A HB   1 
ATOM 715  H HG1  . THR A 1 49  ? -20.558 -1.265  -6.523  1.00 0.00 ? 49  THR A HG1  1 
ATOM 716  H HG21 . THR A 1 49  ? -21.931 -0.877  -2.931  1.00 0.00 ? 49  THR A HG21 1 
ATOM 717  H HG22 . THR A 1 49  ? -22.616 -0.595  -4.532  1.00 0.00 ? 49  THR A HG22 1 
ATOM 718  H HG23 . THR A 1 49  ? -21.543 0.603   -3.807  1.00 0.00 ? 49  THR A HG23 1 
ATOM 719  N N    . GLY A 1 50  ? -17.492 -1.368  -5.246  1.00 0.00 ? 50  GLY A N    1 
ATOM 720  C CA   . GLY A 1 50  ? -16.306 -2.001  -5.766  1.00 0.00 ? 50  GLY A CA   1 
ATOM 721  C C    . GLY A 1 50  ? -16.604 -3.272  -6.502  1.00 0.00 ? 50  GLY A C    1 
ATOM 722  O O    . GLY A 1 50  ? -15.680 -3.943  -6.949  1.00 0.00 ? 50  GLY A O    1 
ATOM 723  H H    . GLY A 1 50  ? -17.844 -0.579  -5.713  1.00 0.00 ? 50  GLY A H    1 
ATOM 724  H HA2  . GLY A 1 50  ? -15.807 -1.318  -6.437  1.00 0.00 ? 50  GLY A HA2  1 
ATOM 725  H HA3  . GLY A 1 50  ? -15.646 -2.224  -4.941  1.00 0.00 ? 50  GLY A HA3  1 
ATOM 726  N N    . GLU A 1 51  ? -17.897 -3.572  -6.612  1.00 0.00 ? 51  GLU A N    1 
ATOM 727  C CA   . GLU A 1 51  ? -18.461 -4.765  -7.238  1.00 0.00 ? 51  GLU A CA   1 
ATOM 728  C C    . GLU A 1 51  ? -17.773 -6.041  -6.736  1.00 0.00 ? 51  GLU A C    1 
ATOM 729  O O    . GLU A 1 51  ? -16.670 -6.397  -7.175  1.00 0.00 ? 51  GLU A O    1 
ATOM 730  C CB   . GLU A 1 51  ? -18.413 -4.652  -8.763  1.00 0.00 ? 51  GLU A CB   1 
ATOM 731  C CG   . GLU A 1 51  ? -19.077 -3.378  -9.278  1.00 0.00 ? 51  GLU A CG   1 
ATOM 732  C CD   . GLU A 1 51  ? -20.462 -3.164  -8.713  1.00 0.00 ? 51  GLU A CD   1 
ATOM 733  O OE1  . GLU A 1 51  ? -21.346 -4.005  -8.931  1.00 0.00 ? 51  GLU A OE1  1 
ATOM 734  O OE2  . GLU A 1 51  ? -20.685 -2.136  -8.022  1.00 0.00 ? 51  GLU A OE2  1 
ATOM 735  H H    . GLU A 1 51  ? -18.528 -2.925  -6.239  1.00 0.00 ? 51  GLU A H    1 
ATOM 736  H HA   . GLU A 1 51  ? -19.494 -4.812  -6.927  1.00 0.00 ? 51  GLU A HA   1 
ATOM 737  H HB2  . GLU A 1 51  ? -17.381 -4.659  -9.082  1.00 0.00 ? 51  GLU A HB2  1 
ATOM 738  H HB3  . GLU A 1 51  ? -18.923 -5.501  -9.196  1.00 0.00 ? 51  GLU A HB3  1 
ATOM 739  H HG2  . GLU A 1 51  ? -18.463 -2.533  -9.003  1.00 0.00 ? 51  GLU A HG2  1 
ATOM 740  H HG3  . GLU A 1 51  ? -19.145 -3.432  -10.356 1.00 0.00 ? 51  GLU A HG3  1 
ATOM 741  N N    . GLU A 1 52  ? -18.381 -6.699  -5.772  1.00 0.00 ? 52  GLU A N    1 
ATOM 742  C CA   . GLU A 1 52  ? -17.792 -7.888  -5.200  1.00 0.00 ? 52  GLU A CA   1 
ATOM 743  C C    . GLU A 1 52  ? -17.671 -8.989  -6.225  1.00 0.00 ? 52  GLU A C    1 
ATOM 744  O O    . GLU A 1 52  ? -18.637 -9.344  -6.918  1.00 0.00 ? 52  GLU A O    1 
ATOM 745  C CB   . GLU A 1 52  ? -18.532 -8.326  -3.946  1.00 0.00 ? 52  GLU A CB   1 
ATOM 746  C CG   . GLU A 1 52  ? -18.390 -7.326  -2.810  1.00 0.00 ? 52  GLU A CG   1 
ATOM 747  C CD   . GLU A 1 52  ? -19.105 -7.735  -1.561  1.00 0.00 ? 52  GLU A CD   1 
ATOM 748  O OE1  . GLU A 1 52  ? -18.659 -8.677  -0.893  1.00 0.00 ? 52  GLU A OE1  1 
ATOM 749  O OE2  . GLU A 1 52  ? -20.125 -7.105  -1.215  1.00 0.00 ? 52  GLU A OE2  1 
ATOM 750  H H    . GLU A 1 52  ? -19.256 -6.377  -5.460  1.00 0.00 ? 52  GLU A H    1 
ATOM 751  H HA   . GLU A 1 52  ? -16.786 -7.610  -4.924  1.00 0.00 ? 52  GLU A HA   1 
ATOM 752  H HB2  . GLU A 1 52  ? -19.581 -8.439  -4.176  1.00 0.00 ? 52  GLU A HB2  1 
ATOM 753  H HB3  . GLU A 1 52  ? -18.133 -9.272  -3.618  1.00 0.00 ? 52  GLU A HB3  1 
ATOM 754  H HG2  . GLU A 1 52  ? -17.341 -7.221  -2.575  1.00 0.00 ? 52  GLU A HG2  1 
ATOM 755  H HG3  . GLU A 1 52  ? -18.772 -6.371  -3.135  1.00 0.00 ? 52  GLU A HG3  1 
ATOM 756  N N    . LEU A 1 53  ? -16.483 -9.511  -6.330  1.00 0.00 ? 53  LEU A N    1 
ATOM 757  C CA   . LEU A 1 53  ? -16.171 -10.486 -7.313  1.00 0.00 ? 53  LEU A CA   1 
ATOM 758  C C    . LEU A 1 53  ? -15.892 -11.788 -6.651  1.00 0.00 ? 53  LEU A C    1 
ATOM 759  O O    . LEU A 1 53  ? -15.173 -11.852 -5.661  1.00 0.00 ? 53  LEU A O    1 
ATOM 760  C CB   . LEU A 1 53  ? -14.957 -10.057 -8.151  1.00 0.00 ? 53  LEU A CB   1 
ATOM 761  C CG   . LEU A 1 53  ? -15.068 -8.725  -8.908  1.00 0.00 ? 53  LEU A CG   1 
ATOM 762  C CD1  . LEU A 1 53  ? -13.791 -8.451  -9.681  1.00 0.00 ? 53  LEU A CD1  1 
ATOM 763  C CD2  . LEU A 1 53  ? -16.264 -8.737  -9.858  1.00 0.00 ? 53  LEU A CD2  1 
ATOM 764  H H    . LEU A 1 53  ? -15.778 -9.285  -5.691  1.00 0.00 ? 53  LEU A H    1 
ATOM 765  H HA   . LEU A 1 53  ? -17.020 -10.590 -7.970  1.00 0.00 ? 53  LEU A HA   1 
ATOM 766  H HB2  . LEU A 1 53  ? -14.105 -9.991  -7.491  1.00 0.00 ? 53  LEU A HB2  1 
ATOM 767  H HB3  . LEU A 1 53  ? -14.761 -10.836 -8.873  1.00 0.00 ? 53  LEU A HB3  1 
ATOM 768  H HG   . LEU A 1 53  ? -15.206 -7.923  -8.196  1.00 0.00 ? 53  LEU A HG   1 
ATOM 769  H HD11 . LEU A 1 53  ? -13.881 -7.511  -10.206 1.00 0.00 ? 53  LEU A HD11 1 
ATOM 770  H HD12 . LEU A 1 53  ? -13.623 -9.245  -10.394 1.00 0.00 ? 53  LEU A HD12 1 
ATOM 771  H HD13 . LEU A 1 53  ? -12.957 -8.401  -8.995  1.00 0.00 ? 53  LEU A HD13 1 
ATOM 772  H HD21 . LEU A 1 53  ? -17.174 -8.873  -9.292  1.00 0.00 ? 53  LEU A HD21 1 
ATOM 773  H HD22 . LEU A 1 53  ? -16.155 -9.548  -10.562 1.00 0.00 ? 53  LEU A HD22 1 
ATOM 774  H HD23 . LEU A 1 53  ? -16.309 -7.800  -10.392 1.00 0.00 ? 53  LEU A HD23 1 
ATOM 775  N N    . ASP A 1 54  ? -16.459 -12.798 -7.187  1.00 0.00 ? 54  ASP A N    1 
ATOM 776  C CA   . ASP A 1 54  ? -16.269 -14.155 -6.713  1.00 0.00 ? 54  ASP A CA   1 
ATOM 777  C C    . ASP A 1 54  ? -15.371 -14.880 -7.689  1.00 0.00 ? 54  ASP A C    1 
ATOM 778  O O    . ASP A 1 54  ? -15.213 -16.100 -7.632  1.00 0.00 ? 54  ASP A O    1 
ATOM 779  C CB   . ASP A 1 54  ? -17.615 -14.880 -6.596  1.00 0.00 ? 54  ASP A CB   1 
ATOM 780  C CG   . ASP A 1 54  ? -18.557 -14.256 -5.586  1.00 0.00 ? 54  ASP A CG   1 
ATOM 781  O OD1  . ASP A 1 54  ? -18.456 -14.555 -4.389  1.00 0.00 ? 54  ASP A OD1  1 
ATOM 782  O OD2  . ASP A 1 54  ? -19.430 -13.459 -5.970  1.00 0.00 ? 54  ASP A OD2  1 
ATOM 783  H H    . ASP A 1 54  ? -17.035 -12.630 -7.965  1.00 0.00 ? 54  ASP A H    1 
ATOM 784  H HA   . ASP A 1 54  ? -15.792 -14.118 -5.746  1.00 0.00 ? 54  ASP A HA   1 
ATOM 785  H HB2  . ASP A 1 54  ? -18.101 -14.866 -7.560  1.00 0.00 ? 54  ASP A HB2  1 
ATOM 786  H HB3  . ASP A 1 54  ? -17.431 -15.905 -6.310  1.00 0.00 ? 54  ASP A HB3  1 
ATOM 787  N N    . SER A 1 55  ? -14.774 -14.098 -8.563  1.00 0.00 ? 55  SER A N    1 
ATOM 788  C CA   . SER A 1 55  ? -13.963 -14.559 -9.649  1.00 0.00 ? 55  SER A CA   1 
ATOM 789  C C    . SER A 1 55  ? -12.634 -15.177 -9.212  1.00 0.00 ? 55  SER A C    1 
ATOM 790  O O    . SER A 1 55  ? -12.119 -14.908 -8.116  1.00 0.00 ? 55  SER A O    1 
ATOM 791  C CB   . SER A 1 55  ? -13.727 -13.378 -10.590 1.00 0.00 ? 55  SER A CB   1 
ATOM 792  O OG   . SER A 1 55  ? -13.160 -12.275 -9.883  1.00 0.00 ? 55  SER A OG   1 
ATOM 793  H H    . SER A 1 55  ? -14.867 -13.127 -8.475  1.00 0.00 ? 55  SER A H    1 
ATOM 794  H HA   . SER A 1 55  ? -14.530 -15.293 -10.201 1.00 0.00 ? 55  SER A HA   1 
ATOM 795  H HB2  . SER A 1 55  ? -13.042 -13.676 -11.370 1.00 0.00 ? 55  SER A HB2  1 
ATOM 796  H HB3  . SER A 1 55  ? -14.663 -13.067 -11.024 1.00 0.00 ? 55  SER A HB3  1 
ATOM 797  H HG   . SER A 1 55  ? -12.200 -12.355 -9.838  1.00 0.00 ? 55  SER A HG   1 
ATOM 798  N N    . ASP A 1 56  ? -12.105 -16.016 -10.084 1.00 0.00 ? 56  ASP A N    1 
ATOM 799  C CA   . ASP A 1 56  ? -10.808 -16.665 -9.908  1.00 0.00 ? 56  ASP A CA   1 
ATOM 800  C C    . ASP A 1 56  ? -9.681  -15.644 -10.035 1.00 0.00 ? 56  ASP A C    1 
ATOM 801  O O    . ASP A 1 56  ? -8.621  -15.781 -9.406  1.00 0.00 ? 56  ASP A O    1 
ATOM 802  C CB   . ASP A 1 56  ? -10.607 -17.792 -10.954 1.00 0.00 ? 56  ASP A CB   1 
ATOM 803  C CG   . ASP A 1 56  ? -10.453 -17.286 -12.390 1.00 0.00 ? 56  ASP A CG   1 
ATOM 804  O OD1  . ASP A 1 56  ? -11.431 -16.732 -12.957 1.00 0.00 ? 56  ASP A OD1  1 
ATOM 805  O OD2  . ASP A 1 56  ? -9.362  -17.447 -12.975 1.00 0.00 ? 56  ASP A OD2  1 
ATOM 806  H H    . ASP A 1 56  ? -12.624 -16.229 -10.889 1.00 0.00 ? 56  ASP A H    1 
ATOM 807  H HA   . ASP A 1 56  ? -10.781 -17.098 -8.919  1.00 0.00 ? 56  ASP A HA   1 
ATOM 808  H HB2  . ASP A 1 56  ? -9.717  -18.348 -10.701 1.00 0.00 ? 56  ASP A HB2  1 
ATOM 809  H HB3  . ASP A 1 56  ? -11.457 -18.457 -10.916 1.00 0.00 ? 56  ASP A HB3  1 
ATOM 810  N N    . THR A 1 57  ? -9.917  -14.625 -10.836 1.00 0.00 ? 57  THR A N    1 
ATOM 811  C CA   . THR A 1 57  ? -8.935  -13.625 -11.109 1.00 0.00 ? 57  THR A CA   1 
ATOM 812  C C    . THR A 1 57  ? -8.854  -12.567 -10.022 1.00 0.00 ? 57  THR A C    1 
ATOM 813  O O    . THR A 1 57  ? -9.871  -12.142 -9.454  1.00 0.00 ? 57  THR A O    1 
ATOM 814  C CB   . THR A 1 57  ? -9.209  -12.963 -12.472 1.00 0.00 ? 57  THR A CB   1 
ATOM 815  O OG1  . THR A 1 57  ? -10.596 -12.593 -12.565 1.00 0.00 ? 57  THR A OG1  1 
ATOM 816  C CG2  . THR A 1 57  ? -8.851  -13.886 -13.616 1.00 0.00 ? 57  THR A CG2  1 
ATOM 817  H H    . THR A 1 57  ? -10.790 -14.527 -11.265 1.00 0.00 ? 57  THR A H    1 
ATOM 818  H HA   . THR A 1 57  ? -7.979  -14.120 -11.178 1.00 0.00 ? 57  THR A HA   1 
ATOM 819  H HB   . THR A 1 57  ? -8.606  -12.068 -12.535 1.00 0.00 ? 57  THR A HB   1 
ATOM 820  H HG1  . THR A 1 57  ? -10.597 -11.673 -12.869 1.00 0.00 ? 57  THR A HG1  1 
ATOM 821  H HG21 . THR A 1 57  ? -9.412  -14.805 -13.525 1.00 0.00 ? 57  THR A HG21 1 
ATOM 822  H HG22 . THR A 1 57  ? -7.793  -14.097 -13.594 1.00 0.00 ? 57  THR A HG22 1 
ATOM 823  H HG23 . THR A 1 57  ? -9.100  -13.408 -14.552 1.00 0.00 ? 57  THR A HG23 1 
ATOM 824  N N    . TRP A 1 58  ? -7.646  -12.177 -9.749  1.00 0.00 ? 58  TRP A N    1 
ATOM 825  C CA   . TRP A 1 58  ? -7.331  -11.138 -8.811  1.00 0.00 ? 58  TRP A CA   1 
ATOM 826  C C    . TRP A 1 58  ? -7.066  -9.845  -9.560  1.00 0.00 ? 58  TRP A C    1 
ATOM 827  O O    . TRP A 1 58  ? -6.241  -9.799  -10.487 1.00 0.00 ? 58  TRP A O    1 
ATOM 828  C CB   . TRP A 1 58  ? -6.087  -11.567 -8.001  1.00 0.00 ? 58  TRP A CB   1 
ATOM 829  C CG   . TRP A 1 58  ? -5.424  -10.507 -7.155  1.00 0.00 ? 58  TRP A CG   1 
ATOM 830  C CD1  . TRP A 1 58  ? -4.520  -9.591  -7.589  1.00 0.00 ? 58  TRP A CD1  1 
ATOM 831  C CD2  . TRP A 1 58  ? -5.546  -10.297 -5.745  1.00 0.00 ? 58  TRP A CD2  1 
ATOM 832  N NE1  . TRP A 1 58  ? -4.097  -8.810  -6.554  1.00 0.00 ? 58  TRP A NE1  1 
ATOM 833  C CE2  . TRP A 1 58  ? -4.698  -9.218  -5.417  1.00 0.00 ? 58  TRP A CE2  1 
ATOM 834  C CE3  . TRP A 1 58  ? -6.284  -10.898 -4.730  1.00 0.00 ? 58  TRP A CE3  1 
ATOM 835  C CZ2  . TRP A 1 58  ? -4.566  -8.734  -4.135  1.00 0.00 ? 58  TRP A CZ2  1 
ATOM 836  C CZ3  . TRP A 1 58  ? -6.147  -10.411 -3.446  1.00 0.00 ? 58  TRP A CZ3  1 
ATOM 837  C CH2  . TRP A 1 58  ? -5.286  -9.331  -3.166  1.00 0.00 ? 58  TRP A CH2  1 
ATOM 838  H H    . TRP A 1 58  ? -6.936  -12.669 -10.210 1.00 0.00 ? 58  TRP A H    1 
ATOM 839  H HA   . TRP A 1 58  ? -8.160  -11.011 -8.132  1.00 0.00 ? 58  TRP A HA   1 
ATOM 840  H HB2  . TRP A 1 58  ? -6.366  -12.369 -7.335  1.00 0.00 ? 58  TRP A HB2  1 
ATOM 841  H HB3  . TRP A 1 58  ? -5.351  -11.945 -8.696  1.00 0.00 ? 58  TRP A HB3  1 
ATOM 842  H HD1  . TRP A 1 58  ? -4.212  -9.502  -8.619  1.00 0.00 ? 58  TRP A HD1  1 
ATOM 843  H HE1  . TRP A 1 58  ? -3.450  -8.075  -6.607  1.00 0.00 ? 58  TRP A HE1  1 
ATOM 844  H HE3  . TRP A 1 58  ? -6.947  -11.728 -4.931  1.00 0.00 ? 58  TRP A HE3  1 
ATOM 845  H HZ2  . TRP A 1 58  ? -3.913  -7.908  -3.897  1.00 0.00 ? 58  TRP A HZ2  1 
ATOM 846  H HZ3  . TRP A 1 58  ? -6.709  -10.872 -2.649  1.00 0.00 ? 58  TRP A HZ3  1 
ATOM 847  H HH2  . TRP A 1 58  ? -5.184  -8.952  -2.160  1.00 0.00 ? 58  TRP A HH2  1 
ATOM 848  N N    . GLN A 1 59  ? -7.776  -8.826  -9.196  1.00 0.00 ? 59  GLN A N    1 
ATOM 849  C CA   . GLN A 1 59  ? -7.535  -7.512  -9.702  1.00 0.00 ? 59  GLN A CA   1 
ATOM 850  C C    . GLN A 1 59  ? -7.853  -6.516  -8.610  1.00 0.00 ? 59  GLN A C    1 
ATOM 851  O O    . GLN A 1 59  ? -8.913  -6.603  -7.962  1.00 0.00 ? 59  GLN A O    1 
ATOM 852  C CB   . GLN A 1 59  ? -8.351  -7.238  -10.981 1.00 0.00 ? 59  GLN A CB   1 
ATOM 853  C CG   . GLN A 1 59  ? -9.861  -7.302  -10.810 1.00 0.00 ? 59  GLN A CG   1 
ATOM 854  C CD   . GLN A 1 59  ? -10.601 -7.092  -12.108 1.00 0.00 ? 59  GLN A CD   1 
ATOM 855  O OE1  . GLN A 1 59  ? -10.113 -7.435  -13.189 1.00 0.00 ? 59  GLN A OE1  1 
ATOM 856  N NE2  . GLN A 1 59  ? -11.761 -6.517  -12.025 1.00 0.00 ? 59  GLN A NE2  1 
ATOM 857  H H    . GLN A 1 59  ? -8.484  -8.956  -8.527  1.00 0.00 ? 59  GLN A H    1 
ATOM 858  H HA   . GLN A 1 59  ? -6.480  -7.443  -9.927  1.00 0.00 ? 59  GLN A HA   1 
ATOM 859  H HB2  . GLN A 1 59  ? -8.103  -6.252  -11.343 1.00 0.00 ? 59  GLN A HB2  1 
ATOM 860  H HB3  . GLN A 1 59  ? -8.066  -7.962  -11.730 1.00 0.00 ? 59  GLN A HB3  1 
ATOM 861  H HG2  . GLN A 1 59  ? -10.125 -8.273  -10.417 1.00 0.00 ? 59  GLN A HG2  1 
ATOM 862  H HG3  . GLN A 1 59  ? -10.162 -6.537  -10.108 1.00 0.00 ? 59  GLN A HG3  1 
ATOM 863  H HE21 . GLN A 1 59  ? -12.090 -6.243  -11.144 1.00 0.00 ? 59  GLN A HE21 1 
ATOM 864  H HE22 . GLN A 1 59  ? -12.283 -6.392  -12.846 1.00 0.00 ? 59  GLN A HE22 1 
ATOM 865  N N    . ALA A 1 60  ? -6.964  -5.598  -8.398  1.00 0.00 ? 60  ALA A N    1 
ATOM 866  C CA   . ALA A 1 60  ? -7.114  -4.606  -7.373  1.00 0.00 ? 60  ALA A CA   1 
ATOM 867  C C    . ALA A 1 60  ? -6.057  -3.573  -7.541  1.00 0.00 ? 60  ALA A C    1 
ATOM 868  O O    . ALA A 1 60  ? -5.053  -3.814  -8.236  1.00 0.00 ? 60  ALA A O    1 
ATOM 869  C CB   . ALA A 1 60  ? -7.005  -5.229  -5.974  1.00 0.00 ? 60  ALA A CB   1 
ATOM 870  H H    . ALA A 1 60  ? -6.155  -5.542  -8.948  1.00 0.00 ? 60  ALA A H    1 
ATOM 871  H HA   . ALA A 1 60  ? -8.086  -4.149  -7.472  1.00 0.00 ? 60  ALA A HA   1 
ATOM 872  H HB1  . ALA A 1 60  ? -6.035  -5.689  -5.859  1.00 0.00 ? 60  ALA A HB1  1 
ATOM 873  H HB2  . ALA A 1 60  ? -7.775  -5.976  -5.850  1.00 0.00 ? 60  ALA A HB2  1 
ATOM 874  H HB3  . ALA A 1 60  ? -7.129  -4.459  -5.226  1.00 0.00 ? 60  ALA A HB3  1 
ATOM 875  N N    . GLU A 1 61  ? -6.278  -2.441  -6.957  1.00 0.00 ? 61  GLU A N    1 
ATOM 876  C CA   . GLU A 1 61  ? -5.296  -1.451  -6.847  1.00 0.00 ? 61  GLU A CA   1 
ATOM 877  C C    . GLU A 1 61  ? -4.728  -1.619  -5.458  1.00 0.00 ? 61  GLU A C    1 
ATOM 878  O O    . GLU A 1 61  ? -5.482  -1.653  -4.478  1.00 0.00 ? 61  GLU A O    1 
ATOM 879  C CB   . GLU A 1 61  ? -5.948  -0.076  -6.972  1.00 0.00 ? 61  GLU A CB   1 
ATOM 880  C CG   . GLU A 1 61  ? -5.008  1.104   -6.885  1.00 0.00 ? 61  GLU A CG   1 
ATOM 881  C CD   . GLU A 1 61  ? -5.738  2.443   -6.855  1.00 0.00 ? 61  GLU A CD   1 
ATOM 882  O OE1  . GLU A 1 61  ? -6.386  2.811   -7.860  1.00 0.00 ? 61  GLU A OE1  1 
ATOM 883  O OE2  . GLU A 1 61  ? -5.648  3.165   -5.843  1.00 0.00 ? 61  GLU A OE2  1 
ATOM 884  H H    . GLU A 1 61  ? -7.142  -2.220  -6.547  1.00 0.00 ? 61  GLU A H    1 
ATOM 885  H HA   . GLU A 1 61  ? -4.536  -1.579  -7.604  1.00 0.00 ? 61  GLU A HA   1 
ATOM 886  H HB2  . GLU A 1 61  ? -6.445  -0.023  -7.929  1.00 0.00 ? 61  GLU A HB2  1 
ATOM 887  H HB3  . GLU A 1 61  ? -6.690  0.016   -6.194  1.00 0.00 ? 61  GLU A HB3  1 
ATOM 888  H HG2  . GLU A 1 61  ? -4.423  1.011   -5.982  1.00 0.00 ? 61  GLU A HG2  1 
ATOM 889  H HG3  . GLU A 1 61  ? -4.351  1.086   -7.741  1.00 0.00 ? 61  GLU A HG3  1 
ATOM 890  N N    . LEU A 1 62  ? -3.456  -1.773  -5.371  1.00 0.00 ? 62  LEU A N    1 
ATOM 891  C CA   . LEU A 1 62  ? -2.792  -1.837  -4.114  1.00 0.00 ? 62  LEU A CA   1 
ATOM 892  C C    . LEU A 1 62  ? -2.202  -0.486  -3.903  1.00 0.00 ? 62  LEU A C    1 
ATOM 893  O O    . LEU A 1 62  ? -1.307  -0.060  -4.642  1.00 0.00 ? 62  LEU A O    1 
ATOM 894  C CB   . LEU A 1 62  ? -1.689  -2.949  -4.063  1.00 0.00 ? 62  LEU A CB   1 
ATOM 895  C CG   . LEU A 1 62  ? -2.127  -4.426  -3.768  1.00 0.00 ? 62  LEU A CG   1 
ATOM 896  C CD1  . LEU A 1 62  ? -3.208  -4.942  -4.702  1.00 0.00 ? 62  LEU A CD1  1 
ATOM 897  C CD2  . LEU A 1 62  ? -0.926  -5.346  -3.843  1.00 0.00 ? 62  LEU A CD2  1 
ATOM 898  H H    . LEU A 1 62  ? -2.886  -1.743  -6.173  1.00 0.00 ? 62  LEU A H    1 
ATOM 899  H HA   . LEU A 1 62  ? -3.536  -2.015  -3.352  1.00 0.00 ? 62  LEU A HA   1 
ATOM 900  H HB2  . LEU A 1 62  ? -1.143  -2.946  -4.997  1.00 0.00 ? 62  LEU A HB2  1 
ATOM 901  H HB3  . LEU A 1 62  ? -0.999  -2.658  -3.282  1.00 0.00 ? 62  LEU A HB3  1 
ATOM 902  H HG   . LEU A 1 62  ? -2.504  -4.494  -2.756  1.00 0.00 ? 62  LEU A HG   1 
ATOM 903  H HD11 . LEU A 1 62  ? -2.871  -4.899  -5.726  1.00 0.00 ? 62  LEU A HD11 1 
ATOM 904  H HD12 . LEU A 1 62  ? -4.121  -4.379  -4.550  1.00 0.00 ? 62  LEU A HD12 1 
ATOM 905  H HD13 . LEU A 1 62  ? -3.398  -5.971  -4.427  1.00 0.00 ? 62  LEU A HD13 1 
ATOM 906  H HD21 . LEU A 1 62  ? -0.494  -5.299  -4.832  1.00 0.00 ? 62  LEU A HD21 1 
ATOM 907  H HD22 . LEU A 1 62  ? -1.249  -6.357  -3.640  1.00 0.00 ? 62  LEU A HD22 1 
ATOM 908  H HD23 . LEU A 1 62  ? -0.194  -5.044  -3.109  1.00 0.00 ? 62  LEU A HD23 1 
ATOM 909  N N    . HIS A 1 63  ? -2.733  0.216   -2.972  1.00 0.00 ? 63  HIS A N    1 
ATOM 910  C CA   . HIS A 1 63  ? -2.279  1.523   -2.701  1.00 0.00 ? 63  HIS A CA   1 
ATOM 911  C C    . HIS A 1 63  ? -1.620  1.481   -1.366  1.00 0.00 ? 63  HIS A C    1 
ATOM 912  O O    . HIS A 1 63  ? -2.254  1.223   -0.346  1.00 0.00 ? 63  HIS A O    1 
ATOM 913  C CB   . HIS A 1 63  ? -3.451  2.503   -2.696  1.00 0.00 ? 63  HIS A CB   1 
ATOM 914  C CG   . HIS A 1 63  ? -3.045  3.936   -2.602  1.00 0.00 ? 63  HIS A CG   1 
ATOM 915  N ND1  . HIS A 1 63  ? -2.588  4.646   -3.679  1.00 0.00 ? 63  HIS A ND1  1 
ATOM 916  C CD2  . HIS A 1 63  ? -3.003  4.791   -1.552  1.00 0.00 ? 63  HIS A CD2  1 
ATOM 917  C CE1  . HIS A 1 63  ? -2.284  5.849   -3.311  1.00 0.00 ? 63  HIS A CE1  1 
ATOM 918  N NE2  . HIS A 1 63  ? -2.522  5.975   -2.032  1.00 0.00 ? 63  HIS A NE2  1 
ATOM 919  H H    . HIS A 1 63  ? -3.457  -0.147  -2.413  1.00 0.00 ? 63  HIS A H    1 
ATOM 920  H HA   . HIS A 1 63  ? -1.566  1.814   -3.458  1.00 0.00 ? 63  HIS A HA   1 
ATOM 921  H HB2  . HIS A 1 63  ? -4.048  2.375   -3.587  1.00 0.00 ? 63  HIS A HB2  1 
ATOM 922  H HB3  . HIS A 1 63  ? -4.036  2.271   -1.819  1.00 0.00 ? 63  HIS A HB3  1 
ATOM 923  H HD1  . HIS A 1 63  ? -2.496  4.355   -4.616  1.00 0.00 ? 63  HIS A HD1  1 
ATOM 924  H HD2  . HIS A 1 63  ? -3.293  4.576   -0.533  1.00 0.00 ? 63  HIS A HD2  1 
ATOM 925  H HE1  . HIS A 1 63  ? -1.887  6.605   -3.968  1.00 0.00 ? 63  HIS A HE1  1 
ATOM 926  H HE2  . HIS A 1 63  ? -2.245  6.770   -1.508  1.00 0.00 ? 63  HIS A HE2  1 
ATOM 927  N N    . ILE A 1 64  ? -0.379  1.712   -1.364  1.00 0.00 ? 64  ILE A N    1 
ATOM 928  C CA   . ILE A 1 64  ? 0.368   1.637   -0.161  1.00 0.00 ? 64  ILE A CA   1 
ATOM 929  C C    . ILE A 1 64  ? 0.906   3.001   0.185   1.00 0.00 ? 64  ILE A C    1 
ATOM 930  O O    . ILE A 1 64  ? 1.463   3.696   -0.681  1.00 0.00 ? 64  ILE A O    1 
ATOM 931  C CB   . ILE A 1 64  ? 1.504   0.544   -0.198  1.00 0.00 ? 64  ILE A CB   1 
ATOM 932  C CG1  . ILE A 1 64  ? 2.489   0.721   -1.383  1.00 0.00 ? 64  ILE A CG1  1 
ATOM 933  C CG2  . ILE A 1 64  ? 0.891   -0.858  -0.262  1.00 0.00 ? 64  ILE A CG2  1 
ATOM 934  C CD1  . ILE A 1 64  ? 1.984   0.228   -2.751  1.00 0.00 ? 64  ILE A CD1  1 
ATOM 935  H H    . ILE A 1 64  ? 0.055   1.978   -2.204  1.00 0.00 ? 64  ILE A H    1 
ATOM 936  H HA   . ILE A 1 64  ? -0.338  1.369   0.613   1.00 0.00 ? 64  ILE A HA   1 
ATOM 937  H HB   . ILE A 1 64  ? 2.050   0.614   0.732   1.00 0.00 ? 64  ILE A HB   1 
ATOM 938  H HG12 . ILE A 1 64  ? 2.725   1.770   -1.479  1.00 0.00 ? 64  ILE A HG12 1 
ATOM 939  H HG13 . ILE A 1 64  ? 3.392   0.181   -1.148  1.00 0.00 ? 64  ILE A HG13 1 
ATOM 940  H HG21 . ILE A 1 64  ? 0.351   -0.943  -1.195  1.00 0.00 ? 64  ILE A HG21 1 
ATOM 941  H HG22 . ILE A 1 64  ? 0.212   -1.014  0.563   1.00 0.00 ? 64  ILE A HG22 1 
ATOM 942  H HG23 . ILE A 1 64  ? 1.679   -1.596  -0.247  1.00 0.00 ? 64  ILE A HG23 1 
ATOM 943  H HD11 . ILE A 1 64  ? 1.722   -0.818  -2.676  1.00 0.00 ? 64  ILE A HD11 1 
ATOM 944  H HD12 . ILE A 1 64  ? 2.768   0.332   -3.486  1.00 0.00 ? 64  ILE A HD12 1 
ATOM 945  H HD13 . ILE A 1 64  ? 1.121   0.797   -3.058  1.00 0.00 ? 64  ILE A HD13 1 
ATOM 946  N N    . GLU A 1 65  ? 0.690   3.405   1.412   1.00 0.00 ? 65  GLU A N    1 
ATOM 947  C CA   . GLU A 1 65  ? 1.117   4.698   1.870   1.00 0.00 ? 65  GLU A CA   1 
ATOM 948  C C    . GLU A 1 65  ? 2.103   4.530   3.010   1.00 0.00 ? 65  GLU A C    1 
ATOM 949  O O    . GLU A 1 65  ? 1.821   3.826   3.987   1.00 0.00 ? 65  GLU A O    1 
ATOM 950  C CB   . GLU A 1 65  ? -0.104  5.522   2.347   1.00 0.00 ? 65  GLU A CB   1 
ATOM 951  C CG   . GLU A 1 65  ? -1.170  5.747   1.276   1.00 0.00 ? 65  GLU A CG   1 
ATOM 952  C CD   . GLU A 1 65  ? -2.343  6.603   1.745   1.00 0.00 ? 65  GLU A CD   1 
ATOM 953  O OE1  . GLU A 1 65  ? -2.134  7.775   2.088   1.00 0.00 ? 65  GLU A OE1  1 
ATOM 954  O OE2  . GLU A 1 65  ? -3.512  6.117   1.736   1.00 0.00 ? 65  GLU A OE2  1 
ATOM 955  H H    . GLU A 1 65  ? 0.224   2.818   2.049   1.00 0.00 ? 65  GLU A H    1 
ATOM 956  H HA   . GLU A 1 65  ? 1.591   5.218   1.052   1.00 0.00 ? 65  GLU A HA   1 
ATOM 957  H HB2  . GLU A 1 65  ? -0.565  5.006   3.177   1.00 0.00 ? 65  GLU A HB2  1 
ATOM 958  H HB3  . GLU A 1 65  ? 0.243   6.485   2.690   1.00 0.00 ? 65  GLU A HB3  1 
ATOM 959  H HG2  . GLU A 1 65  ? -0.715  6.237   0.428   1.00 0.00 ? 65  GLU A HG2  1 
ATOM 960  H HG3  . GLU A 1 65  ? -1.549  4.785   0.965   1.00 0.00 ? 65  GLU A HG3  1 
ATOM 961  N N    . VAL A 1 66  ? 3.248   5.150   2.888   1.00 0.00 ? 66  VAL A N    1 
ATOM 962  C CA   . VAL A 1 66  ? 4.238   5.138   3.949   1.00 0.00 ? 66  VAL A CA   1 
ATOM 963  C C    . VAL A 1 66  ? 4.405   6.544   4.454   1.00 0.00 ? 66  VAL A C    1 
ATOM 964  O O    . VAL A 1 66  ? 4.571   7.480   3.665   1.00 0.00 ? 66  VAL A O    1 
ATOM 965  C CB   . VAL A 1 66  ? 5.607   4.555   3.494   1.00 0.00 ? 66  VAL A CB   1 
ATOM 966  C CG1  . VAL A 1 66  ? 6.626   4.606   4.628   1.00 0.00 ? 66  VAL A CG1  1 
ATOM 967  C CG2  . VAL A 1 66  ? 5.437   3.118   3.043   1.00 0.00 ? 66  VAL A CG2  1 
ATOM 968  H H    . VAL A 1 66  ? 3.430   5.641   2.055   1.00 0.00 ? 66  VAL A H    1 
ATOM 969  H HA   . VAL A 1 66  ? 3.838   4.536   4.752   1.00 0.00 ? 66  VAL A HA   1 
ATOM 970  H HB   . VAL A 1 66  ? 5.979   5.132   2.660   1.00 0.00 ? 66  VAL A HB   1 
ATOM 971  H HG11 . VAL A 1 66  ? 6.269   4.019   5.461   1.00 0.00 ? 66  VAL A HG11 1 
ATOM 972  H HG12 . VAL A 1 66  ? 6.762   5.630   4.943   1.00 0.00 ? 66  VAL A HG12 1 
ATOM 973  H HG13 . VAL A 1 66  ? 7.569   4.208   4.283   1.00 0.00 ? 66  VAL A HG13 1 
ATOM 974  H HG21 . VAL A 1 66  ? 4.694   3.067   2.261   1.00 0.00 ? 66  VAL A HG21 1 
ATOM 975  H HG22 . VAL A 1 66  ? 5.139   2.509   3.883   1.00 0.00 ? 66  VAL A HG22 1 
ATOM 976  H HG23 . VAL A 1 66  ? 6.380   2.754   2.662   1.00 0.00 ? 66  VAL A HG23 1 
ATOM 977  N N    . PHE A 1 67  ? 4.341   6.695   5.741   1.00 0.00 ? 67  PHE A N    1 
ATOM 978  C CA   . PHE A 1 67  ? 4.369   7.979   6.360   1.00 0.00 ? 67  PHE A CA   1 
ATOM 979  C C    . PHE A 1 67  ? 5.694   8.121   7.074   1.00 0.00 ? 67  PHE A C    1 
ATOM 980  O O    . PHE A 1 67  ? 6.058   7.251   7.876   1.00 0.00 ? 67  PHE A O    1 
ATOM 981  C CB   . PHE A 1 67  ? 3.230   8.049   7.378   1.00 0.00 ? 67  PHE A CB   1 
ATOM 982  C CG   . PHE A 1 67  ? 1.914   7.555   6.833   1.00 0.00 ? 67  PHE A CG   1 
ATOM 983  C CD1  . PHE A 1 67  ? 1.257   8.229   5.827   1.00 0.00 ? 67  PHE A CD1  1 
ATOM 984  C CD2  . PHE A 1 67  ? 1.359   6.383   7.317   1.00 0.00 ? 67  PHE A CD2  1 
ATOM 985  C CE1  . PHE A 1 67  ? 0.066   7.747   5.319   1.00 0.00 ? 67  PHE A CE1  1 
ATOM 986  C CE2  . PHE A 1 67  ? 0.178   5.899   6.815   1.00 0.00 ? 67  PHE A CE2  1 
ATOM 987  C CZ   . PHE A 1 67  ? -0.472  6.581   5.815   1.00 0.00 ? 67  PHE A CZ   1 
ATOM 988  H H    . PHE A 1 67  ? 4.295   5.904   6.324   1.00 0.00 ? 67  PHE A H    1 
ATOM 989  H HA   . PHE A 1 67  ? 4.237   8.753   5.618   1.00 0.00 ? 67  PHE A HA   1 
ATOM 990  H HB2  . PHE A 1 67  ? 3.483   7.446   8.237   1.00 0.00 ? 67  PHE A HB2  1 
ATOM 991  H HB3  . PHE A 1 67  ? 3.095   9.076   7.684   1.00 0.00 ? 67  PHE A HB3  1 
ATOM 992  H HD1  . PHE A 1 67  ? 1.678   9.143   5.436   1.00 0.00 ? 67  PHE A HD1  1 
ATOM 993  H HD2  . PHE A 1 67  ? 1.864   5.844   8.104   1.00 0.00 ? 67  PHE A HD2  1 
ATOM 994  H HE1  . PHE A 1 67  ? -0.443  8.284   4.533   1.00 0.00 ? 67  PHE A HE1  1 
ATOM 995  H HE2  . PHE A 1 67  ? -0.235  4.984   7.210   1.00 0.00 ? 67  PHE A HE2  1 
ATOM 996  H HZ   . PHE A 1 67  ? -1.403  6.204   5.417   1.00 0.00 ? 67  PHE A HZ   1 
ATOM 997  N N    . LEU A 1 68  ? 6.405   9.185   6.797   1.00 0.00 ? 68  LEU A N    1 
ATOM 998  C CA   . LEU A 1 68  ? 7.690   9.427   7.400   1.00 0.00 ? 68  LEU A CA   1 
ATOM 999  C C    . LEU A 1 68  ? 7.840   10.902  7.780   1.00 0.00 ? 68  LEU A C    1 
ATOM 1000 O O    . LEU A 1 68  ? 7.179   11.785  7.177   1.00 0.00 ? 68  LEU A O    1 
ATOM 1001 C CB   . LEU A 1 68  ? 8.844   8.969   6.472   1.00 0.00 ? 68  LEU A CB   1 
ATOM 1002 C CG   . LEU A 1 68  ? 8.998   7.446   6.255   1.00 0.00 ? 68  LEU A CG   1 
ATOM 1003 C CD1  . LEU A 1 68  ? 10.123  7.151   5.290   1.00 0.00 ? 68  LEU A CD1  1 
ATOM 1004 C CD2  . LEU A 1 68  ? 9.264   6.732   7.574   1.00 0.00 ? 68  LEU A CD2  1 
ATOM 1005 H H    . LEU A 1 68  ? 6.065   9.870   6.178   1.00 0.00 ? 68  LEU A H    1 
ATOM 1006 H HA   . LEU A 1 68  ? 7.721   8.839   8.305   1.00 0.00 ? 68  LEU A HA   1 
ATOM 1007 H HB2  . LEU A 1 68  ? 8.693   9.429   5.506   1.00 0.00 ? 68  LEU A HB2  1 
ATOM 1008 H HB3  . LEU A 1 68  ? 9.769   9.347   6.879   1.00 0.00 ? 68  LEU A HB3  1 
ATOM 1009 H HG   . LEU A 1 68  ? 8.083   7.055   5.837   1.00 0.00 ? 68  LEU A HG   1 
ATOM 1010 H HD11 . LEU A 1 68  ? 11.057  7.492   5.712   1.00 0.00 ? 68  LEU A HD11 1 
ATOM 1011 H HD12 . LEU A 1 68  ? 9.938   7.664   4.359   1.00 0.00 ? 68  LEU A HD12 1 
ATOM 1012 H HD13 . LEU A 1 68  ? 10.171  6.086   5.119   1.00 0.00 ? 68  LEU A HD13 1 
ATOM 1013 H HD21 . LEU A 1 68  ? 10.152  7.139   8.032   1.00 0.00 ? 68  LEU A HD21 1 
ATOM 1014 H HD22 . LEU A 1 68  ? 9.412   5.679   7.384   1.00 0.00 ? 68  LEU A HD22 1 
ATOM 1015 H HD23 . LEU A 1 68  ? 8.420   6.861   8.235   1.00 0.00 ? 68  LEU A HD23 1 
ATOM 1016 N N    . PRO A 1 69  ? 8.668   11.189  8.803   1.00 0.00 ? 69  PRO A N    1 
ATOM 1017 C CA   . PRO A 1 69  ? 8.941   12.556  9.256   1.00 0.00 ? 69  PRO A CA   1 
ATOM 1018 C C    . PRO A 1 69  ? 9.383   13.505  8.119   1.00 0.00 ? 69  PRO A C    1 
ATOM 1019 O O    . PRO A 1 69  ? 10.048  13.101  7.171   1.00 0.00 ? 69  PRO A O    1 
ATOM 1020 C CB   . PRO A 1 69  ? 10.100  12.356  10.242  1.00 0.00 ? 69  PRO A CB   1 
ATOM 1021 C CG   . PRO A 1 69  ? 9.882   11.002  10.794  1.00 0.00 ? 69  PRO A CG   1 
ATOM 1022 C CD   . PRO A 1 69  ? 9.359   10.187  9.655   1.00 0.00 ? 69  PRO A CD   1 
ATOM 1023 H HA   . PRO A 1 69  ? 8.099   12.983  9.779   1.00 0.00 ? 69  PRO A HA   1 
ATOM 1024 H HB2  . PRO A 1 69  ? 11.041  12.425  9.716   1.00 0.00 ? 69  PRO A HB2  1 
ATOM 1025 H HB3  . PRO A 1 69  ? 10.068  13.104  11.018  1.00 0.00 ? 69  PRO A HB3  1 
ATOM 1026 H HG2  . PRO A 1 69  ? 10.815  10.595  11.156  1.00 0.00 ? 69  PRO A HG2  1 
ATOM 1027 H HG3  . PRO A 1 69  ? 9.153   11.042  11.590  1.00 0.00 ? 69  PRO A HG3  1 
ATOM 1028 H HD2  . PRO A 1 69  ? 10.173  9.717   9.123   1.00 0.00 ? 69  PRO A HD2  1 
ATOM 1029 H HD3  . PRO A 1 69  ? 8.664   9.447   10.020  1.00 0.00 ? 69  PRO A HD3  1 
ATOM 1030 N N    . ALA A 1 70  ? 8.963   14.755  8.232   1.00 0.00 ? 70  ALA A N    1 
ATOM 1031 C CA   . ALA A 1 70  ? 9.341   15.834  7.291   1.00 0.00 ? 70  ALA A CA   1 
ATOM 1032 C C    . ALA A 1 70  ? 10.861  15.969  7.119   1.00 0.00 ? 70  ALA A C    1 
ATOM 1033 O O    . ALA A 1 70  ? 11.339  16.443  6.098   1.00 0.00 ? 70  ALA A O    1 
ATOM 1034 C CB   . ALA A 1 70  ? 8.754   17.156  7.734   1.00 0.00 ? 70  ALA A CB   1 
ATOM 1035 H H    . ALA A 1 70  ? 8.264   14.819  8.913   1.00 0.00 ? 70  ALA A H    1 
ATOM 1036 H HA   . ALA A 1 70  ? 8.915   15.583  6.331   1.00 0.00 ? 70  ALA A HA   1 
ATOM 1037 H HB1  . ALA A 1 70  ? 7.691   17.049  7.886   1.00 0.00 ? 70  ALA A HB1  1 
ATOM 1038 H HB2  . ALA A 1 70  ? 8.932   17.894  6.966   1.00 0.00 ? 70  ALA A HB2  1 
ATOM 1039 H HB3  . ALA A 1 70  ? 9.224   17.467  8.656   1.00 0.00 ? 70  ALA A HB3  1 
ATOM 1040 N N    . GLN A 1 71  ? 11.606  15.543  8.112   1.00 0.00 ? 71  GLN A N    1 
ATOM 1041 C CA   . GLN A 1 71  ? 13.063  15.577  8.072   1.00 0.00 ? 71  GLN A CA   1 
ATOM 1042 C C    . GLN A 1 71  ? 13.656  14.381  7.280   1.00 0.00 ? 71  GLN A C    1 
ATOM 1043 O O    . GLN A 1 71  ? 14.880  14.193  7.239   1.00 0.00 ? 71  GLN A O    1 
ATOM 1044 C CB   . GLN A 1 71  ? 13.617  15.619  9.492   1.00 0.00 ? 71  GLN A CB   1 
ATOM 1045 C CG   . GLN A 1 71  ? 13.170  16.845  10.273  1.00 0.00 ? 71  GLN A CG   1 
ATOM 1046 C CD   . GLN A 1 71  ? 13.724  16.917  11.682  1.00 0.00 ? 71  GLN A CD   1 
ATOM 1047 O OE1  . GLN A 1 71  ? 13.915  17.999  12.219  1.00 0.00 ? 71  GLN A OE1  1 
ATOM 1048 N NE2  . GLN A 1 71  ? 13.968  15.790  12.297  1.00 0.00 ? 71  GLN A NE2  1 
ATOM 1049 H H    . GLN A 1 71  ? 11.144  15.218  8.915   1.00 0.00 ? 71  GLN A H    1 
ATOM 1050 H HA   . GLN A 1 71  ? 13.346  16.489  7.567   1.00 0.00 ? 71  GLN A HA   1 
ATOM 1051 H HB2  . GLN A 1 71  ? 13.267  14.740  10.012  1.00 0.00 ? 71  GLN A HB2  1 
ATOM 1052 H HB3  . GLN A 1 71  ? 14.696  15.609  9.456   1.00 0.00 ? 71  GLN A HB3  1 
ATOM 1053 H HG2  . GLN A 1 71  ? 13.501  17.724  9.741   1.00 0.00 ? 71  GLN A HG2  1 
ATOM 1054 H HG3  . GLN A 1 71  ? 12.091  16.855  10.321  1.00 0.00 ? 71  GLN A HG3  1 
ATOM 1055 H HE21 . GLN A 1 71  ? 13.782  14.949  11.828  1.00 0.00 ? 71  GLN A HE21 1 
ATOM 1056 H HE22 . GLN A 1 71  ? 14.335  15.817  13.206  1.00 0.00 ? 71  GLN A HE22 1 
ATOM 1057 N N    . VAL A 1 72  ? 12.800  13.615  6.630   1.00 0.00 ? 72  VAL A N    1 
ATOM 1058 C CA   . VAL A 1 72  ? 13.214  12.465  5.833   1.00 0.00 ? 72  VAL A CA   1 
ATOM 1059 C C    . VAL A 1 72  ? 13.326  12.872  4.360   1.00 0.00 ? 72  VAL A C    1 
ATOM 1060 O O    . VAL A 1 72  ? 12.333  13.261  3.743   1.00 0.00 ? 72  VAL A O    1 
ATOM 1061 C CB   . VAL A 1 72  ? 12.215  11.272  5.985   1.00 0.00 ? 72  VAL A CB   1 
ATOM 1062 C CG1  . VAL A 1 72  ? 12.455  10.190  4.939   1.00 0.00 ? 72  VAL A CG1  1 
ATOM 1063 C CG2  . VAL A 1 72  ? 12.328  10.673  7.373   1.00 0.00 ? 72  VAL A CG2  1 
ATOM 1064 H H    . VAL A 1 72  ? 11.849  13.857  6.619   1.00 0.00 ? 72  VAL A H    1 
ATOM 1065 H HA   . VAL A 1 72  ? 14.186  12.160  6.191   1.00 0.00 ? 72  VAL A HA   1 
ATOM 1066 H HB   . VAL A 1 72  ? 11.210  11.650  5.864   1.00 0.00 ? 72  VAL A HB   1 
ATOM 1067 H HG11 . VAL A 1 72  ? 12.314  10.623  3.959   1.00 0.00 ? 72  VAL A HG11 1 
ATOM 1068 H HG12 . VAL A 1 72  ? 11.732  9.399   5.076   1.00 0.00 ? 72  VAL A HG12 1 
ATOM 1069 H HG13 . VAL A 1 72  ? 13.458  9.802   5.029   1.00 0.00 ? 72  VAL A HG13 1 
ATOM 1070 H HG21 . VAL A 1 72  ? 12.082  11.422  8.111   1.00 0.00 ? 72  VAL A HG21 1 
ATOM 1071 H HG22 . VAL A 1 72  ? 13.340  10.333  7.530   1.00 0.00 ? 72  VAL A HG22 1 
ATOM 1072 H HG23 . VAL A 1 72  ? 11.656  9.834   7.469   1.00 0.00 ? 72  VAL A HG23 1 
ATOM 1073 N N    . PRO A 1 73  ? 14.535  12.809  3.786   1.00 0.00 ? 73  PRO A N    1 
ATOM 1074 C CA   . PRO A 1 73  ? 14.767  13.172  2.390   1.00 0.00 ? 73  PRO A CA   1 
ATOM 1075 C C    . PRO A 1 73  ? 14.118  12.178  1.415   1.00 0.00 ? 73  PRO A C    1 
ATOM 1076 O O    . PRO A 1 73  ? 13.840  11.009  1.774   1.00 0.00 ? 73  PRO A O    1 
ATOM 1077 C CB   . PRO A 1 73  ? 16.285  13.165  2.258   1.00 0.00 ? 73  PRO A CB   1 
ATOM 1078 C CG   . PRO A 1 73  ? 16.757  12.243  3.318   1.00 0.00 ? 73  PRO A CG   1 
ATOM 1079 C CD   . PRO A 1 73  ? 15.772  12.354  4.445   1.00 0.00 ? 73  PRO A CD   1 
ATOM 1080 H HA   . PRO A 1 73  ? 14.381  14.158  2.183   1.00 0.00 ? 73  PRO A HA   1 
ATOM 1081 H HB2  . PRO A 1 73  ? 16.549  12.805  1.277   1.00 0.00 ? 73  PRO A HB2  1 
ATOM 1082 H HB3  . PRO A 1 73  ? 16.671  14.164  2.401   1.00 0.00 ? 73  PRO A HB3  1 
ATOM 1083 H HG2  . PRO A 1 73  ? 16.775  11.233  2.938   1.00 0.00 ? 73  PRO A HG2  1 
ATOM 1084 H HG3  . PRO A 1 73  ? 17.741  12.537  3.649   1.00 0.00 ? 73  PRO A HG3  1 
ATOM 1085 H HD2  . PRO A 1 73  ? 15.632  11.387  4.904   1.00 0.00 ? 73  PRO A HD2  1 
ATOM 1086 H HD3  . PRO A 1 73  ? 16.110  13.074  5.176   1.00 0.00 ? 73  PRO A HD3  1 
ATOM 1087 N N    . ASP A 1 74  ? 13.903  12.635  0.184   1.00 0.00 ? 74  ASP A N    1 
ATOM 1088 C CA   . ASP A 1 74  ? 13.226  11.857  -0.868  1.00 0.00 ? 74  ASP A CA   1 
ATOM 1089 C C    . ASP A 1 74  ? 13.837  10.491  -1.089  1.00 0.00 ? 74  ASP A C    1 
ATOM 1090 O O    . ASP A 1 74  ? 13.110  9.508   -1.195  1.00 0.00 ? 74  ASP A O    1 
ATOM 1091 C CB   . ASP A 1 74  ? 13.238  12.616  -2.201  1.00 0.00 ? 74  ASP A CB   1 
ATOM 1092 C CG   . ASP A 1 74  ? 12.550  11.855  -3.329  1.00 0.00 ? 74  ASP A CG   1 
ATOM 1093 O OD1  . ASP A 1 74  ? 11.326  12.021  -3.522  1.00 0.00 ? 74  ASP A OD1  1 
ATOM 1094 O OD2  . ASP A 1 74  ? 13.239  11.091  -4.060  1.00 0.00 ? 74  ASP A OD2  1 
ATOM 1095 H H    . ASP A 1 74  ? 14.189  13.550  -0.036  1.00 0.00 ? 74  ASP A H    1 
ATOM 1096 H HA   . ASP A 1 74  ? 12.195  11.732  -0.573  1.00 0.00 ? 74  ASP A HA   1 
ATOM 1097 H HB2  . ASP A 1 74  ? 12.735  13.564  -2.076  1.00 0.00 ? 74  ASP A HB2  1 
ATOM 1098 H HB3  . ASP A 1 74  ? 14.263  12.795  -2.490  1.00 0.00 ? 74  ASP A HB3  1 
ATOM 1099 N N    . SER A 1 75  ? 15.165  10.411  -1.073  1.00 0.00 ? 75  SER A N    1 
ATOM 1100 C CA   . SER A 1 75  ? 15.824  9.159   -1.363  1.00 0.00 ? 75  SER A CA   1 
ATOM 1101 C C    . SER A 1 75  ? 15.505  8.113   -0.294  1.00 0.00 ? 75  SER A C    1 
ATOM 1102 O O    . SER A 1 75  ? 15.264  6.948   -0.617  1.00 0.00 ? 75  SER A O    1 
ATOM 1103 C CB   . SER A 1 75  ? 17.343  9.338   -1.549  1.00 0.00 ? 75  SER A CB   1 
ATOM 1104 O OG   . SER A 1 75  ? 17.979  8.116   -1.953  1.00 0.00 ? 75  SER A OG   1 
ATOM 1105 H H    . SER A 1 75  ? 15.660  11.201  -0.766  1.00 0.00 ? 75  SER A H    1 
ATOM 1106 H HA   . SER A 1 75  ? 15.400  8.801   -2.289  1.00 0.00 ? 75  SER A HA   1 
ATOM 1107 H HB2  . SER A 1 75  ? 17.514  10.081  -2.312  1.00 0.00 ? 75  SER A HB2  1 
ATOM 1108 H HB3  . SER A 1 75  ? 17.780  9.667   -0.618  1.00 0.00 ? 75  SER A HB3  1 
ATOM 1109 H HG   . SER A 1 75  ? 17.467  7.724   -2.676  1.00 0.00 ? 75  SER A HG   1 
ATOM 1110 N N    . GLU A 1 76  ? 15.466  8.538   0.975   1.00 0.00 ? 76  GLU A N    1 
ATOM 1111 C CA   . GLU A 1 76  ? 15.139  7.611   2.045   1.00 0.00 ? 76  GLU A CA   1 
ATOM 1112 C C    . GLU A 1 76  ? 13.698  7.140   1.979   1.00 0.00 ? 76  GLU A C    1 
ATOM 1113 O O    . GLU A 1 76  ? 13.426  5.952   2.175   1.00 0.00 ? 76  GLU A O    1 
ATOM 1114 C CB   . GLU A 1 76  ? 15.470  8.139   3.433   1.00 0.00 ? 76  GLU A CB   1 
ATOM 1115 C CG   . GLU A 1 76  ? 16.949  8.319   3.706   1.00 0.00 ? 76  GLU A CG   1 
ATOM 1116 C CD   . GLU A 1 76  ? 17.204  8.638   5.151   1.00 0.00 ? 76  GLU A CD   1 
ATOM 1117 O OE1  . GLU A 1 76  ? 17.188  9.811   5.535   1.00 0.00 ? 76  GLU A OE1  1 
ATOM 1118 O OE2  . GLU A 1 76  ? 17.373  7.687   5.952   1.00 0.00 ? 76  GLU A OE2  1 
ATOM 1119 H H    . GLU A 1 76  ? 15.682  9.482   1.119   1.00 0.00 ? 76  GLU A H    1 
ATOM 1120 H HA   . GLU A 1 76  ? 15.749  6.738   1.861   1.00 0.00 ? 76  GLU A HA   1 
ATOM 1121 H HB2  . GLU A 1 76  ? 14.991  9.100   3.556   1.00 0.00 ? 76  GLU A HB2  1 
ATOM 1122 H HB3  . GLU A 1 76  ? 15.068  7.457   4.168   1.00 0.00 ? 76  GLU A HB3  1 
ATOM 1123 H HG2  . GLU A 1 76  ? 17.463  7.404   3.454   1.00 0.00 ? 76  GLU A HG2  1 
ATOM 1124 H HG3  . GLU A 1 76  ? 17.329  9.124   3.095   1.00 0.00 ? 76  GLU A HG3  1 
ATOM 1125 N N    . LEU A 1 77  ? 12.780  8.059   1.670   1.00 0.00 ? 77  LEU A N    1 
ATOM 1126 C CA   . LEU A 1 77  ? 11.368  7.704   1.520   1.00 0.00 ? 77  LEU A CA   1 
ATOM 1127 C C    . LEU A 1 77  ? 11.218  6.705   0.384   1.00 0.00 ? 77  LEU A C    1 
ATOM 1128 O O    . LEU A 1 77  ? 10.592  5.661   0.534   1.00 0.00 ? 77  LEU A O    1 
ATOM 1129 C CB   . LEU A 1 77  ? 10.533  8.981   1.236   1.00 0.00 ? 77  LEU A CB   1 
ATOM 1130 C CG   . LEU A 1 77  ? 9.033   8.837   1.046   1.00 0.00 ? 77  LEU A CG   1 
ATOM 1131 C CD1  . LEU A 1 77  ? 8.371   8.322   2.322   1.00 0.00 ? 77  LEU A CD1  1 
ATOM 1132 C CD2  . LEU A 1 77  ? 8.445   10.188  0.654   1.00 0.00 ? 77  LEU A CD2  1 
ATOM 1133 H H    . LEU A 1 77  ? 13.061  8.995   1.560   1.00 0.00 ? 77  LEU A H    1 
ATOM 1134 H HA   . LEU A 1 77  ? 11.030  7.254   2.440   1.00 0.00 ? 77  LEU A HA   1 
ATOM 1135 H HB2  . LEU A 1 77  ? 10.586  9.630   2.093   1.00 0.00 ? 77  LEU A HB2  1 
ATOM 1136 H HB3  . LEU A 1 77  ? 10.934  9.479   0.365   1.00 0.00 ? 77  LEU A HB3  1 
ATOM 1137 H HG   . LEU A 1 77  ? 8.844   8.143   0.244   1.00 0.00 ? 77  LEU A HG   1 
ATOM 1138 H HD11 . LEU A 1 77  ? 7.305   8.251   2.168   1.00 0.00 ? 77  LEU A HD11 1 
ATOM 1139 H HD12 . LEU A 1 77  ? 8.568   9.006   3.134   1.00 0.00 ? 77  LEU A HD12 1 
ATOM 1140 H HD13 . LEU A 1 77  ? 8.764   7.345   2.560   1.00 0.00 ? 77  LEU A HD13 1 
ATOM 1141 H HD21 . LEU A 1 77  ? 8.858   10.498  -0.295  1.00 0.00 ? 77  LEU A HD21 1 
ATOM 1142 H HD22 . LEU A 1 77  ? 8.704   10.918  1.406   1.00 0.00 ? 77  LEU A HD22 1 
ATOM 1143 H HD23 . LEU A 1 77  ? 7.370   10.124  0.581   1.00 0.00 ? 77  LEU A HD23 1 
ATOM 1144 N N    . ASP A 1 78  ? 11.884  7.008   -0.703  1.00 0.00 ? 78  ASP A N    1 
ATOM 1145 C CA   . ASP A 1 78  ? 11.906  6.182   -1.904  1.00 0.00 ? 78  ASP A CA   1 
ATOM 1146 C C    . ASP A 1 78  ? 12.474  4.795   -1.633  1.00 0.00 ? 78  ASP A C    1 
ATOM 1147 O O    . ASP A 1 78  ? 11.923  3.779   -2.075  1.00 0.00 ? 78  ASP A O    1 
ATOM 1148 C CB   . ASP A 1 78  ? 12.752  6.896   -2.944  1.00 0.00 ? 78  ASP A CB   1 
ATOM 1149 C CG   . ASP A 1 78  ? 12.877  6.163   -4.233  1.00 0.00 ? 78  ASP A CG   1 
ATOM 1150 O OD1  . ASP A 1 78  ? 11.976  6.264   -5.071  1.00 0.00 ? 78  ASP A OD1  1 
ATOM 1151 O OD2  . ASP A 1 78  ? 13.937  5.541   -4.465  1.00 0.00 ? 78  ASP A OD2  1 
ATOM 1152 H H    . ASP A 1 78  ? 12.384  7.854   -0.722  1.00 0.00 ? 78  ASP A H    1 
ATOM 1153 H HA   . ASP A 1 78  ? 10.901  6.095   -2.289  1.00 0.00 ? 78  ASP A HA   1 
ATOM 1154 H HB2  . ASP A 1 78  ? 12.311  7.860   -3.150  1.00 0.00 ? 78  ASP A HB2  1 
ATOM 1155 H HB3  . ASP A 1 78  ? 13.740  7.047   -2.535  1.00 0.00 ? 78  ASP A HB3  1 
ATOM 1156 N N    . ALA A 1 79  ? 13.550  4.760   -0.868  1.00 0.00 ? 79  ALA A N    1 
ATOM 1157 C CA   . ALA A 1 79  ? 14.219  3.520   -0.530  1.00 0.00 ? 79  ALA A CA   1 
ATOM 1158 C C    . ALA A 1 79  ? 13.345  2.647   0.321   1.00 0.00 ? 79  ALA A C    1 
ATOM 1159 O O    . ALA A 1 79  ? 13.248  1.443   0.101   1.00 0.00 ? 79  ALA A O    1 
ATOM 1160 C CB   . ALA A 1 79  ? 15.510  3.810   0.196   1.00 0.00 ? 79  ALA A CB   1 
ATOM 1161 H H    . ALA A 1 79  ? 13.913  5.609   -0.533  1.00 0.00 ? 79  ALA A H    1 
ATOM 1162 H HA   . ALA A 1 79  ? 14.459  2.995   -1.442  1.00 0.00 ? 79  ALA A HA   1 
ATOM 1163 H HB1  . ALA A 1 79  ? 16.044  2.889   0.373   1.00 0.00 ? 79  ALA A HB1  1 
ATOM 1164 H HB2  . ALA A 1 79  ? 15.287  4.284   1.141   1.00 0.00 ? 79  ALA A HB2  1 
ATOM 1165 H HB3  . ALA A 1 79  ? 16.114  4.473   -0.405  1.00 0.00 ? 79  ALA A HB3  1 
ATOM 1166 N N    . TRP A 1 80  ? 12.683  3.277   1.277   1.00 0.00 ? 80  TRP A N    1 
ATOM 1167 C CA   . TRP A 1 80  ? 11.820  2.595   2.216   1.00 0.00 ? 80  TRP A CA   1 
ATOM 1168 C C    . TRP A 1 80  ? 10.716  1.905   1.419   1.00 0.00 ? 80  TRP A C    1 
ATOM 1169 O O    . TRP A 1 80  ? 10.421  0.699   1.620   1.00 0.00 ? 80  TRP A O    1 
ATOM 1170 C CB   . TRP A 1 80  ? 11.208  3.651   3.152   1.00 0.00 ? 80  TRP A CB   1 
ATOM 1171 C CG   . TRP A 1 80  ? 10.848  3.189   4.540   1.00 0.00 ? 80  TRP A CG   1 
ATOM 1172 C CD1  . TRP A 1 80  ? 11.519  3.526   5.678   1.00 0.00 ? 80  TRP A CD1  1 
ATOM 1173 C CD2  . TRP A 1 80  ? 9.771   2.327   4.959   1.00 0.00 ? 80  TRP A CD2  1 
ATOM 1174 N NE1  . TRP A 1 80  ? 10.928  2.957   6.767   1.00 0.00 ? 80  TRP A NE1  1 
ATOM 1175 C CE2  . TRP A 1 80  ? 9.857   2.216   6.363   1.00 0.00 ? 80  TRP A CE2  1 
ATOM 1176 C CE3  . TRP A 1 80  ? 8.743   1.647   4.301   1.00 0.00 ? 80  TRP A CE3  1 
ATOM 1177 C CZ2  . TRP A 1 80  ? 8.965   1.462   7.112   1.00 0.00 ? 80  TRP A CZ2  1 
ATOM 1178 C CZ3  . TRP A 1 80  ? 7.858   0.894   5.055   1.00 0.00 ? 80  TRP A CZ3  1 
ATOM 1179 C CH2  . TRP A 1 80  ? 7.976   0.811   6.443   1.00 0.00 ? 80  TRP A CH2  1 
ATOM 1180 H H    . TRP A 1 80  ? 12.783  4.250   1.361   1.00 0.00 ? 80  TRP A H    1 
ATOM 1181 H HA   . TRP A 1 80  ? 12.381  1.876   2.793   1.00 0.00 ? 80  TRP A HA   1 
ATOM 1182 H HB2  . TRP A 1 80  ? 11.912  4.463   3.262   1.00 0.00 ? 80  TRP A HB2  1 
ATOM 1183 H HB3  . TRP A 1 80  ? 10.314  4.038   2.685   1.00 0.00 ? 80  TRP A HB3  1 
ATOM 1184 H HD1  . TRP A 1 80  ? 12.390  4.165   5.703   1.00 0.00 ? 80  TRP A HD1  1 
ATOM 1185 H HE1  . TRP A 1 80  ? 11.228  3.066   7.698   1.00 0.00 ? 80  TRP A HE1  1 
ATOM 1186 H HE3  . TRP A 1 80  ? 8.636   1.698   3.228   1.00 0.00 ? 80  TRP A HE3  1 
ATOM 1187 H HZ2  . TRP A 1 80  ? 9.041   1.387   8.187   1.00 0.00 ? 80  TRP A HZ2  1 
ATOM 1188 H HZ3  . TRP A 1 80  ? 7.058   0.352   4.579   1.00 0.00 ? 80  TRP A HZ3  1 
ATOM 1189 H HH2  . TRP A 1 80  ? 7.262   0.210   6.986   1.00 0.00 ? 80  TRP A HH2  1 
ATOM 1190 N N    . MET A 1 81  ? 10.183  2.662   0.446   1.00 0.00 ? 81  MET A N    1 
ATOM 1191 C CA   . MET A 1 81  ? 9.103   2.200   -0.403  1.00 0.00 ? 81  MET A CA   1 
ATOM 1192 C C    . MET A 1 81  ? 9.510   0.991   -1.192  1.00 0.00 ? 81  MET A C    1 
ATOM 1193 O O    . MET A 1 81  ? 8.833   -0.028  -1.149  1.00 0.00 ? 81  MET A O    1 
ATOM 1194 C CB   . MET A 1 81  ? 8.680   3.290   -1.408  1.00 0.00 ? 81  MET A CB   1 
ATOM 1195 C CG   . MET A 1 81  ? 8.133   4.557   -0.794  1.00 0.00 ? 81  MET A CG   1 
ATOM 1196 S SD   . MET A 1 81  ? 6.681   4.290   0.222   1.00 0.00 ? 81  MET A SD   1 
ATOM 1197 C CE   . MET A 1 81  ? 5.499   3.730   -0.985  1.00 0.00 ? 81  MET A CE   1 
ATOM 1198 H H    . MET A 1 81  ? 10.539  3.569   0.314   1.00 0.00 ? 81  MET A H    1 
ATOM 1199 H HA   . MET A 1 81  ? 8.251   1.975   0.220   1.00 0.00 ? 81  MET A HA   1 
ATOM 1200 H HB2  . MET A 1 81  ? 9.543   3.556   -1.999  1.00 0.00 ? 81  MET A HB2  1 
ATOM 1201 H HB3  . MET A 1 81  ? 7.930   2.876   -2.067  1.00 0.00 ? 81  MET A HB3  1 
ATOM 1202 H HG2  . MET A 1 81  ? 8.901   5.001   -0.178  1.00 0.00 ? 81  MET A HG2  1 
ATOM 1203 H HG3  . MET A 1 81  ? 7.877   5.244   -1.589  1.00 0.00 ? 81  MET A HG3  1 
ATOM 1204 H HE1  . MET A 1 81  ? 5.853   2.822   -1.450  1.00 0.00 ? 81  MET A HE1  1 
ATOM 1205 H HE2  . MET A 1 81  ? 5.385   4.503   -1.731  1.00 0.00 ? 81  MET A HE2  1 
ATOM 1206 H HE3  . MET A 1 81  ? 4.550   3.551   -0.502  1.00 0.00 ? 81  MET A HE3  1 
ATOM 1207 N N    . GLU A 1 82  ? 10.646  1.060   -1.866  1.00 0.00 ? 82  GLU A N    1 
ATOM 1208 C CA   . GLU A 1 82  ? 11.010  -0.051  -2.700  1.00 0.00 ? 82  GLU A CA   1 
ATOM 1209 C C    . GLU A 1 82  ? 11.432  -1.278  -1.924  1.00 0.00 ? 82  GLU A C    1 
ATOM 1210 O O    . GLU A 1 82  ? 10.897  -2.383  -2.155  1.00 0.00 ? 82  GLU A O    1 
ATOM 1211 C CB   . GLU A 1 82  ? 12.029  0.285   -3.785  1.00 0.00 ? 82  GLU A CB   1 
ATOM 1212 C CG   . GLU A 1 82  ? 11.537  1.275   -4.822  1.00 0.00 ? 82  GLU A CG   1 
ATOM 1213 C CD   . GLU A 1 82  ? 12.497  1.407   -5.972  1.00 0.00 ? 82  GLU A CD   1 
ATOM 1214 O OE1  . GLU A 1 82  ? 13.589  1.983   -5.796  1.00 0.00 ? 82  GLU A OE1  1 
ATOM 1215 O OE2  . GLU A 1 82  ? 12.190  0.932   -7.085  1.00 0.00 ? 82  GLU A OE2  1 
ATOM 1216 H H    . GLU A 1 82  ? 11.212  1.862   -1.810  1.00 0.00 ? 82  GLU A H    1 
ATOM 1217 H HA   . GLU A 1 82  ? 10.074  -0.271  -3.186  1.00 0.00 ? 82  GLU A HA   1 
ATOM 1218 H HB2  . GLU A 1 82  ? 12.908  0.700   -3.314  1.00 0.00 ? 82  GLU A HB2  1 
ATOM 1219 H HB3  . GLU A 1 82  ? 12.307  -0.627  -4.293  1.00 0.00 ? 82  GLU A HB3  1 
ATOM 1220 H HG2  . GLU A 1 82  ? 10.583  0.941   -5.204  1.00 0.00 ? 82  GLU A HG2  1 
ATOM 1221 H HG3  . GLU A 1 82  ? 11.420  2.242   -4.353  1.00 0.00 ? 82  GLU A HG3  1 
ATOM 1222 N N    . SER A 1 83  ? 12.306  -1.075  -0.948  1.00 0.00 ? 83  SER A N    1 
ATOM 1223 C CA   . SER A 1 83  ? 12.881  -2.147  -0.197  1.00 0.00 ? 83  SER A CA   1 
ATOM 1224 C C    . SER A 1 83  ? 11.864  -2.950  0.587   1.00 0.00 ? 83  SER A C    1 
ATOM 1225 O O    . SER A 1 83  ? 12.024  -4.147  0.733   1.00 0.00 ? 83  SER A O    1 
ATOM 1226 C CB   . SER A 1 83  ? 14.001  -1.626  0.687   1.00 0.00 ? 83  SER A CB   1 
ATOM 1227 O OG   . SER A 1 83  ? 14.996  -1.004  -0.109  1.00 0.00 ? 83  SER A OG   1 
ATOM 1228 H H    . SER A 1 83  ? 12.588  -0.169  -0.686  1.00 0.00 ? 83  SER A H    1 
ATOM 1229 H HA   . SER A 1 83  ? 13.328  -2.817  -0.917  1.00 0.00 ? 83  SER A HA   1 
ATOM 1230 H HB2  . SER A 1 83  ? 13.603  -0.903  1.385   1.00 0.00 ? 83  SER A HB2  1 
ATOM 1231 H HB3  . SER A 1 83  ? 14.445  -2.450  1.224   1.00 0.00 ? 83  SER A HB3  1 
ATOM 1232 H HG   . SER A 1 83  ? 15.314  -1.687  -0.716  1.00 0.00 ? 83  SER A HG   1 
ATOM 1233 N N    . ARG A 1 84  ? 10.837  -2.314  1.112   1.00 0.00 ? 84  ARG A N    1 
ATOM 1234 C CA   . ARG A 1 84  ? 9.845   -3.089  1.819   1.00 0.00 ? 84  ARG A CA   1 
ATOM 1235 C C    . ARG A 1 84  ? 8.671   -3.480  0.952   1.00 0.00 ? 84  ARG A C    1 
ATOM 1236 O O    . ARG A 1 84  ? 8.351   -4.664  0.829   1.00 0.00 ? 84  ARG A O    1 
ATOM 1237 C CB   . ARG A 1 84  ? 9.385   -2.451  3.134   1.00 0.00 ? 84  ARG A CB   1 
ATOM 1238 C CG   . ARG A 1 84  ? 10.399  -2.557  4.265   1.00 0.00 ? 84  ARG A CG   1 
ATOM 1239 C CD   . ARG A 1 84  ? 11.582  -1.612  4.113   1.00 0.00 ? 84  ARG A CD   1 
ATOM 1240 N NE   . ARG A 1 84  ? 12.593  -1.856  5.150   1.00 0.00 ? 84  ARG A NE   1 
ATOM 1241 C CZ   . ARG A 1 84  ? 13.066  -0.952  6.022   1.00 0.00 ? 84  ARG A CZ   1 
ATOM 1242 N NH1  . ARG A 1 84  ? 12.647  0.301   5.990   1.00 0.00 ? 84  ARG A NH1  1 
ATOM 1243 N NH2  . ARG A 1 84  ? 13.964  -1.315  6.927   1.00 0.00 ? 84  ARG A NH2  1 
ATOM 1244 H H    . ARG A 1 84  ? 10.739  -1.341  1.012   1.00 0.00 ? 84  ARG A H    1 
ATOM 1245 H HA   . ARG A 1 84  ? 10.347  -4.015  2.061   1.00 0.00 ? 84  ARG A HA   1 
ATOM 1246 H HB2  . ARG A 1 84  ? 9.185   -1.404  2.957   1.00 0.00 ? 84  ARG A HB2  1 
ATOM 1247 H HB3  . ARG A 1 84  ? 8.470   -2.931  3.452   1.00 0.00 ? 84  ARG A HB3  1 
ATOM 1248 H HG2  . ARG A 1 84  ? 9.904   -2.328  5.197   1.00 0.00 ? 84  ARG A HG2  1 
ATOM 1249 H HG3  . ARG A 1 84  ? 10.765  -3.573  4.306   1.00 0.00 ? 84  ARG A HG3  1 
ATOM 1250 H HD2  . ARG A 1 84  ? 12.026  -1.765  3.140   1.00 0.00 ? 84  ARG A HD2  1 
ATOM 1251 H HD3  . ARG A 1 84  ? 11.229  -0.595  4.194   1.00 0.00 ? 84  ARG A HD3  1 
ATOM 1252 H HE   . ARG A 1 84  ? 12.930  -2.780  5.188   1.00 0.00 ? 84  ARG A HE   1 
ATOM 1253 H HH11 . ARG A 1 84  ? 11.971  0.641   5.336   1.00 0.00 ? 84  ARG A HH11 1 
ATOM 1254 H HH12 . ARG A 1 84  ? 13.008  0.969   6.649   1.00 0.00 ? 84  ARG A HH12 1 
ATOM 1255 H HH21 . ARG A 1 84  ? 14.322  -2.252  6.992   1.00 0.00 ? 84  ARG A HH21 1 
ATOM 1256 H HH22 . ARG A 1 84  ? 14.318  -0.663  7.605   1.00 0.00 ? 84  ARG A HH22 1 
ATOM 1257 N N    . ILE A 1 85  ? 8.081   -2.501  0.300   1.00 0.00 ? 85  ILE A N    1 
ATOM 1258 C CA   . ILE A 1 85  ? 6.857   -2.696  -0.457  1.00 0.00 ? 85  ILE A CA   1 
ATOM 1259 C C    . ILE A 1 85  ? 6.974   -3.719  -1.593  1.00 0.00 ? 85  ILE A C    1 
ATOM 1260 O O    . ILE A 1 85  ? 6.059   -4.542  -1.782  1.00 0.00 ? 85  ILE A O    1 
ATOM 1261 C CB   . ILE A 1 85  ? 6.206   -1.340  -0.931  1.00 0.00 ? 85  ILE A CB   1 
ATOM 1262 C CG1  . ILE A 1 85  ? 5.546   -0.558  0.250   1.00 0.00 ? 85  ILE A CG1  1 
ATOM 1263 C CG2  . ILE A 1 85  ? 5.206   -1.545  -2.057  1.00 0.00 ? 85  ILE A CG2  1 
ATOM 1264 C CD1  . ILE A 1 85  ? 6.465   -0.138  1.381   1.00 0.00 ? 85  ILE A CD1  1 
ATOM 1265 H H    . ILE A 1 85  ? 8.478   -1.602  0.297   1.00 0.00 ? 85  ILE A H    1 
ATOM 1266 H HA   . ILE A 1 85  ? 6.176   -3.142  0.254   1.00 0.00 ? 85  ILE A HA   1 
ATOM 1267 H HB   . ILE A 1 85  ? 7.006   -0.733  -1.329  1.00 0.00 ? 85  ILE A HB   1 
ATOM 1268 H HG12 . ILE A 1 85  ? 5.122   0.354   -0.142  1.00 0.00 ? 85  ILE A HG12 1 
ATOM 1269 H HG13 . ILE A 1 85  ? 4.752   -1.161  0.666   1.00 0.00 ? 85  ILE A HG13 1 
ATOM 1270 H HG21 . ILE A 1 85  ? 4.400   -2.177  -1.716  1.00 0.00 ? 85  ILE A HG21 1 
ATOM 1271 H HG22 . ILE A 1 85  ? 5.707   -2.020  -2.888  1.00 0.00 ? 85  ILE A HG22 1 
ATOM 1272 H HG23 . ILE A 1 85  ? 4.813   -0.592  -2.374  1.00 0.00 ? 85  ILE A HG23 1 
ATOM 1273 H HD11 . ILE A 1 85  ? 6.891   -1.018  1.839   1.00 0.00 ? 85  ILE A HD11 1 
ATOM 1274 H HD12 . ILE A 1 85  ? 5.904   0.419   2.118   1.00 0.00 ? 85  ILE A HD12 1 
ATOM 1275 H HD13 . ILE A 1 85  ? 7.260   0.478   0.990   1.00 0.00 ? 85  ILE A HD13 1 
ATOM 1276 N N    . TYR A 1 86  ? 8.080   -3.713  -2.326  1.00 0.00 ? 86  TYR A N    1 
ATOM 1277 C CA   . TYR A 1 86  ? 8.223   -4.685  -3.403  1.00 0.00 ? 86  TYR A CA   1 
ATOM 1278 C C    . TYR A 1 86  ? 8.253   -6.135  -2.934  1.00 0.00 ? 86  TYR A C    1 
ATOM 1279 O O    . TYR A 1 86  ? 7.450   -6.950  -3.428  1.00 0.00 ? 86  TYR A O    1 
ATOM 1280 C CB   . TYR A 1 86  ? 9.310   -4.330  -4.413  1.00 0.00 ? 86  TYR A CB   1 
ATOM 1281 C CG   . TYR A 1 86  ? 8.838   -3.261  -5.340  1.00 0.00 ? 86  TYR A CG   1 
ATOM 1282 C CD1  . TYR A 1 86  ? 8.189   -3.597  -6.491  1.00 0.00 ? 86  TYR A CD1  1 
ATOM 1283 C CD2  . TYR A 1 86  ? 8.992   -1.930  -5.042  1.00 0.00 ? 86  TYR A CD2  1 
ATOM 1284 C CE1  . TYR A 1 86  ? 7.702   -2.654  -7.327  1.00 0.00 ? 86  TYR A CE1  1 
ATOM 1285 C CE2  . TYR A 1 86  ? 8.509   -0.949  -5.888  1.00 0.00 ? 86  TYR A CE2  1 
ATOM 1286 C CZ   . TYR A 1 86  ? 7.859   -1.328  -7.036  1.00 0.00 ? 86  TYR A CZ   1 
ATOM 1287 O OH   . TYR A 1 86  ? 7.323   -0.389  -7.887  1.00 0.00 ? 86  TYR A OH   1 
ATOM 1288 H H    . TYR A 1 86  ? 8.812   -3.081  -2.135  1.00 0.00 ? 86  TYR A H    1 
ATOM 1289 H HA   . TYR A 1 86  ? 7.270   -4.609  -3.909  1.00 0.00 ? 86  TYR A HA   1 
ATOM 1290 H HB2  . TYR A 1 86  ? 10.187  -3.971  -3.895  1.00 0.00 ? 86  TYR A HB2  1 
ATOM 1291 H HB3  . TYR A 1 86  ? 9.561   -5.201  -5.001  1.00 0.00 ? 86  TYR A HB3  1 
ATOM 1292 H HD1  . TYR A 1 86  ? 8.063   -4.640  -6.732  1.00 0.00 ? 86  TYR A HD1  1 
ATOM 1293 H HD2  . TYR A 1 86  ? 9.511   -1.690  -4.131  1.00 0.00 ? 86  TYR A HD2  1 
ATOM 1294 H HE1  . TYR A 1 86  ? 7.192   -2.961  -8.229  1.00 0.00 ? 86  TYR A HE1  1 
ATOM 1295 H HE2  . TYR A 1 86  ? 8.639   0.095   -5.647  1.00 0.00 ? 86  TYR A HE2  1 
ATOM 1296 H HH   . TYR A 1 86  ? 7.877   0.409   -7.917  1.00 0.00 ? 86  TYR A HH   1 
ATOM 1297 N N    . PRO A 1 87  ? 9.142   -6.505  -1.978  1.00 0.00 ? 87  PRO A N    1 
ATOM 1298 C CA   . PRO A 1 87  ? 9.120   -7.834  -1.387  1.00 0.00 ? 87  PRO A CA   1 
ATOM 1299 C C    . PRO A 1 87  ? 7.752   -8.179  -0.765  1.00 0.00 ? 87  PRO A C    1 
ATOM 1300 O O    . PRO A 1 87  ? 7.348   -9.333  -0.780  1.00 0.00 ? 87  PRO A O    1 
ATOM 1301 C CB   . PRO A 1 87  ? 10.204  -7.769  -0.312  1.00 0.00 ? 87  PRO A CB   1 
ATOM 1302 C CG   . PRO A 1 87  ? 11.152  -6.764  -0.830  1.00 0.00 ? 87  PRO A CG   1 
ATOM 1303 C CD   . PRO A 1 87  ? 10.298  -5.721  -1.480  1.00 0.00 ? 87  PRO A CD   1 
ATOM 1304 H HA   . PRO A 1 87  ? 9.375   -8.588  -2.118  1.00 0.00 ? 87  PRO A HA   1 
ATOM 1305 H HB2  . PRO A 1 87  ? 9.765   -7.461  0.625   1.00 0.00 ? 87  PRO A HB2  1 
ATOM 1306 H HB3  . PRO A 1 87  ? 10.672  -8.736  -0.199  1.00 0.00 ? 87  PRO A HB3  1 
ATOM 1307 H HG2  . PRO A 1 87  ? 11.723  -6.338  -0.018  1.00 0.00 ? 87  PRO A HG2  1 
ATOM 1308 H HG3  . PRO A 1 87  ? 11.808  -7.216  -1.560  1.00 0.00 ? 87  PRO A HG3  1 
ATOM 1309 H HD2  . PRO A 1 87  ? 9.983   -4.984  -0.755  1.00 0.00 ? 87  PRO A HD2  1 
ATOM 1310 H HD3  . PRO A 1 87  ? 10.827  -5.253  -2.296  1.00 0.00 ? 87  PRO A HD3  1 
ATOM 1311 N N    . VAL A 1 88  ? 7.040   -7.176  -0.227  1.00 0.00 ? 88  VAL A N    1 
ATOM 1312 C CA   . VAL A 1 88  ? 5.699   -7.420  0.325   1.00 0.00 ? 88  VAL A CA   1 
ATOM 1313 C C    . VAL A 1 88  ? 4.713   -7.819  -0.770  1.00 0.00 ? 88  VAL A C    1 
ATOM 1314 O O    . VAL A 1 88  ? 4.082   -8.855  -0.683  1.00 0.00 ? 88  VAL A O    1 
ATOM 1315 C CB   . VAL A 1 88  ? 5.131   -6.175  1.102   1.00 0.00 ? 88  VAL A CB   1 
ATOM 1316 C CG1  . VAL A 1 88  ? 3.679   -6.391  1.523   1.00 0.00 ? 88  VAL A CG1  1 
ATOM 1317 C CG2  . VAL A 1 88  ? 5.964   -5.877  2.334   1.00 0.00 ? 88  VAL A CG2  1 
ATOM 1318 H H    . VAL A 1 88  ? 7.430   -6.273  -0.203  1.00 0.00 ? 88  VAL A H    1 
ATOM 1319 H HA   . VAL A 1 88  ? 5.780   -8.246  1.016   1.00 0.00 ? 88  VAL A HA   1 
ATOM 1320 H HB   . VAL A 1 88  ? 5.172   -5.318  0.447   1.00 0.00 ? 88  VAL A HB   1 
ATOM 1321 H HG11 . VAL A 1 88  ? 3.071   -6.553  0.645   1.00 0.00 ? 88  VAL A HG11 1 
ATOM 1322 H HG12 . VAL A 1 88  ? 3.321   -5.520  2.051   1.00 0.00 ? 88  VAL A HG12 1 
ATOM 1323 H HG13 . VAL A 1 88  ? 3.616   -7.255  2.168   1.00 0.00 ? 88  VAL A HG13 1 
ATOM 1324 H HG21 . VAL A 1 88  ? 5.945   -6.729  2.997   1.00 0.00 ? 88  VAL A HG21 1 
ATOM 1325 H HG22 . VAL A 1 88  ? 5.559   -5.014  2.842   1.00 0.00 ? 88  VAL A HG22 1 
ATOM 1326 H HG23 . VAL A 1 88  ? 6.982   -5.672  2.039   1.00 0.00 ? 88  VAL A HG23 1 
ATOM 1327 N N    . MET A 1 89  ? 4.625   -7.024  -1.824  1.00 0.00 ? 89  MET A N    1 
ATOM 1328 C CA   . MET A 1 89  ? 3.656   -7.313  -2.873  1.00 0.00 ? 89  MET A CA   1 
ATOM 1329 C C    . MET A 1 89  ? 3.977   -8.592  -3.624  1.00 0.00 ? 89  MET A C    1 
ATOM 1330 O O    . MET A 1 89  ? 3.088   -9.361  -3.944  1.00 0.00 ? 89  MET A O    1 
ATOM 1331 C CB   . MET A 1 89  ? 3.427   -6.135  -3.817  1.00 0.00 ? 89  MET A CB   1 
ATOM 1332 C CG   . MET A 1 89  ? 2.825   -4.919  -3.124  1.00 0.00 ? 89  MET A CG   1 
ATOM 1333 S SD   . MET A 1 89  ? 2.318   -3.624  -4.274  1.00 0.00 ? 89  MET A SD   1 
ATOM 1334 C CE   . MET A 1 89  ? 3.842   -3.314  -5.133  1.00 0.00 ? 89  MET A CE   1 
ATOM 1335 H H    . MET A 1 89  ? 5.215   -6.238  -1.880  1.00 0.00 ? 89  MET A H    1 
ATOM 1336 H HA   . MET A 1 89  ? 2.731   -7.511  -2.352  1.00 0.00 ? 89  MET A HA   1 
ATOM 1337 H HB2  . MET A 1 89  ? 4.376   -5.848  -4.245  1.00 0.00 ? 89  MET A HB2  1 
ATOM 1338 H HB3  . MET A 1 89  ? 2.759   -6.435  -4.610  1.00 0.00 ? 89  MET A HB3  1 
ATOM 1339 H HG2  . MET A 1 89  ? 1.960   -5.234  -2.558  1.00 0.00 ? 89  MET A HG2  1 
ATOM 1340 H HG3  . MET A 1 89  ? 3.560   -4.511  -2.445  1.00 0.00 ? 89  MET A HG3  1 
ATOM 1341 H HE1  . MET A 1 89  ? 4.614   -3.025  -4.438  1.00 0.00 ? 89  MET A HE1  1 
ATOM 1342 H HE2  . MET A 1 89  ? 3.669   -2.525  -5.850  1.00 0.00 ? 89  MET A HE2  1 
ATOM 1343 H HE3  . MET A 1 89  ? 4.115   -4.224  -5.650  1.00 0.00 ? 89  MET A HE3  1 
ATOM 1344 N N    . SER A 1 90  ? 5.251   -8.835  -3.853  1.00 0.00 ? 90  SER A N    1 
ATOM 1345 C CA   . SER A 1 90  ? 5.696   -10.041 -4.533  1.00 0.00 ? 90  SER A CA   1 
ATOM 1346 C C    . SER A 1 90  ? 5.367   -11.288 -3.698  1.00 0.00 ? 90  SER A C    1 
ATOM 1347 O O    . SER A 1 90  ? 5.230   -12.398 -4.231  1.00 0.00 ? 90  SER A O    1 
ATOM 1348 C CB   . SER A 1 90  ? 7.200   -9.952  -4.822  1.00 0.00 ? 90  SER A CB   1 
ATOM 1349 O OG   . SER A 1 90  ? 7.658   -11.015 -5.657  1.00 0.00 ? 90  SER A OG   1 
ATOM 1350 H H    . SER A 1 90  ? 5.925   -8.182  -3.559  1.00 0.00 ? 90  SER A H    1 
ATOM 1351 H HA   . SER A 1 90  ? 5.164   -10.104 -5.470  1.00 0.00 ? 90  SER A HA   1 
ATOM 1352 H HB2  . SER A 1 90  ? 7.410   -9.015  -5.316  1.00 0.00 ? 90  SER A HB2  1 
ATOM 1353 H HB3  . SER A 1 90  ? 7.741   -9.987  -3.888  1.00 0.00 ? 90  SER A HB3  1 
ATOM 1354 H HG   . SER A 1 90  ? 6.970   -11.690 -5.738  1.00 0.00 ? 90  SER A HG   1 
ATOM 1355 N N    . ASP A 1 91  ? 5.289   -11.104 -2.394  1.00 0.00 ? 91  ASP A N    1 
ATOM 1356 C CA   . ASP A 1 91  ? 5.012   -12.182 -1.460  1.00 0.00 ? 91  ASP A CA   1 
ATOM 1357 C C    . ASP A 1 91  ? 3.552   -12.628 -1.563  1.00 0.00 ? 91  ASP A C    1 
ATOM 1358 O O    . ASP A 1 91  ? 3.221   -13.748 -1.209  1.00 0.00 ? 91  ASP A O    1 
ATOM 1359 C CB   . ASP A 1 91  ? 5.356   -11.739 -0.040  1.00 0.00 ? 91  ASP A CB   1 
ATOM 1360 C CG   . ASP A 1 91  ? 5.508   -12.870 0.960   1.00 0.00 ? 91  ASP A CG   1 
ATOM 1361 O OD1  . ASP A 1 91  ? 5.434   -14.066 0.585   1.00 0.00 ? 91  ASP A OD1  1 
ATOM 1362 O OD2  . ASP A 1 91  ? 5.834   -12.572 2.125   1.00 0.00 ? 91  ASP A OD2  1 
ATOM 1363 H H    . ASP A 1 91  ? 5.395   -10.217 -1.988  1.00 0.00 ? 91  ASP A H    1 
ATOM 1364 H HA   . ASP A 1 91  ? 5.642   -13.017 -1.727  1.00 0.00 ? 91  ASP A HA   1 
ATOM 1365 H HB2  . ASP A 1 91  ? 6.289   -11.196 -0.063  1.00 0.00 ? 91  ASP A HB2  1 
ATOM 1366 H HB3  . ASP A 1 91  ? 4.579   -11.077 0.311   1.00 0.00 ? 91  ASP A HB3  1 
ATOM 1367 N N    . ILE A 1 92  ? 2.679   -11.747 -2.082  1.00 0.00 ? 92  ILE A N    1 
ATOM 1368 C CA   . ILE A 1 92  ? 1.268   -12.091 -2.227  1.00 0.00 ? 92  ILE A CA   1 
ATOM 1369 C C    . ILE A 1 92  ? 1.132   -13.171 -3.305  1.00 0.00 ? 92  ILE A C    1 
ATOM 1370 O O    . ILE A 1 92  ? 1.407   -12.914 -4.483  1.00 0.00 ? 92  ILE A O    1 
ATOM 1371 C CB   . ILE A 1 92  ? 0.362   -10.863 -2.625  1.00 0.00 ? 92  ILE A CB   1 
ATOM 1372 C CG1  . ILE A 1 92  ? 0.459   -9.739  -1.578  1.00 0.00 ? 92  ILE A CG1  1 
ATOM 1373 C CG2  . ILE A 1 92  ? -1.087  -11.310 -2.778  1.00 0.00 ? 92  ILE A CG2  1 
ATOM 1374 C CD1  . ILE A 1 92  ? -0.445  -8.542  -1.857  1.00 0.00 ? 92  ILE A CD1  1 
ATOM 1375 H H    . ILE A 1 92  ? 3.004   -10.874 -2.386  1.00 0.00 ? 92  ILE A H    1 
ATOM 1376 H HA   . ILE A 1 92  ? 0.935   -12.488 -1.280  1.00 0.00 ? 92  ILE A HA   1 
ATOM 1377 H HB   . ILE A 1 92  ? 0.670   -10.480 -3.589  1.00 0.00 ? 92  ILE A HB   1 
ATOM 1378 H HG12 . ILE A 1 92  ? 0.180   -10.137 -0.614  1.00 0.00 ? 92  ILE A HG12 1 
ATOM 1379 H HG13 . ILE A 1 92  ? 1.478   -9.385  -1.533  1.00 0.00 ? 92  ILE A HG13 1 
ATOM 1380 H HG21 . ILE A 1 92  ? -1.401  -11.744 -1.841  1.00 0.00 ? 92  ILE A HG21 1 
ATOM 1381 H HG22 . ILE A 1 92  ? -1.158  -12.047 -3.564  1.00 0.00 ? 92  ILE A HG22 1 
ATOM 1382 H HG23 . ILE A 1 92  ? -1.711  -10.460 -3.011  1.00 0.00 ? 92  ILE A HG23 1 
ATOM 1383 H HD11 . ILE A 1 92  ? -0.213  -8.117  -2.822  1.00 0.00 ? 92  ILE A HD11 1 
ATOM 1384 H HD12 . ILE A 1 92  ? -0.306  -7.789  -1.095  1.00 0.00 ? 92  ILE A HD12 1 
ATOM 1385 H HD13 . ILE A 1 92  ? -1.475  -8.872  -1.849  1.00 0.00 ? 92  ILE A HD13 1 
ATOM 1386 N N    . PRO A 1 93  ? 0.691   -14.393 -2.915  1.00 0.00 ? 93  PRO A N    1 
ATOM 1387 C CA   . PRO A 1 93  ? 0.578   -15.535 -3.830  1.00 0.00 ? 93  PRO A CA   1 
ATOM 1388 C C    . PRO A 1 93  ? -0.299  -15.240 -5.030  1.00 0.00 ? 93  PRO A C    1 
ATOM 1389 O O    . PRO A 1 93  ? -0.002  -15.669 -6.148  1.00 0.00 ? 93  PRO A O    1 
ATOM 1390 C CB   . PRO A 1 93  ? -0.067  -16.624 -2.971  1.00 0.00 ? 93  PRO A CB   1 
ATOM 1391 C CG   . PRO A 1 93  ? 0.284   -16.262 -1.579  1.00 0.00 ? 93  PRO A CG   1 
ATOM 1392 C CD   . PRO A 1 93  ? 0.307   -14.764 -1.538  1.00 0.00 ? 93  PRO A CD   1 
ATOM 1393 H HA   . PRO A 1 93  ? 1.545   -15.871 -4.170  1.00 0.00 ? 93  PRO A HA   1 
ATOM 1394 H HB2  . PRO A 1 93  ? -1.136  -16.620 -3.126  1.00 0.00 ? 93  PRO A HB2  1 
ATOM 1395 H HB3  . PRO A 1 93  ? 0.338   -17.586 -3.241  1.00 0.00 ? 93  PRO A HB3  1 
ATOM 1396 H HG2  . PRO A 1 93  ? -0.462  -16.647 -0.901  1.00 0.00 ? 93  PRO A HG2  1 
ATOM 1397 H HG3  . PRO A 1 93  ? 1.258   -16.658 -1.330  1.00 0.00 ? 93  PRO A HG3  1 
ATOM 1398 H HD2  . PRO A 1 93  ? -0.662  -14.368 -1.277  1.00 0.00 ? 93  PRO A HD2  1 
ATOM 1399 H HD3  . PRO A 1 93  ? 1.055   -14.436 -0.831  1.00 0.00 ? 93  PRO A HD3  1 
ATOM 1400 N N    . ALA A 1 94  ? -1.331  -14.435 -4.813  1.00 0.00 ? 94  ALA A N    1 
ATOM 1401 C CA   . ALA A 1 94  ? -2.260  -14.097 -5.865  1.00 0.00 ? 94  ALA A CA   1 
ATOM 1402 C C    . ALA A 1 94  ? -1.551  -13.376 -6.993  1.00 0.00 ? 94  ALA A C    1 
ATOM 1403 O O    . ALA A 1 94  ? -1.785  -13.678 -8.161  1.00 0.00 ? 94  ALA A O    1 
ATOM 1404 C CB   . ALA A 1 94  ? -3.403  -13.255 -5.332  1.00 0.00 ? 94  ALA A CB   1 
ATOM 1405 H H    . ALA A 1 94  ? -1.424  -14.063 -3.909  1.00 0.00 ? 94  ALA A H    1 
ATOM 1406 H HA   . ALA A 1 94  ? -2.668  -15.020 -6.250  1.00 0.00 ? 94  ALA A HA   1 
ATOM 1407 H HB1  . ALA A 1 94  ? -3.014  -12.332 -4.929  1.00 0.00 ? 94  ALA A HB1  1 
ATOM 1408 H HB2  . ALA A 1 94  ? -3.930  -13.798 -4.561  1.00 0.00 ? 94  ALA A HB2  1 
ATOM 1409 H HB3  . ALA A 1 94  ? -4.084  -13.030 -6.139  1.00 0.00 ? 94  ALA A HB3  1 
ATOM 1410 N N    . LEU A 1 95  ? -0.613  -12.483 -6.649  1.00 0.00 ? 95  LEU A N    1 
ATOM 1411 C CA   . LEU A 1 95  ? 0.116   -11.759 -7.676  1.00 0.00 ? 95  LEU A CA   1 
ATOM 1412 C C    . LEU A 1 95  ? 0.938   -12.706 -8.513  1.00 0.00 ? 95  LEU A C    1 
ATOM 1413 O O    . LEU A 1 95  ? 1.026   -12.543 -9.725  1.00 0.00 ? 95  LEU A O    1 
ATOM 1414 C CB   . LEU A 1 95  ? 0.984   -10.595 -7.133  1.00 0.00 ? 95  LEU A CB   1 
ATOM 1415 C CG   . LEU A 1 95  ? 0.236   -9.468  -6.401  1.00 0.00 ? 95  LEU A CG   1 
ATOM 1416 C CD1  . LEU A 1 95  ? 1.139   -8.266  -6.155  1.00 0.00 ? 95  LEU A CD1  1 
ATOM 1417 C CD2  . LEU A 1 95  ? -0.971  -9.047  -7.175  1.00 0.00 ? 95  LEU A CD2  1 
ATOM 1418 H H    . LEU A 1 95  ? -0.387  -12.343 -5.705  1.00 0.00 ? 95  LEU A H    1 
ATOM 1419 H HA   . LEU A 1 95  ? -0.635  -11.352 -8.337  1.00 0.00 ? 95  LEU A HA   1 
ATOM 1420 H HB2  . LEU A 1 95  ? 1.711   -11.012 -6.452  1.00 0.00 ? 95  LEU A HB2  1 
ATOM 1421 H HB3  . LEU A 1 95  ? 1.514   -10.159 -7.968  1.00 0.00 ? 95  LEU A HB3  1 
ATOM 1422 H HG   . LEU A 1 95  ? -0.091  -9.836  -5.439  1.00 0.00 ? 95  LEU A HG   1 
ATOM 1423 H HD11 . LEU A 1 95  ? 1.522   -7.913  -7.102  1.00 0.00 ? 95  LEU A HD11 1 
ATOM 1424 H HD12 . LEU A 1 95  ? 1.963   -8.529  -5.509  1.00 0.00 ? 95  LEU A HD12 1 
ATOM 1425 H HD13 . LEU A 1 95  ? 0.562   -7.472  -5.700  1.00 0.00 ? 95  LEU A HD13 1 
ATOM 1426 H HD21 . LEU A 1 95  ? -0.672  -8.699  -8.153  1.00 0.00 ? 95  LEU A HD21 1 
ATOM 1427 H HD22 . LEU A 1 95  ? -1.465  -8.249  -6.640  1.00 0.00 ? 95  LEU A HD22 1 
ATOM 1428 H HD23 . LEU A 1 95  ? -1.653  -9.878  -7.276  1.00 0.00 ? 95  LEU A HD23 1 
ATOM 1429 N N    . SER A 1 96  ? 1.478   -13.730 -7.874  1.00 0.00 ? 96  SER A N    1 
ATOM 1430 C CA   . SER A 1 96  ? 2.267   -14.720 -8.552  1.00 0.00 ? 96  SER A CA   1 
ATOM 1431 C C    . SER A 1 96  ? 1.389   -15.542 -9.501  1.00 0.00 ? 96  SER A C    1 
ATOM 1432 O O    . SER A 1 96  ? 1.828   -15.970 -10.570 1.00 0.00 ? 96  SER A O    1 
ATOM 1433 C CB   . SER A 1 96  ? 2.942   -15.605 -7.518  1.00 0.00 ? 96  SER A CB   1 
ATOM 1434 O OG   . SER A 1 96  ? 3.660   -14.800 -6.592  1.00 0.00 ? 96  SER A OG   1 
ATOM 1435 H H    . SER A 1 96  ? 1.317   -13.866 -6.914  1.00 0.00 ? 96  SER A H    1 
ATOM 1436 H HA   . SER A 1 96  ? 3.026   -14.211 -9.127  1.00 0.00 ? 96  SER A HA   1 
ATOM 1437 H HB2  . SER A 1 96  ? 2.193   -16.172 -6.984  1.00 0.00 ? 96  SER A HB2  1 
ATOM 1438 H HB3  . SER A 1 96  ? 3.631   -16.277 -8.005  1.00 0.00 ? 96  SER A HB3  1 
ATOM 1439 H HG   . SER A 1 96  ? 4.023   -14.061 -7.096  1.00 0.00 ? 96  SER A HG   1 
ATOM 1440 N N    . ASP A 1 97  ? 0.147   -15.750 -9.095  1.00 0.00 ? 97  ASP A N    1 
ATOM 1441 C CA   . ASP A 1 97  ? -0.797  -16.530 -9.868  1.00 0.00 ? 97  ASP A CA   1 
ATOM 1442 C C    . ASP A 1 97  ? -1.199  -15.796 -11.132 1.00 0.00 ? 97  ASP A C    1 
ATOM 1443 O O    . ASP A 1 97  ? -1.205  -16.363 -12.229 1.00 0.00 ? 97  ASP A O    1 
ATOM 1444 C CB   . ASP A 1 97  ? -2.034  -16.849 -9.014  1.00 0.00 ? 97  ASP A CB   1 
ATOM 1445 C CG   . ASP A 1 97  ? -3.050  -17.722 -9.718  1.00 0.00 ? 97  ASP A CG   1 
ATOM 1446 O OD1  . ASP A 1 97  ? -2.860  -18.948 -9.763  1.00 0.00 ? 97  ASP A OD1  1 
ATOM 1447 O OD2  . ASP A 1 97  ? -4.092  -17.199 -10.189 1.00 0.00 ? 97  ASP A OD2  1 
ATOM 1448 H H    . ASP A 1 97  ? -0.155  -15.336 -8.254  1.00 0.00 ? 97  ASP A H    1 
ATOM 1449 H HA   . ASP A 1 97  ? -0.321  -17.460 -10.138 1.00 0.00 ? 97  ASP A HA   1 
ATOM 1450 H HB2  . ASP A 1 97  ? -1.720  -17.359 -8.116  1.00 0.00 ? 97  ASP A HB2  1 
ATOM 1451 H HB3  . ASP A 1 97  ? -2.511  -15.920 -8.737  1.00 0.00 ? 97  ASP A HB3  1 
ATOM 1452 N N    . LEU A 1 98  ? -1.502  -14.529 -10.976 1.00 0.00 ? 98  LEU A N    1 
ATOM 1453 C CA   . LEU A 1 98  ? -1.969  -13.713 -12.083 1.00 0.00 ? 98  LEU A CA   1 
ATOM 1454 C C    . LEU A 1 98  ? -0.869  -13.238 -13.008 1.00 0.00 ? 98  LEU A C    1 
ATOM 1455 O O    . LEU A 1 98  ? -0.953  -13.432 -14.221 1.00 0.00 ? 98  LEU A O    1 
ATOM 1456 C CB   . LEU A 1 98  ? -2.808  -12.506 -11.598 1.00 0.00 ? 98  LEU A CB   1 
ATOM 1457 C CG   . LEU A 1 98  ? -4.266  -12.765 -11.153 1.00 0.00 ? 98  LEU A CG   1 
ATOM 1458 C CD1  . LEU A 1 98  ? -5.109  -13.224 -12.327 1.00 0.00 ? 98  LEU A CD1  1 
ATOM 1459 C CD2  . LEU A 1 98  ? -4.353  -13.767 -10.015 1.00 0.00 ? 98  LEU A CD2  1 
ATOM 1460 H H    . LEU A 1 98  ? -1.413  -14.137 -10.080 1.00 0.00 ? 98  LEU A H    1 
ATOM 1461 H HA   . LEU A 1 98  ? -2.626  -14.340 -12.667 1.00 0.00 ? 98  LEU A HA   1 
ATOM 1462 H HB2  . LEU A 1 98  ? -2.287  -12.064 -10.761 1.00 0.00 ? 98  LEU A HB2  1 
ATOM 1463 H HB3  . LEU A 1 98  ? -2.826  -11.779 -12.395 1.00 0.00 ? 98  LEU A HB3  1 
ATOM 1464 H HG   . LEU A 1 98  ? -4.684  -11.827 -10.818 1.00 0.00 ? 98  LEU A HG   1 
ATOM 1465 H HD11 . LEU A 1 98  ? -6.128  -13.369 -12.001 1.00 0.00 ? 98  LEU A HD11 1 
ATOM 1466 H HD12 . LEU A 1 98  ? -4.723  -14.155 -12.713 1.00 0.00 ? 98  LEU A HD12 1 
ATOM 1467 H HD13 . LEU A 1 98  ? -5.085  -12.473 -13.102 1.00 0.00 ? 98  LEU A HD13 1 
ATOM 1468 H HD21 . LEU A 1 98  ? -5.384  -13.904 -9.729  1.00 0.00 ? 98  LEU A HD21 1 
ATOM 1469 H HD22 . LEU A 1 98  ? -3.784  -13.405 -9.171  1.00 0.00 ? 98  LEU A HD22 1 
ATOM 1470 H HD23 . LEU A 1 98  ? -3.941  -14.711 -10.342 1.00 0.00 ? 98  LEU A HD23 1 
ATOM 1471 N N    . ILE A 1 99  ? 0.170   -12.665 -12.455 1.00 0.00 ? 99  ILE A N    1 
ATOM 1472 C CA   . ILE A 1 99  ? 1.185   -12.024 -13.268 1.00 0.00 ? 99  ILE A CA   1 
ATOM 1473 C C    . ILE A 1 99  ? 2.595   -12.512 -12.970 1.00 0.00 ? 99  ILE A C    1 
ATOM 1474 O O    . ILE A 1 99  ? 2.873   -12.997 -11.869 1.00 0.00 ? 99  ILE A O    1 
ATOM 1475 C CB   . ILE A 1 99  ? 1.068   -10.465 -13.185 1.00 0.00 ? 99  ILE A CB   1 
ATOM 1476 C CG1  . ILE A 1 99  ? 1.159   -9.962  -11.721 1.00 0.00 ? 99  ILE A CG1  1 
ATOM 1477 C CG2  . ILE A 1 99  ? -0.213  -9.974  -13.857 1.00 0.00 ? 99  ILE A CG2  1 
ATOM 1478 C CD1  . ILE A 1 99  ? 0.978   -8.464  -11.570 1.00 0.00 ? 99  ILE A CD1  1 
ATOM 1479 H H    . ILE A 1 99  ? 0.307   -12.685 -11.480 1.00 0.00 ? 99  ILE A H    1 
ATOM 1480 H HA   . ILE A 1 99  ? 0.965   -12.308 -14.287 1.00 0.00 ? 99  ILE A HA   1 
ATOM 1481 H HB   . ILE A 1 99  ? 1.896   -10.054 -13.745 1.00 0.00 ? 99  ILE A HB   1 
ATOM 1482 H HG12 . ILE A 1 99  ? 0.396   -10.437 -11.121 1.00 0.00 ? 99  ILE A HG12 1 
ATOM 1483 H HG13 . ILE A 1 99  ? 2.125   -10.215 -11.309 1.00 0.00 ? 99  ILE A HG13 1 
ATOM 1484 H HG21 . ILE A 1 99  ? -0.215  -10.283 -14.892 1.00 0.00 ? 99  ILE A HG21 1 
ATOM 1485 H HG22 . ILE A 1 99  ? -0.262  -8.897  -13.801 1.00 0.00 ? 99  ILE A HG22 1 
ATOM 1486 H HG23 . ILE A 1 99  ? -1.070  -10.399 -13.354 1.00 0.00 ? 99  ILE A HG23 1 
ATOM 1487 H HD11 . ILE A 1 99  ? 1.052   -8.193  -10.528 1.00 0.00 ? 99  ILE A HD11 1 
ATOM 1488 H HD12 . ILE A 1 99  ? 0.004   -8.188  -11.947 1.00 0.00 ? 99  ILE A HD12 1 
ATOM 1489 H HD13 . ILE A 1 99  ? 1.737   -7.950  -12.141 1.00 0.00 ? 99  ILE A HD13 1 
ATOM 1490 N N    . THR A 1 100 ? 3.464   -12.421 -13.977 1.00 0.00 ? 100 THR A N    1 
ATOM 1491 C CA   . THR A 1 100 ? 4.851   -12.834 -13.860 1.00 0.00 ? 100 THR A CA   1 
ATOM 1492 C C    . THR A 1 100 ? 5.562   -11.988 -12.788 1.00 0.00 ? 100 THR A C    1 
ATOM 1493 O O    . THR A 1 100 ? 6.265   -12.510 -11.922 1.00 0.00 ? 100 THR A O    1 
ATOM 1494 C CB   . THR A 1 100 ? 5.560   -12.632 -15.222 1.00 0.00 ? 100 THR A CB   1 
ATOM 1495 O OG1  . THR A 1 100 ? 4.801   -13.278 -16.267 1.00 0.00 ? 100 THR A OG1  1 
ATOM 1496 C CG2  . THR A 1 100 ? 6.973   -13.200 -15.202 1.00 0.00 ? 100 THR A CG2  1 
ATOM 1497 H H    . THR A 1 100 ? 3.170   -12.075 -14.850 1.00 0.00 ? 100 THR A H    1 
ATOM 1498 H HA   . THR A 1 100 ? 4.889   -13.880 -13.597 1.00 0.00 ? 100 THR A HA   1 
ATOM 1499 H HB   . THR A 1 100 ? 5.603   -11.572 -15.426 1.00 0.00 ? 100 THR A HB   1 
ATOM 1500 H HG1  . THR A 1 100 ? 4.871   -14.238 -16.179 1.00 0.00 ? 100 THR A HG1  1 
ATOM 1501 H HG21 . THR A 1 100 ? 7.433   -13.060 -16.169 1.00 0.00 ? 100 THR A HG21 1 
ATOM 1502 H HG22 . THR A 1 100 ? 6.934   -14.253 -14.965 1.00 0.00 ? 100 THR A HG22 1 
ATOM 1503 H HG23 . THR A 1 100 ? 7.552   -12.686 -14.450 1.00 0.00 ? 100 THR A HG23 1 
ATOM 1504 N N    . SER A 1 101 ? 5.328   -10.704 -12.844 1.00 0.00 ? 101 SER A N    1 
ATOM 1505 C CA   . SER A 1 101 ? 5.877   -9.768  -11.918 1.00 0.00 ? 101 SER A CA   1 
ATOM 1506 C C    . SER A 1 101 ? 4.845   -8.678  -11.741 1.00 0.00 ? 101 SER A C    1 
ATOM 1507 O O    . SER A 1 101 ? 4.046   -8.430  -12.662 1.00 0.00 ? 101 SER A O    1 
ATOM 1508 C CB   . SER A 1 101 ? 7.199   -9.183  -12.463 1.00 0.00 ? 101 SER A CB   1 
ATOM 1509 O OG   . SER A 1 101 ? 7.857   -8.358  -11.501 1.00 0.00 ? 101 SER A OG   1 
ATOM 1510 H H    . SER A 1 101 ? 4.738   -10.347 -13.540 1.00 0.00 ? 101 SER A H    1 
ATOM 1511 H HA   . SER A 1 101 ? 6.054   -10.265 -10.976 1.00 0.00 ? 101 SER A HA   1 
ATOM 1512 H HB2  . SER A 1 101 ? 7.863   -9.984  -12.751 1.00 0.00 ? 101 SER A HB2  1 
ATOM 1513 H HB3  . SER A 1 101 ? 6.978   -8.582  -13.331 1.00 0.00 ? 101 SER A HB3  1 
ATOM 1514 H HG   . SER A 1 101 ? 8.532   -8.901  -11.073 1.00 0.00 ? 101 SER A HG   1 
ATOM 1515 N N    . MET A 1 102 ? 4.836   -8.050  -10.602 1.00 0.00 ? 102 MET A N    1 
ATOM 1516 C CA   . MET A 1 102 ? 3.909   -6.986  -10.326 1.00 0.00 ? 102 MET A CA   1 
ATOM 1517 C C    . MET A 1 102 ? 4.237   -5.768  -11.206 1.00 0.00 ? 102 MET A C    1 
ATOM 1518 O O    . MET A 1 102 ? 5.382   -5.299  -11.237 1.00 0.00 ? 102 MET A O    1 
ATOM 1519 C CB   . MET A 1 102 ? 3.890   -6.638  -8.810  1.00 0.00 ? 102 MET A CB   1 
ATOM 1520 C CG   . MET A 1 102 ? 5.257   -6.323  -8.172  1.00 0.00 ? 102 MET A CG   1 
ATOM 1521 S SD   . MET A 1 102 ? 6.351   -7.767  -8.038  1.00 0.00 ? 102 MET A SD   1 
ATOM 1522 C CE   . MET A 1 102 ? 7.800   -7.018  -7.305  1.00 0.00 ? 102 MET A CE   1 
ATOM 1523 H H    . MET A 1 102 ? 5.483   -8.309  -9.912  1.00 0.00 ? 102 MET A H    1 
ATOM 1524 H HA   . MET A 1 102 ? 2.933   -7.343  -10.616 1.00 0.00 ? 102 MET A HA   1 
ATOM 1525 H HB2  . MET A 1 102 ? 3.238   -5.793  -8.647  1.00 0.00 ? 102 MET A HB2  1 
ATOM 1526 H HB3  . MET A 1 102 ? 3.470   -7.482  -8.282  1.00 0.00 ? 102 MET A HB3  1 
ATOM 1527 H HG2  . MET A 1 102 ? 5.755   -5.579  -8.776  1.00 0.00 ? 102 MET A HG2  1 
ATOM 1528 H HG3  . MET A 1 102 ? 5.091   -5.922  -7.183  1.00 0.00 ? 102 MET A HG3  1 
ATOM 1529 H HE1  . MET A 1 102 ? 7.534   -6.588  -6.351  1.00 0.00 ? 102 MET A HE1  1 
ATOM 1530 H HE2  . MET A 1 102 ? 8.177   -6.251  -7.965  1.00 0.00 ? 102 MET A HE2  1 
ATOM 1531 H HE3  . MET A 1 102 ? 8.563   -7.769  -7.161  1.00 0.00 ? 102 MET A HE3  1 
ATOM 1532 N N    . VAL A 1 103 ? 3.239   -5.284  -11.934 1.00 0.00 ? 103 VAL A N    1 
ATOM 1533 C CA   . VAL A 1 103 ? 3.430   -4.201  -12.890 1.00 0.00 ? 103 VAL A CA   1 
ATOM 1534 C C    . VAL A 1 103 ? 3.203   -2.832  -12.246 1.00 0.00 ? 103 VAL A C    1 
ATOM 1535 O O    . VAL A 1 103 ? 2.205   -2.600  -11.558 1.00 0.00 ? 103 VAL A O    1 
ATOM 1536 C CB   . VAL A 1 103 ? 2.521   -4.401  -14.154 1.00 0.00 ? 103 VAL A CB   1 
ATOM 1537 C CG1  . VAL A 1 103 ? 1.039   -4.506  -13.790 1.00 0.00 ? 103 VAL A CG1  1 
ATOM 1538 C CG2  . VAL A 1 103 ? 2.740   -3.301  -15.181 1.00 0.00 ? 103 VAL A CG2  1 
ATOM 1539 H H    . VAL A 1 103 ? 2.339   -5.664  -11.875 1.00 0.00 ? 103 VAL A H    1 
ATOM 1540 H HA   . VAL A 1 103 ? 4.462   -4.247  -13.208 1.00 0.00 ? 103 VAL A HA   1 
ATOM 1541 H HB   . VAL A 1 103 ? 2.814   -5.340  -14.600 1.00 0.00 ? 103 VAL A HB   1 
ATOM 1542 H HG11 . VAL A 1 103 ? 0.729   -3.602  -13.285 1.00 0.00 ? 103 VAL A HG11 1 
ATOM 1543 H HG12 . VAL A 1 103 ? 0.882   -5.353  -13.139 1.00 0.00 ? 103 VAL A HG12 1 
ATOM 1544 H HG13 . VAL A 1 103 ? 0.455   -4.631  -14.691 1.00 0.00 ? 103 VAL A HG13 1 
ATOM 1545 H HG21 . VAL A 1 103 ? 2.104   -3.478  -16.036 1.00 0.00 ? 103 VAL A HG21 1 
ATOM 1546 H HG22 . VAL A 1 103 ? 3.775   -3.298  -15.490 1.00 0.00 ? 103 VAL A HG22 1 
ATOM 1547 H HG23 . VAL A 1 103 ? 2.493   -2.348  -14.739 1.00 0.00 ? 103 VAL A HG23 1 
ATOM 1548 N N    . ALA A 1 104 ? 4.145   -1.949  -12.489 1.00 0.00 ? 104 ALA A N    1 
ATOM 1549 C CA   . ALA A 1 104 ? 4.192   -0.639  -11.876 1.00 0.00 ? 104 ALA A CA   1 
ATOM 1550 C C    . ALA A 1 104 ? 3.103   0.280   -12.352 1.00 0.00 ? 104 ALA A C    1 
ATOM 1551 O O    . ALA A 1 104 ? 2.606   0.178   -13.482 1.00 0.00 ? 104 ALA A O    1 
ATOM 1552 C CB   . ALA A 1 104 ? 5.548   0.002   -12.093 1.00 0.00 ? 104 ALA A CB   1 
ATOM 1553 H H    . ALA A 1 104 ? 4.835   -2.209  -13.137 1.00 0.00 ? 104 ALA A H    1 
ATOM 1554 H HA   . ALA A 1 104 ? 4.073   -0.767  -10.806 1.00 0.00 ? 104 ALA A HA   1 
ATOM 1555 H HB1  . ALA A 1 104 ? 6.318   -0.670  -11.744 1.00 0.00 ? 104 ALA A HB1  1 
ATOM 1556 H HB2  . ALA A 1 104 ? 5.603   0.926   -11.538 1.00 0.00 ? 104 ALA A HB2  1 
ATOM 1557 H HB3  . ALA A 1 104 ? 5.690   0.197   -13.147 1.00 0.00 ? 104 ALA A HB3  1 
ATOM 1558 N N    . SER A 1 105 ? 2.736   1.154   -11.476 1.00 0.00 ? 105 SER A N    1 
ATOM 1559 C CA   . SER A 1 105 ? 1.791   2.173   -11.695 1.00 0.00 ? 105 SER A CA   1 
ATOM 1560 C C    . SER A 1 105 ? 2.398   3.433   -11.049 1.00 0.00 ? 105 SER A C    1 
ATOM 1561 O O    . SER A 1 105 ? 3.544   3.372   -10.570 1.00 0.00 ? 105 SER A O    1 
ATOM 1562 C CB   . SER A 1 105 ? 0.433   1.774   -11.110 1.00 0.00 ? 105 SER A CB   1 
ATOM 1563 O OG   . SER A 1 105 ? 0.029   0.496   -11.609 1.00 0.00 ? 105 SER A OG   1 
ATOM 1564 H H    . SER A 1 105 ? 3.138   1.165   -10.582 1.00 0.00 ? 105 SER A H    1 
ATOM 1565 H HA   . SER A 1 105 ? 1.720   2.330   -12.762 1.00 0.00 ? 105 SER A HA   1 
ATOM 1566 H HB2  . SER A 1 105 ? 0.506   1.724   -10.034 1.00 0.00 ? 105 SER A HB2  1 
ATOM 1567 H HB3  . SER A 1 105 ? -0.312  2.505   -11.387 1.00 0.00 ? 105 SER A HB3  1 
ATOM 1568 H HG   . SER A 1 105 ? 0.739   0.195   -12.189 1.00 0.00 ? 105 SER A HG   1 
ATOM 1569 N N    . GLY A 1 106 ? 1.694   4.525   -11.040 1.00 0.00 ? 106 GLY A N    1 
ATOM 1570 C CA   . GLY A 1 106 ? 2.289   5.791   -10.651 1.00 0.00 ? 106 GLY A CA   1 
ATOM 1571 C C    . GLY A 1 106 ? 2.640   5.929   -9.164  1.00 0.00 ? 106 GLY A C    1 
ATOM 1572 O O    . GLY A 1 106 ? 2.001   5.304   -8.269  1.00 0.00 ? 106 GLY A O    1 
ATOM 1573 H H    . GLY A 1 106 ? 0.730   4.459   -11.206 1.00 0.00 ? 106 GLY A H    1 
ATOM 1574 H HA2  . GLY A 1 106 ? 3.197   5.931   -11.216 1.00 0.00 ? 106 GLY A HA2  1 
ATOM 1575 H HA3  . GLY A 1 106 ? 1.599   6.578   -10.917 1.00 0.00 ? 106 GLY A HA3  1 
ATOM 1576 N N    . TYR A 1 107 ? 3.634   6.761   -8.907  1.00 0.00 ? 107 TYR A N    1 
ATOM 1577 C CA   . TYR A 1 107 ? 4.061   7.121   -7.568  1.00 0.00 ? 107 TYR A CA   1 
ATOM 1578 C C    . TYR A 1 107 ? 3.639   8.559   -7.340  1.00 0.00 ? 107 TYR A C    1 
ATOM 1579 O O    . TYR A 1 107 ? 3.792   9.398   -8.236  1.00 0.00 ? 107 TYR A O    1 
ATOM 1580 C CB   . TYR A 1 107 ? 5.602   7.077   -7.430  1.00 0.00 ? 107 TYR A CB   1 
ATOM 1581 C CG   . TYR A 1 107 ? 6.289   5.732   -7.596  1.00 0.00 ? 107 TYR A CG   1 
ATOM 1582 C CD1  . TYR A 1 107 ? 6.680   5.265   -8.844  1.00 0.00 ? 107 TYR A CD1  1 
ATOM 1583 C CD2  . TYR A 1 107 ? 6.602   4.960   -6.487  1.00 0.00 ? 107 TYR A CD2  1 
ATOM 1584 C CE1  . TYR A 1 107 ? 7.359   4.065   -8.981  1.00 0.00 ? 107 TYR A CE1  1 
ATOM 1585 C CE2  . TYR A 1 107 ? 7.273   3.758   -6.617  1.00 0.00 ? 107 TYR A CE2  1 
ATOM 1586 C CZ   . TYR A 1 107 ? 7.650   3.316   -7.863  1.00 0.00 ? 107 TYR A CZ   1 
ATOM 1587 O OH   . TYR A 1 107 ? 8.329   2.120   -7.989  1.00 0.00 ? 107 TYR A OH   1 
ATOM 1588 H H    . TYR A 1 107 ? 4.114   7.187   -9.651  1.00 0.00 ? 107 TYR A H    1 
ATOM 1589 H HA   . TYR A 1 107 ? 3.603   6.463   -6.845  1.00 0.00 ? 107 TYR A HA   1 
ATOM 1590 H HB2  . TYR A 1 107 ? 6.027   7.735   -8.172  1.00 0.00 ? 107 TYR A HB2  1 
ATOM 1591 H HB3  . TYR A 1 107 ? 5.860   7.465   -6.456  1.00 0.00 ? 107 TYR A HB3  1 
ATOM 1592 H HD1  . TYR A 1 107 ? 6.443   5.853   -9.718  1.00 0.00 ? 107 TYR A HD1  1 
ATOM 1593 H HD2  . TYR A 1 107 ? 6.306   5.306   -5.508  1.00 0.00 ? 107 TYR A HD2  1 
ATOM 1594 H HE1  . TYR A 1 107 ? 7.658   3.717   -9.959  1.00 0.00 ? 107 TYR A HE1  1 
ATOM 1595 H HE2  . TYR A 1 107 ? 7.502   3.171   -5.740  1.00 0.00 ? 107 TYR A HE2  1 
ATOM 1596 H HH   . TYR A 1 107 ? 9.089   2.272   -8.564  1.00 0.00 ? 107 TYR A HH   1 
ATOM 1597 N N    . ASP A 1 108 ? 3.086   8.851   -6.202  1.00 0.00 ? 108 ASP A N    1 
ATOM 1598 C CA   . ASP A 1 108 ? 2.716   10.214  -5.892  1.00 0.00 ? 108 ASP A CA   1 
ATOM 1599 C C    . ASP A 1 108 ? 3.155   10.503  -4.475  1.00 0.00 ? 108 ASP A C    1 
ATOM 1600 O O    . ASP A 1 108 ? 3.150   9.613   -3.644  1.00 0.00 ? 108 ASP A O    1 
ATOM 1601 C CB   . ASP A 1 108 ? 1.187   10.403  -6.060  1.00 0.00 ? 108 ASP A CB   1 
ATOM 1602 C CG   . ASP A 1 108 ? 0.755   11.856  -6.002  1.00 0.00 ? 108 ASP A CG   1 
ATOM 1603 O OD1  . ASP A 1 108 ? 1.289   12.672  -6.781  1.00 0.00 ? 108 ASP A OD1  1 
ATOM 1604 O OD2  . ASP A 1 108 ? -0.157  12.208  -5.226  1.00 0.00 ? 108 ASP A OD2  1 
ATOM 1605 H H    . ASP A 1 108 ? 2.859   8.163   -5.533  1.00 0.00 ? 108 ASP A H    1 
ATOM 1606 H HA   . ASP A 1 108 ? 3.242   10.871  -6.567  1.00 0.00 ? 108 ASP A HA   1 
ATOM 1607 H HB2  . ASP A 1 108 ? 0.885   10.002  -7.016  1.00 0.00 ? 108 ASP A HB2  1 
ATOM 1608 H HB3  . ASP A 1 108 ? 0.681   9.862   -5.275  1.00 0.00 ? 108 ASP A HB3  1 
ATOM 1609 N N    . TYR A 1 109 ? 3.595   11.693  -4.200  1.00 0.00 ? 109 TYR A N    1 
ATOM 1610 C CA   . TYR A 1 109 ? 4.016   12.004  -2.857  1.00 0.00 ? 109 TYR A CA   1 
ATOM 1611 C C    . TYR A 1 109 ? 3.031   12.944  -2.246  1.00 0.00 ? 109 TYR A C    1 
ATOM 1612 O O    . TYR A 1 109 ? 2.733   14.015  -2.806  1.00 0.00 ? 109 TYR A O    1 
ATOM 1613 C CB   . TYR A 1 109 ? 5.434   12.575  -2.828  1.00 0.00 ? 109 TYR A CB   1 
ATOM 1614 C CG   . TYR A 1 109 ? 6.466   11.619  -3.385  1.00 0.00 ? 109 TYR A CG   1 
ATOM 1615 C CD1  . TYR A 1 109 ? 6.860   10.505  -2.661  1.00 0.00 ? 109 TYR A CD1  1 
ATOM 1616 C CD2  . TYR A 1 109 ? 7.024   11.815  -4.640  1.00 0.00 ? 109 TYR A CD2  1 
ATOM 1617 C CE1  . TYR A 1 109 ? 7.784   9.615   -3.166  1.00 0.00 ? 109 TYR A CE1  1 
ATOM 1618 C CE2  . TYR A 1 109 ? 7.947   10.928  -5.154  1.00 0.00 ? 109 TYR A CE2  1 
ATOM 1619 C CZ   . TYR A 1 109 ? 8.325   9.831   -4.411  1.00 0.00 ? 109 TYR A CZ   1 
ATOM 1620 O OH   . TYR A 1 109 ? 9.240   8.947   -4.917  1.00 0.00 ? 109 TYR A OH   1 
ATOM 1621 H H    . TYR A 1 109 ? 3.626   12.386  -4.894  1.00 0.00 ? 109 TYR A H    1 
ATOM 1622 H HA   . TYR A 1 109 ? 3.993   11.081  -2.297  1.00 0.00 ? 109 TYR A HA   1 
ATOM 1623 H HB2  . TYR A 1 109 ? 5.461   13.482  -3.414  1.00 0.00 ? 109 TYR A HB2  1 
ATOM 1624 H HB3  . TYR A 1 109 ? 5.704   12.800  -1.807  1.00 0.00 ? 109 TYR A HB3  1 
ATOM 1625 H HD1  . TYR A 1 109 ? 6.433   10.339  -1.683  1.00 0.00 ? 109 TYR A HD1  1 
ATOM 1626 H HD2  . TYR A 1 109 ? 6.727   12.679  -5.215  1.00 0.00 ? 109 TYR A HD2  1 
ATOM 1627 H HE1  . TYR A 1 109 ? 8.077   8.753   -2.582  1.00 0.00 ? 109 TYR A HE1  1 
ATOM 1628 H HE2  . TYR A 1 109 ? 8.370   11.097  -6.133  1.00 0.00 ? 109 TYR A HE2  1 
ATOM 1629 H HH   . TYR A 1 109 ? 9.995   9.465   -5.224  1.00 0.00 ? 109 TYR A HH   1 
ATOM 1630 N N    . ARG A 1 110 ? 2.521   12.557  -1.122  1.00 0.00 ? 110 ARG A N    1 
ATOM 1631 C CA   . ARG A 1 110 ? 1.458   13.272  -0.484  1.00 0.00 ? 110 ARG A CA   1 
ATOM 1632 C C    . ARG A 1 110 ? 1.653   13.420  0.977   1.00 0.00 ? 110 ARG A C    1 
ATOM 1633 O O    . ARG A 1 110 ? 2.551   12.844  1.570   1.00 0.00 ? 110 ARG A O    1 
ATOM 1634 C CB   . ARG A 1 110 ? 0.111   12.582  -0.689  1.00 0.00 ? 110 ARG A CB   1 
ATOM 1635 C CG   . ARG A 1 110 ? -0.405  12.586  -2.091  1.00 0.00 ? 110 ARG A CG   1 
ATOM 1636 C CD   . ARG A 1 110 ? -1.769  11.953  -2.165  1.00 0.00 ? 110 ARG A CD   1 
ATOM 1637 N NE   . ARG A 1 110 ? -2.273  11.934  -3.532  1.00 0.00 ? 110 ARG A NE   1 
ATOM 1638 C CZ   . ARG A 1 110 ? -3.564  11.891  -3.871  1.00 0.00 ? 110 ARG A CZ   1 
ATOM 1639 N NH1  . ARG A 1 110 ? -4.506  11.807  -2.917  1.00 0.00 ? 110 ARG A NH1  1 
ATOM 1640 N NH2  . ARG A 1 110 ? -3.911  11.909  -5.156  1.00 0.00 ? 110 ARG A NH2  1 
ATOM 1641 H H    . ARG A 1 110 ? 2.881   11.768  -0.658  1.00 0.00 ? 110 ARG A H    1 
ATOM 1642 H HA   . ARG A 1 110 ? 1.386   14.244  -0.946  1.00 0.00 ? 110 ARG A HA   1 
ATOM 1643 H HB2  . ARG A 1 110 ? 0.221   11.551  -0.387  1.00 0.00 ? 110 ARG A HB2  1 
ATOM 1644 H HB3  . ARG A 1 110 ? -0.618  13.045  -0.040  1.00 0.00 ? 110 ARG A HB3  1 
ATOM 1645 H HG2  . ARG A 1 110 ? -0.480  13.609  -2.428  1.00 0.00 ? 110 ARG A HG2  1 
ATOM 1646 H HG3  . ARG A 1 110 ? 0.276   12.039  -2.727  1.00 0.00 ? 110 ARG A HG3  1 
ATOM 1647 H HD2  . ARG A 1 110 ? -1.703  10.938  -1.800  1.00 0.00 ? 110 ARG A HD2  1 
ATOM 1648 H HD3  . ARG A 1 110 ? -2.452  12.517  -1.546  1.00 0.00 ? 110 ARG A HD3  1 
ATOM 1649 H HE   . ARG A 1 110 ? -1.552  11.965  -4.214  1.00 0.00 ? 110 ARG A HE   1 
ATOM 1650 H HH11 . ARG A 1 110 ? -4.267  11.765  -1.944  1.00 0.00 ? 110 ARG A HH11 1 
ATOM 1651 H HH12 . ARG A 1 110 ? -5.492  11.806  -3.104  1.00 0.00 ? 110 ARG A HH12 1 
ATOM 1652 H HH21 . ARG A 1 110 ? -3.210  11.959  -5.876  1.00 0.00 ? 110 ARG A HH21 1 
ATOM 1653 H HH22 . ARG A 1 110 ? -4.859  11.869  -5.483  1.00 0.00 ? 110 ARG A HH22 1 
ATOM 1654 N N    . ARG A 1 111 ? 0.928   14.337  1.489   1.00 0.00 ? 111 ARG A N    1 
ATOM 1655 C CA   . ARG A 1 111 ? 0.612   14.445  2.864   1.00 0.00 ? 111 ARG A CA   1 
ATOM 1656 C C    . ARG A 1 111 ? -0.632  15.279  2.852   1.00 0.00 ? 111 ARG A C    1 
ATOM 1657 O O    . ARG A 1 111 ? -0.539  16.438  2.495   1.00 0.00 ? 111 ARG A O    1 
ATOM 1658 C CB   . ARG A 1 111 ? 1.706   15.134  3.631   1.00 0.00 ? 111 ARG A CB   1 
ATOM 1659 C CG   . ARG A 1 111 ? 2.177   14.407  4.876   1.00 0.00 ? 111 ARG A CG   1 
ATOM 1660 C CD   . ARG A 1 111 ? 1.038   13.950  5.784   1.00 0.00 ? 111 ARG A CD   1 
ATOM 1661 N NE   . ARG A 1 111 ? 0.477   12.662  5.357   1.00 0.00 ? 111 ARG A NE   1 
ATOM 1662 C CZ   . ARG A 1 111 ? -0.542  12.017  5.940   1.00 0.00 ? 111 ARG A CZ   1 
ATOM 1663 N NH1  . ARG A 1 111 ? -1.332  12.630  6.817   1.00 0.00 ? 111 ARG A NH1  1 
ATOM 1664 N NH2  . ARG A 1 111 ? -0.805  10.779  5.584   1.00 0.00 ? 111 ARG A NH2  1 
ATOM 1665 H H    . ARG A 1 111 ? 0.485   14.966  0.877   1.00 0.00 ? 111 ARG A H    1 
ATOM 1666 H HA   . ARG A 1 111 ? 0.398   13.462  3.259   1.00 0.00 ? 111 ARG A HA   1 
ATOM 1667 H HB2  . ARG A 1 111 ? 2.555   15.235  2.971   1.00 0.00 ? 111 ARG A HB2  1 
ATOM 1668 H HB3  . ARG A 1 111 ? 1.374   16.122  3.909   1.00 0.00 ? 111 ARG A HB3  1 
ATOM 1669 H HG2  . ARG A 1 111 ? 2.767   13.549  4.583   1.00 0.00 ? 111 ARG A HG2  1 
ATOM 1670 H HG3  . ARG A 1 111 ? 2.810   15.095  5.418   1.00 0.00 ? 111 ARG A HG3  1 
ATOM 1671 H HD2  . ARG A 1 111 ? 1.415   13.845  6.791   1.00 0.00 ? 111 ARG A HD2  1 
ATOM 1672 H HD3  . ARG A 1 111 ? 0.256   14.694  5.768   1.00 0.00 ? 111 ARG A HD3  1 
ATOM 1673 H HE   . ARG A 1 111 ? 0.977   12.207  4.635   1.00 0.00 ? 111 ARG A HE   1 
ATOM 1674 H HH11 . ARG A 1 111 ? -1.256  13.603  7.089   1.00 0.00 ? 111 ARG A HH11 1 
ATOM 1675 H HH12 . ARG A 1 111 ? -2.044  12.099  7.305   1.00 0.00 ? 111 ARG A HH12 1 
ATOM 1676 H HH21 . ARG A 1 111 ? -0.292  10.289  4.875   1.00 0.00 ? 111 ARG A HH21 1 
ATOM 1677 H HH22 . ARG A 1 111 ? -1.517  10.229  6.056   1.00 0.00 ? 111 ARG A HH22 1 
ATOM 1678 N N    . ASP A 1 112 ? -1.777  14.772  3.214   1.00 0.00 ? 112 ASP A N    1 
ATOM 1679 C CA   . ASP A 1 112 ? -2.948  15.612  2.950   1.00 0.00 ? 112 ASP A CA   1 
ATOM 1680 C C    . ASP A 1 112 ? -4.076  15.510  3.995   1.00 0.00 ? 112 ASP A C    1 
ATOM 1681 O O    . ASP A 1 112 ? -5.209  15.904  3.724   1.00 0.00 ? 112 ASP A O    1 
ATOM 1682 C CB   . ASP A 1 112 ? -3.433  15.232  1.512   1.00 0.00 ? 112 ASP A CB   1 
ATOM 1683 C CG   . ASP A 1 112 ? -4.544  16.080  0.912   1.00 0.00 ? 112 ASP A CG   1 
ATOM 1684 O OD1  . ASP A 1 112 ? -4.290  17.244  0.535   1.00 0.00 ? 112 ASP A OD1  1 
ATOM 1685 O OD2  . ASP A 1 112 ? -5.677  15.564  0.743   1.00 0.00 ? 112 ASP A OD2  1 
ATOM 1686 H H    . ASP A 1 112 ? -1.855  13.860  3.571   1.00 0.00 ? 112 ASP A H    1 
ATOM 1687 H HA   . ASP A 1 112 ? -2.615  16.636  2.899   1.00 0.00 ? 112 ASP A HA   1 
ATOM 1688 H HB2  . ASP A 1 112 ? -2.588  15.301  0.844   1.00 0.00 ? 112 ASP A HB2  1 
ATOM 1689 H HB3  . ASP A 1 112 ? -3.757  14.201  1.532   1.00 0.00 ? 112 ASP A HB3  1 
ATOM 1690 N N    . ASP A 1 113 ? -3.816  15.015  5.200   1.00 0.00 ? 113 ASP A N    1 
ATOM 1691 C CA   . ASP A 1 113 ? -4.933  15.033  6.156   1.00 0.00 ? 113 ASP A CA   1 
ATOM 1692 C C    . ASP A 1 113 ? -5.017  16.302  6.970   1.00 0.00 ? 113 ASP A C    1 
ATOM 1693 O O    . ASP A 1 113 ? -5.985  17.068  6.851   1.00 0.00 ? 113 ASP A O    1 
ATOM 1694 C CB   . ASP A 1 113 ? -5.023  13.835  7.081   1.00 0.00 ? 113 ASP A CB   1 
ATOM 1695 C CG   . ASP A 1 113 ? -6.320  13.911  7.902   1.00 0.00 ? 113 ASP A CG   1 
ATOM 1696 O OD1  . ASP A 1 113 ? -7.378  13.455  7.399   1.00 0.00 ? 113 ASP A OD1  1 
ATOM 1697 O OD2  . ASP A 1 113 ? -6.330  14.482  9.009   1.00 0.00 ? 113 ASP A OD2  1 
ATOM 1698 H H    . ASP A 1 113 ? -2.928  14.695  5.462   1.00 0.00 ? 113 ASP A H    1 
ATOM 1699 H HA   . ASP A 1 113 ? -5.816  15.037  5.533   1.00 0.00 ? 113 ASP A HA   1 
ATOM 1700 H HB2  . ASP A 1 113 ? -5.027  12.933  6.486   1.00 0.00 ? 113 ASP A HB2  1 
ATOM 1701 H HB3  . ASP A 1 113 ? -4.183  13.830  7.760   1.00 0.00 ? 113 ASP A HB3  1 
ATOM 1702 N N    . ASP A 1 114 ? -3.981  16.579  7.748   1.00 0.00 ? 114 ASP A N    1 
ATOM 1703 C CA   . ASP A 1 114 ? -4.073  17.688  8.683   1.00 0.00 ? 114 ASP A CA   1 
ATOM 1704 C C    . ASP A 1 114 ? -3.452  18.949  8.149   1.00 0.00 ? 114 ASP A C    1 
ATOM 1705 O O    . ASP A 1 114 ? -4.170  19.852  7.735   1.00 0.00 ? 114 ASP A O    1 
ATOM 1706 C CB   . ASP A 1 114 ? -3.513  17.319  10.061  1.00 0.00 ? 114 ASP A CB   1 
ATOM 1707 C CG   . ASP A 1 114 ? -3.641  18.448  11.058  1.00 0.00 ? 114 ASP A CG   1 
ATOM 1708 O OD1  . ASP A 1 114 ? -4.746  18.653  11.603  1.00 0.00 ? 114 ASP A OD1  1 
ATOM 1709 O OD2  . ASP A 1 114 ? -2.634  19.137  11.331  1.00 0.00 ? 114 ASP A OD2  1 
ATOM 1710 H H    . ASP A 1 114 ? -3.152  16.050  7.683   1.00 0.00 ? 114 ASP A H    1 
ATOM 1711 H HA   . ASP A 1 114 ? -5.128  17.885  8.799   1.00 0.00 ? 114 ASP A HA   1 
ATOM 1712 H HB2  . ASP A 1 114 ? -4.049  16.463  10.444  1.00 0.00 ? 114 ASP A HB2  1 
ATOM 1713 H HB3  . ASP A 1 114 ? -2.468  17.065  9.960   1.00 0.00 ? 114 ASP A HB3  1 
ATOM 1714 N N    . ALA A 1 115 ? -2.138  19.015  8.107   1.00 0.00 ? 115 ALA A N    1 
ATOM 1715 C CA   . ALA A 1 115 ? -1.507  20.189  7.549   1.00 0.00 ? 115 ALA A CA   1 
ATOM 1716 C C    . ALA A 1 115 ? -0.789  19.805  6.289   1.00 0.00 ? 115 ALA A C    1 
ATOM 1717 O O    . ALA A 1 115 ? -0.856  20.501  5.286   1.00 0.00 ? 115 ALA A O    1 
ATOM 1718 C CB   . ALA A 1 115 ? -0.535  20.792  8.551   1.00 0.00 ? 115 ALA A CB   1 
ATOM 1719 H H    . ALA A 1 115 ? -1.601  18.248  8.422   1.00 0.00 ? 115 ALA A H    1 
ATOM 1720 H HA   . ALA A 1 115 ? -2.272  20.916  7.324   1.00 0.00 ? 115 ALA A HA   1 
ATOM 1721 H HB1  . ALA A 1 115 ? 0.220   20.062  8.800   1.00 0.00 ? 115 ALA A HB1  1 
ATOM 1722 H HB2  . ALA A 1 115 ? -1.065  21.085  9.445   1.00 0.00 ? 115 ALA A HB2  1 
ATOM 1723 H HB3  . ALA A 1 115 ? -0.063  21.657  8.110   1.00 0.00 ? 115 ALA A HB3  1 
ATOM 1724 N N    . GLY A 1 116 ? -0.095  18.688  6.357   1.00 0.00 ? 116 GLY A N    1 
ATOM 1725 C CA   . GLY A 1 116 ? 0.447   18.097  5.165   1.00 0.00 ? 116 GLY A CA   1 
ATOM 1726 C C    . GLY A 1 116 ? 1.911   18.475  4.915   1.00 0.00 ? 116 GLY A C    1 
ATOM 1727 O O    . GLY A 1 116 ? 2.474   18.130  3.897   1.00 0.00 ? 116 GLY A O    1 
ATOM 1728 H H    . GLY A 1 116 ? 0.228   18.479  7.257   1.00 0.00 ? 116 GLY A H    1 
ATOM 1729 H HA2  . GLY A 1 116 ? 0.365   17.027  5.276   1.00 0.00 ? 116 GLY A HA2  1 
ATOM 1730 H HA3  . GLY A 1 116 ? -0.150  18.409  4.321   1.00 0.00 ? 116 GLY A HA3  1 
ATOM 1731 N N    . LEU A 1 117 ? 2.542   19.138  5.874   1.00 0.00 ? 117 LEU A N    1 
ATOM 1732 C CA   . LEU A 1 117 ? 3.959   19.558  5.739   1.00 0.00 ? 117 LEU A CA   1 
ATOM 1733 C C    . LEU A 1 117 ? 4.930   18.383  6.033   1.00 0.00 ? 117 LEU A C    1 
ATOM 1734 O O    . LEU A 1 117 ? 6.145   18.541  6.060   1.00 0.00 ? 117 LEU A O    1 
ATOM 1735 C CB   . LEU A 1 117 ? 4.257   20.741  6.675   1.00 0.00 ? 117 LEU A CB   1 
ATOM 1736 C CG   . LEU A 1 117 ? 5.642   21.399  6.530   1.00 0.00 ? 117 LEU A CG   1 
ATOM 1737 C CD1  . LEU A 1 117 ? 5.778   22.105  5.188   1.00 0.00 ? 117 LEU A CD1  1 
ATOM 1738 C CD2  . LEU A 1 117 ? 5.910   22.353  7.674   1.00 0.00 ? 117 LEU A CD2  1 
ATOM 1739 H H    . LEU A 1 117 ? 2.055   19.384  6.686   1.00 0.00 ? 117 LEU A H    1 
ATOM 1740 H HA   . LEU A 1 117 ? 4.105   19.870  4.716   1.00 0.00 ? 117 LEU A HA   1 
ATOM 1741 H HB2  . LEU A 1 117 ? 3.506   21.496  6.501   1.00 0.00 ? 117 LEU A HB2  1 
ATOM 1742 H HB3  . LEU A 1 117 ? 4.156   20.394  7.693   1.00 0.00 ? 117 LEU A HB3  1 
ATOM 1743 H HG   . LEU A 1 117 ? 6.388   20.619  6.555   1.00 0.00 ? 117 LEU A HG   1 
ATOM 1744 H HD11 . LEU A 1 117 ? 5.664   21.389  4.388   1.00 0.00 ? 117 LEU A HD11 1 
ATOM 1745 H HD12 . LEU A 1 117 ? 6.752   22.566  5.123   1.00 0.00 ? 117 LEU A HD12 1 
ATOM 1746 H HD13 . LEU A 1 117 ? 5.017   22.867  5.102   1.00 0.00 ? 117 LEU A HD13 1 
ATOM 1747 H HD21 . LEU A 1 117 ? 5.158   23.126  7.684   1.00 0.00 ? 117 LEU A HD21 1 
ATOM 1748 H HD22 . LEU A 1 117 ? 6.884   22.801  7.544   1.00 0.00 ? 117 LEU A HD22 1 
ATOM 1749 H HD23 . LEU A 1 117 ? 5.886   21.812  8.608   1.00 0.00 ? 117 LEU A HD23 1 
ATOM 1750 N N    . TRP A 1 118 ? 4.386   17.214  6.165   1.00 0.00 ? 118 TRP A N    1 
ATOM 1751 C CA   . TRP A 1 118 ? 5.147   16.047  6.575   1.00 0.00 ? 118 TRP A CA   1 
ATOM 1752 C C    . TRP A 1 118 ? 5.429   15.208  5.328   1.00 0.00 ? 118 TRP A C    1 
ATOM 1753 O O    . TRP A 1 118 ? 5.154   15.678  4.224   1.00 0.00 ? 118 TRP A O    1 
ATOM 1754 C CB   . TRP A 1 118 ? 4.373   15.278  7.637   1.00 0.00 ? 118 TRP A CB   1 
ATOM 1755 C CG   . TRP A 1 118 ? 3.985   16.136  8.800   1.00 0.00 ? 118 TRP A CG   1 
ATOM 1756 C CD1  . TRP A 1 118 ? 2.750   16.654  9.053   1.00 0.00 ? 118 TRP A CD1  1 
ATOM 1757 C CD2  . TRP A 1 118 ? 4.837   16.614  9.840   1.00 0.00 ? 118 TRP A CD2  1 
ATOM 1758 N NE1  . TRP A 1 118 ? 2.776   17.407  10.189  1.00 0.00 ? 118 TRP A NE1  1 
ATOM 1759 C CE2  . TRP A 1 118 ? 4.047   17.403  10.692  1.00 0.00 ? 118 TRP A CE2  1 
ATOM 1760 C CE3  . TRP A 1 118 ? 6.189   16.447  10.136  1.00 0.00 ? 118 TRP A CE3  1 
ATOM 1761 C CZ2  . TRP A 1 118 ? 4.564   18.027  11.816  1.00 0.00 ? 118 TRP A CZ2  1 
ATOM 1762 C CZ3  . TRP A 1 118 ? 6.701   17.068  11.254  1.00 0.00 ? 118 TRP A CZ3  1 
ATOM 1763 C CH2  . TRP A 1 118 ? 5.891   17.849  12.079  1.00 0.00 ? 118 TRP A CH2  1 
ATOM 1764 H H    . TRP A 1 118 ? 3.474   17.134  5.824   1.00 0.00 ? 118 TRP A H    1 
ATOM 1765 H HA   . TRP A 1 118 ? 6.090   16.389  6.974   1.00 0.00 ? 118 TRP A HA   1 
ATOM 1766 H HB2  . TRP A 1 118 ? 3.466   14.874  7.214   1.00 0.00 ? 118 TRP A HB2  1 
ATOM 1767 H HB3  . TRP A 1 118 ? 4.990   14.475  8.011   1.00 0.00 ? 118 TRP A HB3  1 
ATOM 1768 H HD1  . TRP A 1 118 ? 1.880   16.477  8.440   1.00 0.00 ? 118 TRP A HD1  1 
ATOM 1769 H HE1  . TRP A 1 118 ? 2.010   17.877  10.590  1.00 0.00 ? 118 TRP A HE1  1 
ATOM 1770 H HE3  . TRP A 1 118 ? 6.829   15.845  9.510   1.00 0.00 ? 118 TRP A HE3  1 
ATOM 1771 H HZ2  . TRP A 1 118 ? 3.950   18.634  12.463  1.00 0.00 ? 118 TRP A HZ2  1 
ATOM 1772 H HZ3  . TRP A 1 118 ? 7.746   16.955  11.500  1.00 0.00 ? 118 TRP A HZ3  1 
ATOM 1773 H HH2  . TRP A 1 118 ? 6.338   18.318  12.944  1.00 0.00 ? 118 TRP A HH2  1 
ATOM 1774 N N    . SER A 1 119 ? 5.950   14.000  5.439   1.00 0.00 ? 119 SER A N    1 
ATOM 1775 C CA   . SER A 1 119 ? 6.260   13.275  4.228   1.00 0.00 ? 119 SER A CA   1 
ATOM 1776 C C    . SER A 1 119 ? 5.490   11.939  4.159   1.00 0.00 ? 119 SER A C    1 
ATOM 1777 O O    . SER A 1 119 ? 5.453   11.181  5.115   1.00 0.00 ? 119 SER A O    1 
ATOM 1778 C CB   . SER A 1 119 ? 7.778   13.056  4.182   1.00 0.00 ? 119 SER A CB   1 
ATOM 1779 O OG   . SER A 1 119 ? 8.444   14.316  4.214   1.00 0.00 ? 119 SER A OG   1 
ATOM 1780 H H    . SER A 1 119 ? 6.066   13.500  6.280   1.00 0.00 ? 119 SER A H    1 
ATOM 1781 H HA   . SER A 1 119 ? 5.978   13.888  3.387   1.00 0.00 ? 119 SER A HA   1 
ATOM 1782 H HB2  . SER A 1 119 ? 8.071   12.491  5.055   1.00 0.00 ? 119 SER A HB2  1 
ATOM 1783 H HB3  . SER A 1 119 ? 8.080   12.517  3.298   1.00 0.00 ? 119 SER A HB3  1 
ATOM 1784 H HG   . SER A 1 119 ? 7.759   14.984  4.320   1.00 0.00 ? 119 SER A HG   1 
ATOM 1785 N N    . SER A 1 120 ? 4.813   11.691  3.070   1.00 0.00 ? 120 SER A N    1 
ATOM 1786 C CA   . SER A 1 120 ? 4.195   10.416  2.850   1.00 0.00 ? 120 SER A CA   1 
ATOM 1787 C C    . SER A 1 120 ? 4.382   10.031  1.395   1.00 0.00 ? 120 SER A C    1 
ATOM 1788 O O    . SER A 1 120 ? 4.428   10.908  0.512   1.00 0.00 ? 120 SER A O    1 
ATOM 1789 C CB   . SER A 1 120 ? 2.716   10.465  3.246   1.00 0.00 ? 120 SER A CB   1 
ATOM 1790 O OG   . SER A 1 120 ? 2.588   10.913  4.597   1.00 0.00 ? 120 SER A OG   1 
ATOM 1791 H H    . SER A 1 120 ? 4.688   12.367  2.364   1.00 0.00 ? 120 SER A H    1 
ATOM 1792 H HA   . SER A 1 120 ? 4.708   9.692   3.466   1.00 0.00 ? 120 SER A HA   1 
ATOM 1793 H HB2  . SER A 1 120 ? 2.206   11.166  2.600   1.00 0.00 ? 120 SER A HB2  1 
ATOM 1794 H HB3  . SER A 1 120 ? 2.262   9.491   3.146   1.00 0.00 ? 120 SER A HB3  1 
ATOM 1795 H HG   . SER A 1 120 ? 3.482   10.842  4.957   1.00 0.00 ? 120 SER A HG   1 
ATOM 1796 N N    . ALA A 1 121 ? 4.555   8.782   1.145   1.00 0.00 ? 121 ALA A N    1 
ATOM 1797 C CA   . ALA A 1 121 ? 4.716   8.321   -0.192  1.00 0.00 ? 121 ALA A CA   1 
ATOM 1798 C C    . ALA A 1 121 ? 3.571   7.404   -0.550  1.00 0.00 ? 121 ALA A C    1 
ATOM 1799 O O    . ALA A 1 121 ? 3.331   6.398   0.137   1.00 0.00 ? 121 ALA A O    1 
ATOM 1800 C CB   . ALA A 1 121 ? 6.060   7.629   -0.358  1.00 0.00 ? 121 ALA A CB   1 
ATOM 1801 H H    . ALA A 1 121 ? 4.554   8.132   1.884   1.00 0.00 ? 121 ALA A H    1 
ATOM 1802 H HA   . ALA A 1 121 ? 4.689   9.182   -0.843  1.00 0.00 ? 121 ALA A HA   1 
ATOM 1803 H HB1  . ALA A 1 121 ? 6.080   6.729   0.235   1.00 0.00 ? 121 ALA A HB1  1 
ATOM 1804 H HB2  . ALA A 1 121 ? 6.855   8.274   -0.001  1.00 0.00 ? 121 ALA A HB2  1 
ATOM 1805 H HB3  . ALA A 1 121 ? 6.230   7.383   -1.395  1.00 0.00 ? 121 ALA A HB3  1 
ATOM 1806 N N    . ASP A 1 122 ? 2.867   7.762   -1.585  1.00 0.00 ? 122 ASP A N    1 
ATOM 1807 C CA   . ASP A 1 122 ? 1.753   6.997   -2.088  1.00 0.00 ? 122 ASP A CA   1 
ATOM 1808 C C    . ASP A 1 122 ? 2.194   6.230   -3.295  1.00 0.00 ? 122 ASP A C    1 
ATOM 1809 O O    . ASP A 1 122 ? 2.515   6.816   -4.336  1.00 0.00 ? 122 ASP A O    1 
ATOM 1810 C CB   . ASP A 1 122 ? 0.591   7.916   -2.514  1.00 0.00 ? 122 ASP A CB   1 
ATOM 1811 C CG   . ASP A 1 122 ? -0.205  8.528   -1.386  1.00 0.00 ? 122 ASP A CG   1 
ATOM 1812 O OD1  . ASP A 1 122 ? 0.348   9.274   -0.570  1.00 0.00 ? 122 ASP A OD1  1 
ATOM 1813 O OD2  . ASP A 1 122 ? -1.444  8.296   -1.354  1.00 0.00 ? 122 ASP A OD2  1 
ATOM 1814 H H    . ASP A 1 122 ? 3.087   8.582   -2.078  1.00 0.00 ? 122 ASP A H    1 
ATOM 1815 H HA   . ASP A 1 122 ? 1.405   6.325   -1.319  1.00 0.00 ? 122 ASP A HA   1 
ATOM 1816 H HB2  . ASP A 1 122 ? 0.992   8.726   -3.103  1.00 0.00 ? 122 ASP A HB2  1 
ATOM 1817 H HB3  . ASP A 1 122 ? -0.079  7.342   -3.136  1.00 0.00 ? 122 ASP A HB3  1 
ATOM 1818 N N    . LEU A 1 123 ? 2.229   4.953   -3.192  1.00 0.00 ? 123 LEU A N    1 
ATOM 1819 C CA   . LEU A 1 123 ? 2.570   4.156   -4.329  1.00 0.00 ? 123 LEU A CA   1 
ATOM 1820 C C    . LEU A 1 123 ? 1.278   3.459   -4.738  1.00 0.00 ? 123 LEU A C    1 
ATOM 1821 O O    . LEU A 1 123 ? 0.550   2.942   -3.873  1.00 0.00 ? 123 LEU A O    1 
ATOM 1822 C CB   . LEU A 1 123 ? 3.678   3.130   -3.953  1.00 0.00 ? 123 LEU A CB   1 
ATOM 1823 C CG   . LEU A 1 123 ? 4.506   2.469   -5.095  1.00 0.00 ? 123 LEU A CG   1 
ATOM 1824 C CD1  . LEU A 1 123 ? 5.507   1.469   -4.550  1.00 0.00 ? 123 LEU A CD1  1 
ATOM 1825 C CD2  . LEU A 1 123 ? 3.660   1.808   -6.129  1.00 0.00 ? 123 LEU A CD2  1 
ATOM 1826 H H    . LEU A 1 123 ? 2.005   4.527   -2.332  1.00 0.00 ? 123 LEU A H    1 
ATOM 1827 H HA   . LEU A 1 123 ? 2.906   4.807   -5.124  1.00 0.00 ? 123 LEU A HA   1 
ATOM 1828 H HB2  . LEU A 1 123 ? 4.376   3.631   -3.301  1.00 0.00 ? 123 LEU A HB2  1 
ATOM 1829 H HB3  . LEU A 1 123 ? 3.203   2.343   -3.389  1.00 0.00 ? 123 LEU A HB3  1 
ATOM 1830 H HG   . LEU A 1 123 ? 5.083   3.249   -5.572  1.00 0.00 ? 123 LEU A HG   1 
ATOM 1831 H HD11 . LEU A 1 123 ? 4.980   0.689   -4.020  1.00 0.00 ? 123 LEU A HD11 1 
ATOM 1832 H HD12 . LEU A 1 123 ? 6.211   1.957   -3.893  1.00 0.00 ? 123 LEU A HD12 1 
ATOM 1833 H HD13 . LEU A 1 123 ? 6.028   1.027   -5.388  1.00 0.00 ? 123 LEU A HD13 1 
ATOM 1834 H HD21 . LEU A 1 123 ? 2.999   2.537   -6.574  1.00 0.00 ? 123 LEU A HD21 1 
ATOM 1835 H HD22 . LEU A 1 123 ? 3.077   1.026   -5.667  1.00 0.00 ? 123 LEU A HD22 1 
ATOM 1836 H HD23 . LEU A 1 123 ? 4.296   1.387   -6.893  1.00 0.00 ? 123 LEU A HD23 1 
ATOM 1837 N N    . THR A 1 124 ? 0.956   3.489   -5.998  1.00 0.00 ? 124 THR A N    1 
ATOM 1838 C CA   . THR A 1 124 ? -0.207  2.805   -6.462  1.00 0.00 ? 124 THR A CA   1 
ATOM 1839 C C    . THR A 1 124 ? 0.207   1.709   -7.426  1.00 0.00 ? 124 THR A C    1 
ATOM 1840 O O    . THR A 1 124 ? 1.077   1.923   -8.259  1.00 0.00 ? 124 THR A O    1 
ATOM 1841 C CB   . THR A 1 124 ? -1.168  3.791   -7.157  1.00 0.00 ? 124 THR A CB   1 
ATOM 1842 O OG1  . THR A 1 124 ? -1.540  4.821   -6.230  1.00 0.00 ? 124 THR A OG1  1 
ATOM 1843 C CG2  . THR A 1 124 ? -2.415  3.093   -7.662  1.00 0.00 ? 124 THR A CG2  1 
ATOM 1844 H H    . THR A 1 124 ? 1.506   3.960   -6.662  1.00 0.00 ? 124 THR A H    1 
ATOM 1845 H HA   . THR A 1 124 ? -0.710  2.367   -5.613  1.00 0.00 ? 124 THR A HA   1 
ATOM 1846 H HB   . THR A 1 124 ? -0.646  4.240   -7.989  1.00 0.00 ? 124 THR A HB   1 
ATOM 1847 H HG1  . THR A 1 124 ? -1.265  5.663   -6.613  1.00 0.00 ? 124 THR A HG1  1 
ATOM 1848 H HG21 . THR A 1 124 ? -2.146  2.337   -8.386  1.00 0.00 ? 124 THR A HG21 1 
ATOM 1849 H HG22 . THR A 1 124 ? -3.080  3.809   -8.122  1.00 0.00 ? 124 THR A HG22 1 
ATOM 1850 H HG23 . THR A 1 124 ? -2.931  2.617   -6.840  1.00 0.00 ? 124 THR A HG23 1 
ATOM 1851 N N    . TYR A 1 125 ? -0.347  0.540   -7.243  1.00 0.00 ? 125 TYR A N    1 
ATOM 1852 C CA   . TYR A 1 125 ? -0.151  -0.573  -8.135  1.00 0.00 ? 125 TYR A CA   1 
ATOM 1853 C C    . TYR A 1 125 ? -1.473  -1.076  -8.611  1.00 0.00 ? 125 TYR A C    1 
ATOM 1854 O O    . TYR A 1 125 ? -2.353  -1.324  -7.804  1.00 0.00 ? 125 TYR A O    1 
ATOM 1855 C CB   . TYR A 1 125 ? 0.621   -1.698  -7.439  1.00 0.00 ? 125 TYR A CB   1 
ATOM 1856 C CG   . TYR A 1 125 ? 2.013   -1.840  -7.945  1.00 0.00 ? 125 TYR A CG   1 
ATOM 1857 C CD1  . TYR A 1 125 ? 2.854   -0.767  -7.968  1.00 0.00 ? 125 TYR A CD1  1 
ATOM 1858 C CD2  . TYR A 1 125 ? 2.471   -3.040  -8.435  1.00 0.00 ? 125 TYR A CD2  1 
ATOM 1859 C CE1  . TYR A 1 125 ? 4.120   -0.861  -8.476  1.00 0.00 ? 125 TYR A CE1  1 
ATOM 1860 C CE2  . TYR A 1 125 ? 3.747   -3.153  -8.933  1.00 0.00 ? 125 TYR A CE2  1 
ATOM 1861 C CZ   . TYR A 1 125 ? 4.561   -2.059  -8.959  1.00 0.00 ? 125 TYR A CZ   1 
ATOM 1862 O OH   . TYR A 1 125 ? 5.818   -2.153  -9.497  1.00 0.00 ? 125 TYR A OH   1 
ATOM 1863 H H    . TYR A 1 125 ? -0.918  0.387   -6.456  1.00 0.00 ? 125 TYR A H    1 
ATOM 1864 H HA   . TYR A 1 125 ? 0.424   -0.231  -8.982  1.00 0.00 ? 125 TYR A HA   1 
ATOM 1865 H HB2  . TYR A 1 125 ? 0.697   -1.472  -6.387  1.00 0.00 ? 125 TYR A HB2  1 
ATOM 1866 H HB3  . TYR A 1 125 ? 0.108   -2.639  -7.579  1.00 0.00 ? 125 TYR A HB3  1 
ATOM 1867 H HD1  . TYR A 1 125 ? 2.483   0.167   -7.570  1.00 0.00 ? 125 TYR A HD1  1 
ATOM 1868 H HD2  . TYR A 1 125 ? 1.816   -3.898  -8.404  1.00 0.00 ? 125 TYR A HD2  1 
ATOM 1869 H HE1  . TYR A 1 125 ? 4.770   0.001   -8.485  1.00 0.00 ? 125 TYR A HE1  1 
ATOM 1870 H HE2  . TYR A 1 125 ? 4.103   -4.097  -9.319  1.00 0.00 ? 125 TYR A HE2  1 
ATOM 1871 H HH   . TYR A 1 125 ? 6.393   -1.574  -8.973  1.00 0.00 ? 125 TYR A HH   1 
ATOM 1872 N N    . VAL A 1 126 ? -1.639  -1.222  -9.894  1.00 0.00 ? 126 VAL A N    1 
ATOM 1873 C CA   . VAL A 1 126 ? -2.859  -1.767  -10.405 1.00 0.00 ? 126 VAL A CA   1 
ATOM 1874 C C    . VAL A 1 126 ? -2.539  -3.141  -10.948 1.00 0.00 ? 126 VAL A C    1 
ATOM 1875 O O    . VAL A 1 126 ? -1.633  -3.303  -11.767 1.00 0.00 ? 126 VAL A O    1 
ATOM 1876 C CB   . VAL A 1 126 ? -3.472  -0.882  -11.526 1.00 0.00 ? 126 VAL A CB   1 
ATOM 1877 C CG1  . VAL A 1 126 ? -4.814  -1.441  -11.991 1.00 0.00 ? 126 VAL A CG1  1 
ATOM 1878 C CG2  . VAL A 1 126 ? -3.635  0.559   -11.052 1.00 0.00 ? 126 VAL A CG2  1 
ATOM 1879 H H    . VAL A 1 126 ? -0.961  -1.001  -10.570 1.00 0.00 ? 126 VAL A H    1 
ATOM 1880 H HA   . VAL A 1 126 ? -3.559  -1.861  -9.587  1.00 0.00 ? 126 VAL A HA   1 
ATOM 1881 H HB   . VAL A 1 126 ? -2.795  -0.890  -12.367 1.00 0.00 ? 126 VAL A HB   1 
ATOM 1882 H HG11 . VAL A 1 126 ? -5.486  -1.491  -11.147 1.00 0.00 ? 126 VAL A HG11 1 
ATOM 1883 H HG12 . VAL A 1 126 ? -4.672  -2.430  -12.400 1.00 0.00 ? 126 VAL A HG12 1 
ATOM 1884 H HG13 . VAL A 1 126 ? -5.237  -0.793  -12.746 1.00 0.00 ? 126 VAL A HG13 1 
ATOM 1885 H HG21 . VAL A 1 126 ? -4.056  1.155   -11.848 1.00 0.00 ? 126 VAL A HG21 1 
ATOM 1886 H HG22 . VAL A 1 126 ? -2.671  0.958   -10.774 1.00 0.00 ? 126 VAL A HG22 1 
ATOM 1887 H HG23 . VAL A 1 126 ? -4.294  0.585   -10.196 1.00 0.00 ? 126 VAL A HG23 1 
ATOM 1888 N N    . ILE A 1 127 ? -3.268  -4.120  -10.513 1.00 0.00 ? 127 ILE A N    1 
ATOM 1889 C CA   . ILE A 1 127 ? -2.996  -5.475  -10.911 1.00 0.00 ? 127 ILE A CA   1 
ATOM 1890 C C    . ILE A 1 127 ? -4.016  -5.896  -11.940 1.00 0.00 ? 127 ILE A C    1 
ATOM 1891 O O    . ILE A 1 127 ? -5.198  -5.553  -11.815 1.00 0.00 ? 127 ILE A O    1 
ATOM 1892 C CB   . ILE A 1 127 ? -3.028  -6.434  -9.693  1.00 0.00 ? 127 ILE A CB   1 
ATOM 1893 C CG1  . ILE A 1 127 ? -2.087  -5.931  -8.570  1.00 0.00 ? 127 ILE A CG1  1 
ATOM 1894 C CG2  . ILE A 1 127 ? -2.649  -7.854  -10.115 1.00 0.00 ? 127 ILE A CG2  1 
ATOM 1895 C CD1  . ILE A 1 127 ? -0.634  -5.722  -8.989  1.00 0.00 ? 127 ILE A CD1  1 
ATOM 1896 H H    . ILE A 1 127 ? -4.005  -3.928  -9.891  1.00 0.00 ? 127 ILE A H    1 
ATOM 1897 H HA   . ILE A 1 127 ? -2.014  -5.505  -11.358 1.00 0.00 ? 127 ILE A HA   1 
ATOM 1898 H HB   . ILE A 1 127 ? -4.039  -6.458  -9.314  1.00 0.00 ? 127 ILE A HB   1 
ATOM 1899 H HG12 . ILE A 1 127 ? -2.454  -4.980  -8.211  1.00 0.00 ? 127 ILE A HG12 1 
ATOM 1900 H HG13 . ILE A 1 127 ? -2.104  -6.637  -7.754  1.00 0.00 ? 127 ILE A HG13 1 
ATOM 1901 H HG21 . ILE A 1 127 ? -2.622  -8.493  -9.245  1.00 0.00 ? 127 ILE A HG21 1 
ATOM 1902 H HG22 . ILE A 1 127 ? -1.675  -7.842  -10.580 1.00 0.00 ? 127 ILE A HG22 1 
ATOM 1903 H HG23 . ILE A 1 127 ? -3.380  -8.229  -10.816 1.00 0.00 ? 127 ILE A HG23 1 
ATOM 1904 H HD11 . ILE A 1 127 ? -0.584  -4.971  -9.763  1.00 0.00 ? 127 ILE A HD11 1 
ATOM 1905 H HD12 . ILE A 1 127 ? -0.230  -6.651  -9.360  1.00 0.00 ? 127 ILE A HD12 1 
ATOM 1906 H HD13 . ILE A 1 127 ? -0.057  -5.399  -8.135  1.00 0.00 ? 127 ILE A HD13 1 
ATOM 1907 N N    . THR A 1 128 ? -3.547  -6.606  -12.980 1.00 0.00 ? 128 THR A N    1 
ATOM 1908 C CA   . THR A 1 128 ? -4.379  -7.016  -14.103 1.00 0.00 ? 128 THR A CA   1 
ATOM 1909 C C    . THR A 1 128 ? -4.745  -5.750  -14.928 1.00 0.00 ? 128 THR A C    1 
ATOM 1910 O O    . THR A 1 128 ? -5.738  -5.678  -15.667 1.00 0.00 ? 128 THR A O    1 
ATOM 1911 C CB   . THR A 1 128 ? -5.608  -7.844  -13.583 1.00 0.00 ? 128 THR A CB   1 
ATOM 1912 O OG1  . THR A 1 128 ? -5.081  -8.954  -12.814 1.00 0.00 ? 128 THR A OG1  1 
ATOM 1913 C CG2  . THR A 1 128 ? -6.459  -8.408  -14.722 1.00 0.00 ? 128 THR A CG2  1 
ATOM 1914 H H    . THR A 1 128 ? -2.610  -6.889  -12.973 1.00 0.00 ? 128 THR A H    1 
ATOM 1915 H HA   . THR A 1 128 ? -3.755  -7.636  -14.732 1.00 0.00 ? 128 THR A HA   1 
ATOM 1916 H HB   . THR A 1 128 ? -6.202  -7.214  -12.936 1.00 0.00 ? 128 THR A HB   1 
ATOM 1917 H HG1  . THR A 1 128 ? -5.620  -9.122  -12.027 1.00 0.00 ? 128 THR A HG1  1 
ATOM 1918 H HG21 . THR A 1 128 ? -7.271  -8.991  -14.312 1.00 0.00 ? 128 THR A HG21 1 
ATOM 1919 H HG22 . THR A 1 128 ? -5.849  -9.028  -15.362 1.00 0.00 ? 128 THR A HG22 1 
ATOM 1920 H HG23 . THR A 1 128 ? -6.863  -7.590  -15.301 1.00 0.00 ? 128 THR A HG23 1 
ATOM 1921 N N    . TYR A 1 129 ? -3.838  -4.770  -14.811 1.00 0.00 ? 129 TYR A N    1 
ATOM 1922 C CA   . TYR A 1 129 ? -3.879  -3.511  -15.536 1.00 0.00 ? 129 TYR A CA   1 
ATOM 1923 C C    . TYR A 1 129 ? -3.845  -3.797  -17.039 1.00 0.00 ? 129 TYR A C    1 
ATOM 1924 O O    . TYR A 1 129 ? -4.617  -3.232  -17.808 1.00 0.00 ? 129 TYR A O    1 
ATOM 1925 C CB   . TYR A 1 129 ? -2.660  -2.680  -15.096 1.00 0.00 ? 129 TYR A CB   1 
ATOM 1926 C CG   . TYR A 1 129 ? -2.534  -1.301  -15.700 1.00 0.00 ? 129 TYR A CG   1 
ATOM 1927 C CD1  . TYR A 1 129 ? -3.273  -0.236  -15.210 1.00 0.00 ? 129 TYR A CD1  1 
ATOM 1928 C CD2  . TYR A 1 129 ? -1.641  -1.057  -16.733 1.00 0.00 ? 129 TYR A CD2  1 
ATOM 1929 C CE1  . TYR A 1 129 ? -3.133  1.029   -15.735 1.00 0.00 ? 129 TYR A CE1  1 
ATOM 1930 C CE2  . TYR A 1 129 ? -1.497  0.204   -17.266 1.00 0.00 ? 129 TYR A CE2  1 
ATOM 1931 C CZ   . TYR A 1 129 ? -2.246  1.244   -16.763 1.00 0.00 ? 129 TYR A CZ   1 
ATOM 1932 O OH   . TYR A 1 129 ? -2.102  2.508   -17.285 1.00 0.00 ? 129 TYR A OH   1 
ATOM 1933 H H    . TYR A 1 129 ? -3.106  -4.913  -14.177 1.00 0.00 ? 129 TYR A H    1 
ATOM 1934 H HA   . TYR A 1 129 ? -4.785  -2.982  -15.279 1.00 0.00 ? 129 TYR A HA   1 
ATOM 1935 H HB2  . TYR A 1 129 ? -2.697  -2.554  -14.024 1.00 0.00 ? 129 TYR A HB2  1 
ATOM 1936 H HB3  . TYR A 1 129 ? -1.766  -3.235  -15.340 1.00 0.00 ? 129 TYR A HB3  1 
ATOM 1937 H HD1  . TYR A 1 129 ? -3.974  -0.410  -14.407 1.00 0.00 ? 129 TYR A HD1  1 
ATOM 1938 H HD2  . TYR A 1 129 ? -1.057  -1.877  -17.124 1.00 0.00 ? 129 TYR A HD2  1 
ATOM 1939 H HE1  . TYR A 1 129 ? -3.717  1.846   -15.339 1.00 0.00 ? 129 TYR A HE1  1 
ATOM 1940 H HE2  . TYR A 1 129 ? -0.799  0.372   -18.072 1.00 0.00 ? 129 TYR A HE2  1 
ATOM 1941 H HH   . TYR A 1 129 ? -2.052  2.428   -18.247 1.00 0.00 ? 129 TYR A HH   1 
ATOM 1942 N N    . GLU A 1 130 ? -2.971  -4.710  -17.415 1.00 0.00 ? 130 GLU A N    1 
ATOM 1943 C CA   . GLU A 1 130 ? -2.834  -5.228  -18.777 1.00 0.00 ? 130 GLU A CA   1 
ATOM 1944 C C    . GLU A 1 130 ? -2.341  -6.647  -18.670 1.00 0.00 ? 130 GLU A C    1 
ATOM 1945 O O    . GLU A 1 130 ? -1.899  -7.042  -17.568 1.00 0.00 ? 130 GLU A O    1 
ATOM 1946 C CB   . GLU A 1 130 ? -1.848  -4.419  -19.634 1.00 0.00 ? 130 GLU A CB   1 
ATOM 1947 C CG   . GLU A 1 130 ? -2.276  -3.002  -19.954 1.00 0.00 ? 130 GLU A CG   1 
ATOM 1948 C CD   . GLU A 1 130 ? -1.299  -2.308  -20.853 1.00 0.00 ? 130 GLU A CD   1 
ATOM 1949 O OE1  . GLU A 1 130 ? -0.345  -1.690  -20.349 1.00 0.00 ? 130 GLU A OE1  1 
ATOM 1950 O OE2  . GLU A 1 130 ? -1.446  -2.389  -22.088 1.00 0.00 ? 130 GLU A OE2  1 
ATOM 1951 H H    . GLU A 1 130 ? -2.373  -5.117  -16.754 1.00 0.00 ? 130 GLU A H    1 
ATOM 1952 H HA   . GLU A 1 130 ? -3.814  -5.228  -19.230 1.00 0.00 ? 130 GLU A HA   1 
ATOM 1953 H HB2  . GLU A 1 130 ? -0.907  -4.368  -19.107 1.00 0.00 ? 130 GLU A HB2  1 
ATOM 1954 H HB3  . GLU A 1 130 ? -1.693  -4.947  -20.563 1.00 0.00 ? 130 GLU A HB3  1 
ATOM 1955 H HG2  . GLU A 1 130 ? -3.239  -3.029  -20.441 1.00 0.00 ? 130 GLU A HG2  1 
ATOM 1956 H HG3  . GLU A 1 130 ? -2.356  -2.449  -19.030 1.00 0.00 ? 130 GLU A HG3  1 
# 
